data_5NZN
#
_entry.id   5NZN
#
_cell.length_a   85.778
_cell.length_b   127.538
_cell.length_c   96.773
_cell.angle_alpha   90.00
_cell.angle_beta   93.24
_cell.angle_gamma   90.00
#
_symmetry.space_group_name_H-M   'P 1 21 1'
#
loop_
_entity.id
_entity.type
_entity.pdbx_description
1 polymer Neuraminidase
2 branched beta-D-mannopyranose-(1-4)-2-acetamido-2-deoxy-beta-D-glucopyranose-(1-4)-[alpha-L-fucopyranose-(1-6)]2-acetamido-2-deoxy-beta-D-glucopyranose
3 branched 2-acetamido-2-deoxy-beta-D-glucopyranose-(1-4)-2-acetamido-2-deoxy-beta-D-glucopyranose
4 non-polymer 'CALCIUM ION'
5 non-polymer '(3R,4R,5S)-4-(acetylamino)-5-amino-3-(pentan-3-yloxy)cyclohex-1-ene-1-carboxylic acid'
6 non-polymer 2-acetamido-2-deoxy-beta-D-glucopyranose
7 non-polymer 1,2-ETHANEDIOL
8 water water
#
_entity_poly.entity_id   1
_entity_poly.type   'polypeptide(L)'
_entity_poly.pdbx_seq_one_letter_code
;SVKLAGNSSLCPVSGWAIYSKDNSVRIGSKGDVFVIREPFISCSPLECRTFFLTQGALLNDKHSNGTIKDRSPYRTLMSC
PIGEVPSPYNSRFESVAWSASACHDGINWLTIGISGPDNGAVAVLKYNGIITDTIKSWRNNILRTQESECACVNGSCFTV
MTDGPNNGQASYKIFRIEKGKIVKSVEMNAPNYYYEECSCYPDSSEITCVCRDNWHGSNRPWVSFNQNLEYQIGYICSGI
FGDNPRPNDKTGSCGPVSSNGANGVKGFSFKYGNGVWIGRTKSISSRNGFEMIWDPNGWTGTDNNFSIKQDIVGINEWSG
YSGSFVQHPELTGLDCIRPCFWVELIRGRPKENTIWTSGSSISFCGVNSDTVGWSWPDGAELPFTIDK
;
_entity_poly.pdbx_strand_id   A,B,C,D
#
loop_
_chem_comp.id
_chem_comp.type
_chem_comp.name
_chem_comp.formula
BMA D-saccharide, beta linking beta-D-mannopyranose 'C6 H12 O6'
CA non-polymer 'CALCIUM ION' 'Ca 2'
EDO non-polymer 1,2-ETHANEDIOL 'C2 H6 O2'
FUC L-saccharide, alpha linking alpha-L-fucopyranose 'C6 H12 O5'
G39 non-polymer '(3R,4R,5S)-4-(acetylamino)-5-amino-3-(pentan-3-yloxy)cyclohex-1-ene-1-carboxylic acid' 'C14 H24 N2 O4'
NAG D-saccharide, beta linking 2-acetamido-2-deoxy-beta-D-glucopyranose 'C8 H15 N O6'
#
# COMPACT_ATOMS: atom_id res chain seq x y z
N SER A 1 -7.95 -17.18 -18.45
CA SER A 1 -7.10 -17.96 -17.50
C SER A 1 -6.92 -19.41 -17.95
N VAL A 2 -5.69 -19.85 -18.17
CA VAL A 2 -5.44 -21.21 -18.70
C VAL A 2 -4.28 -21.87 -17.96
N LYS A 3 -4.43 -23.19 -17.74
CA LYS A 3 -3.41 -24.05 -17.15
C LYS A 3 -2.09 -23.89 -17.85
N LEU A 4 -1.01 -23.81 -17.09
CA LEU A 4 0.31 -23.85 -17.69
C LEU A 4 0.53 -25.27 -18.29
N ALA A 5 1.06 -25.31 -19.52
CA ALA A 5 1.23 -26.56 -20.29
C ALA A 5 2.34 -27.38 -19.69
N GLY A 6 3.50 -26.75 -19.50
CA GLY A 6 4.64 -27.41 -18.89
C GLY A 6 5.26 -28.51 -19.76
N ASN A 7 5.02 -28.42 -21.05
CA ASN A 7 5.42 -29.46 -21.95
C ASN A 7 6.63 -29.13 -22.84
N SER A 8 7.13 -27.88 -22.86
CA SER A 8 8.33 -27.52 -23.61
C SER A 8 9.60 -27.88 -22.80
N SER A 9 10.75 -27.80 -23.44
CA SER A 9 12.01 -28.10 -22.77
C SER A 9 12.49 -26.87 -22.05
N LEU A 10 13.39 -27.07 -21.09
CA LEU A 10 14.14 -25.94 -20.50
C LEU A 10 14.90 -25.19 -21.56
N CYS A 11 14.89 -23.86 -21.51
CA CYS A 11 15.69 -23.05 -22.39
C CYS A 11 17.18 -23.29 -22.07
N PRO A 12 17.98 -23.60 -23.09
CA PRO A 12 19.45 -23.66 -22.93
C PRO A 12 20.01 -22.28 -22.70
N VAL A 13 20.92 -22.15 -21.76
CA VAL A 13 21.39 -20.80 -21.41
C VAL A 13 22.91 -20.75 -21.34
N SER A 14 23.48 -19.62 -21.77
CA SER A 14 24.93 -19.41 -21.69
C SER A 14 25.43 -18.68 -20.44
N GLY A 15 24.49 -18.04 -19.71
CA GLY A 15 24.83 -17.35 -18.52
C GLY A 15 23.61 -16.70 -17.88
N TRP A 16 23.85 -15.96 -16.82
CA TRP A 16 22.80 -15.54 -15.91
C TRP A 16 22.74 -14.01 -15.81
N ALA A 17 21.57 -13.44 -16.09
CA ALA A 17 21.39 -11.95 -15.98
C ALA A 17 20.68 -11.62 -14.70
N ILE A 18 21.17 -10.61 -13.95
CA ILE A 18 20.53 -10.29 -12.67
C ILE A 18 19.12 -9.74 -12.86
N TYR A 19 18.24 -10.29 -12.03
CA TYR A 19 16.79 -10.09 -12.19
C TYR A 19 16.26 -9.19 -11.01
N SER A 20 16.67 -9.49 -9.77
CA SER A 20 16.16 -8.78 -8.61
C SER A 20 17.18 -8.71 -7.47
N LYS A 21 17.08 -7.68 -6.64
CA LYS A 21 17.81 -7.65 -5.32
C LYS A 21 16.94 -6.87 -4.48
N ASP A 22 16.72 -7.29 -3.24
CA ASP A 22 15.77 -6.51 -2.38
C ASP A 22 16.34 -5.60 -1.25
N ASN A 23 17.59 -5.82 -0.94
CA ASN A 23 18.33 -5.08 0.08
C ASN A 23 17.58 -5.09 1.37
N SER A 24 16.91 -6.19 1.72
CA SER A 24 15.98 -6.22 2.89
C SER A 24 16.66 -5.82 4.24
N VAL A 25 17.84 -6.41 4.48
CA VAL A 25 18.48 -6.22 5.73
C VAL A 25 18.92 -4.72 5.87
N ARG A 26 19.48 -4.18 4.79
CA ARG A 26 19.91 -2.80 4.74
C ARG A 26 18.71 -1.86 5.05
N ILE A 27 17.59 -2.15 4.42
CA ILE A 27 16.43 -1.31 4.51
C ILE A 27 15.78 -1.49 5.89
N GLY A 28 15.83 -2.71 6.46
CA GLY A 28 15.21 -2.98 7.79
C GLY A 28 16.02 -2.39 8.96
N SER A 29 17.20 -1.84 8.71
CA SER A 29 17.89 -1.05 9.75
C SER A 29 17.01 0.13 10.24
N LYS A 30 16.18 0.68 9.37
CA LYS A 30 15.29 1.73 9.77
C LYS A 30 13.84 1.35 9.55
N GLY A 31 13.51 0.88 8.35
CA GLY A 31 12.13 0.55 8.08
C GLY A 31 11.57 -0.73 8.65
N ASP A 32 10.27 -0.95 8.42
CA ASP A 32 9.57 -2.02 9.01
C ASP A 32 9.62 -3.22 8.04
N VAL A 33 10.58 -4.10 8.25
CA VAL A 33 10.84 -5.22 7.36
C VAL A 33 10.78 -6.44 8.26
N PHE A 34 10.16 -7.52 7.77
CA PHE A 34 10.11 -8.78 8.53
C PHE A 34 11.48 -9.38 8.73
N VAL A 35 11.73 -9.93 9.95
CA VAL A 35 12.75 -10.94 10.04
C VAL A 35 12.27 -12.15 9.23
N ILE A 36 13.11 -12.63 8.30
CA ILE A 36 12.71 -13.78 7.48
C ILE A 36 13.86 -14.74 7.25
N ARG A 37 13.54 -16.00 7.03
CA ARG A 37 14.45 -16.89 6.30
C ARG A 37 13.69 -17.78 5.32
N GLU A 38 14.40 -18.59 4.57
CA GLU A 38 13.82 -19.51 3.59
C GLU A 38 12.97 -18.74 2.55
N PRO A 39 13.55 -17.69 1.93
CA PRO A 39 12.83 -17.06 0.86
C PRO A 39 12.78 -17.93 -0.40
N PHE A 40 11.86 -17.63 -1.33
CA PHE A 40 11.91 -18.21 -2.64
C PHE A 40 11.01 -17.44 -3.64
N ILE A 41 11.30 -17.69 -4.90
CA ILE A 41 10.57 -16.94 -5.93
C ILE A 41 9.70 -17.93 -6.68
N SER A 42 8.51 -17.47 -7.06
CA SER A 42 7.63 -18.26 -7.94
C SER A 42 6.75 -17.31 -8.69
N CYS A 43 6.36 -17.70 -9.92
CA CYS A 43 5.69 -16.82 -10.85
C CYS A 43 4.32 -17.39 -11.25
N SER A 44 3.38 -16.49 -11.52
CA SER A 44 2.11 -16.86 -12.17
C SER A 44 2.28 -16.51 -13.67
N PRO A 45 1.25 -16.77 -14.54
CA PRO A 45 1.38 -16.28 -15.92
C PRO A 45 1.42 -14.76 -16.07
N LEU A 46 1.30 -14.01 -14.96
CA LEU A 46 1.29 -12.51 -14.93
C LEU A 46 2.34 -11.80 -14.05
N GLU A 47 2.86 -12.42 -13.00
CA GLU A 47 3.87 -11.73 -12.17
C GLU A 47 4.71 -12.76 -11.42
N CYS A 48 5.86 -12.30 -10.92
CA CYS A 48 6.68 -13.07 -10.02
C CYS A 48 6.66 -12.50 -8.64
N ARG A 49 6.74 -13.37 -7.62
CA ARG A 49 6.57 -13.05 -6.26
C ARG A 49 7.61 -13.69 -5.39
N THR A 50 7.98 -13.00 -4.30
CA THR A 50 8.87 -13.58 -3.35
C THR A 50 8.02 -14.10 -2.22
N PHE A 51 8.23 -15.37 -1.87
CA PHE A 51 7.65 -16.10 -0.78
C PHE A 51 8.73 -16.23 0.30
N PHE A 52 8.30 -16.23 1.54
CA PHE A 52 9.24 -16.28 2.65
C PHE A 52 8.60 -16.65 3.98
N LEU A 53 9.42 -17.24 4.86
CA LEU A 53 8.96 -17.54 6.23
C LEU A 53 9.32 -16.47 7.22
N THR A 54 8.29 -15.77 7.68
CA THR A 54 8.55 -14.77 8.66
C THR A 54 8.84 -15.39 10.08
N GLN A 55 9.41 -14.58 10.96
CA GLN A 55 9.51 -14.91 12.37
C GLN A 55 8.49 -14.20 13.19
N GLY A 56 7.49 -13.62 12.55
CA GLY A 56 6.50 -12.87 13.28
C GLY A 56 7.07 -11.69 14.04
N ALA A 57 8.10 -11.09 13.46
CA ALA A 57 8.86 -10.03 14.11
C ALA A 57 9.49 -9.18 13.05
N LEU A 58 9.79 -7.94 13.40
CA LEU A 58 10.54 -7.07 12.51
C LEU A 58 12.03 -6.85 12.89
N LEU A 59 12.83 -6.59 11.89
CA LEU A 59 14.24 -6.27 12.13
C LEU A 59 14.44 -5.06 13.02
N ASN A 60 15.45 -5.19 13.87
CA ASN A 60 15.85 -4.11 14.77
C ASN A 60 14.81 -3.88 15.92
N ASP A 61 13.92 -4.84 16.16
CA ASP A 61 13.02 -4.85 17.30
C ASP A 61 13.42 -6.06 18.19
N LYS A 62 13.09 -5.97 19.45
CA LYS A 62 13.42 -7.03 20.41
C LYS A 62 12.81 -8.43 20.12
N HIS A 63 11.64 -8.51 19.49
CA HIS A 63 11.08 -9.82 19.15
C HIS A 63 11.85 -10.59 18.06
N SER A 64 12.85 -9.95 17.44
CA SER A 64 13.83 -10.59 16.58
C SER A 64 14.79 -11.45 17.36
N ASN A 65 14.79 -11.34 18.68
CA ASN A 65 15.70 -12.13 19.52
C ASN A 65 15.38 -13.62 19.38
N GLY A 66 16.42 -14.44 19.17
CA GLY A 66 16.27 -15.88 19.22
C GLY A 66 15.86 -16.47 17.90
N THR A 67 15.86 -15.64 16.86
CA THR A 67 15.38 -16.06 15.54
C THR A 67 16.28 -16.99 14.77
N ILE A 68 17.39 -17.41 15.36
CA ILE A 68 18.13 -18.58 14.89
C ILE A 68 17.25 -19.84 14.93
N LYS A 69 16.29 -19.85 15.85
CA LYS A 69 15.37 -20.96 16.00
C LYS A 69 14.53 -21.15 14.74
N ASP A 70 14.48 -22.40 14.27
CA ASP A 70 13.75 -22.70 13.03
C ASP A 70 12.24 -22.75 13.12
N ARG A 71 11.72 -23.31 14.19
CA ARG A 71 10.30 -23.68 14.21
C ARG A 71 9.65 -23.11 15.46
N SER A 72 8.57 -22.41 15.24
CA SER A 72 7.80 -21.78 16.26
C SER A 72 6.37 -21.61 15.75
N PRO A 73 5.42 -21.37 16.68
CA PRO A 73 4.06 -21.04 16.23
C PRO A 73 3.91 -19.63 15.57
N TYR A 74 4.96 -18.79 15.65
CA TYR A 74 4.86 -17.44 15.16
C TYR A 74 5.19 -17.32 13.69
N ARG A 75 5.84 -18.31 13.11
CA ARG A 75 6.33 -18.23 11.74
C ARG A 75 5.17 -18.37 10.75
N THR A 76 5.18 -17.53 9.72
CA THR A 76 4.10 -17.47 8.73
C THR A 76 4.75 -17.35 7.38
N LEU A 77 4.14 -18.07 6.41
CA LEU A 77 4.45 -17.93 4.98
C LEU A 77 3.72 -16.73 4.46
N MET A 78 4.47 -15.81 3.85
CA MET A 78 3.91 -14.58 3.31
C MET A 78 4.58 -14.32 1.98
N SER A 79 4.02 -13.44 1.19
CA SER A 79 4.59 -13.15 -0.12
C SER A 79 4.47 -11.68 -0.47
N CYS A 80 5.47 -11.16 -1.17
CA CYS A 80 5.44 -9.84 -1.74
C CYS A 80 5.97 -9.82 -3.20
N PRO A 81 5.78 -8.72 -3.95
CA PRO A 81 6.30 -8.68 -5.32
C PRO A 81 7.81 -8.78 -5.33
N ILE A 82 8.35 -9.35 -6.36
CA ILE A 82 9.75 -9.59 -6.41
C ILE A 82 10.62 -8.33 -6.29
N GLY A 83 11.76 -8.39 -5.55
CA GLY A 83 12.60 -7.21 -5.41
C GLY A 83 12.17 -6.21 -4.34
N GLU A 84 10.97 -6.37 -3.79
CA GLU A 84 10.50 -5.46 -2.72
C GLU A 84 10.89 -6.05 -1.38
N VAL A 85 11.22 -5.21 -0.43
CA VAL A 85 11.46 -5.72 0.93
C VAL A 85 10.20 -6.36 1.48
N PRO A 86 10.34 -7.45 2.26
CA PRO A 86 9.14 -8.04 2.87
C PRO A 86 8.69 -7.25 4.12
N SER A 87 7.59 -6.53 4.00
CA SER A 87 7.16 -5.67 5.02
C SER A 87 5.74 -6.00 5.39
N PRO A 88 5.31 -5.73 6.66
CA PRO A 88 3.89 -5.89 6.96
C PRO A 88 3.00 -5.05 6.01
N TYR A 89 3.53 -4.02 5.36
CA TYR A 89 2.69 -3.04 4.53
C TYR A 89 2.59 -3.41 3.05
N ASN A 90 3.36 -4.36 2.58
CA ASN A 90 3.30 -4.80 1.22
C ASN A 90 3.13 -6.33 1.03
N SER A 91 3.15 -7.08 2.16
CA SER A 91 3.12 -8.53 2.14
C SER A 91 1.72 -9.15 2.32
N ARG A 92 1.41 -10.13 1.47
CA ARG A 92 0.17 -10.88 1.51
C ARG A 92 0.37 -12.07 2.36
N PHE A 93 -0.62 -12.35 3.19
CA PHE A 93 -0.56 -13.47 4.10
C PHE A 93 -0.89 -14.73 3.33
N GLU A 94 -0.11 -15.79 3.54
CA GLU A 94 -0.40 -17.09 2.88
C GLU A 94 -0.79 -18.21 3.84
N SER A 95 -0.04 -18.44 4.92
CA SER A 95 -0.28 -19.68 5.71
C SER A 95 0.54 -19.59 6.93
N VAL A 96 0.10 -20.27 7.99
CA VAL A 96 0.96 -20.38 9.15
C VAL A 96 1.95 -21.50 8.84
N ALA A 97 3.26 -21.22 8.98
CA ALA A 97 4.29 -22.10 8.41
C ALA A 97 5.67 -21.87 8.93
N TRP A 98 6.31 -23.01 9.28
CA TRP A 98 7.76 -23.00 9.51
C TRP A 98 8.50 -23.86 8.46
N SER A 99 7.77 -24.40 7.46
CA SER A 99 8.33 -25.01 6.26
C SER A 99 7.24 -24.87 5.15
N ALA A 100 7.65 -24.62 3.92
CA ALA A 100 6.72 -24.21 2.90
C ALA A 100 7.08 -24.52 1.48
N SER A 101 6.03 -24.47 0.65
CA SER A 101 6.18 -24.42 -0.80
C SER A 101 5.00 -23.67 -1.41
N ALA A 102 5.16 -23.24 -2.65
CA ALA A 102 4.05 -22.58 -3.40
C ALA A 102 4.37 -22.67 -4.87
N CYS A 103 3.31 -22.61 -5.70
CA CYS A 103 3.45 -22.59 -7.11
C CYS A 103 2.06 -22.35 -7.76
N HIS A 104 2.08 -21.78 -8.96
CA HIS A 104 0.86 -21.33 -9.61
C HIS A 104 0.66 -22.26 -10.79
N ASP A 105 -0.54 -22.81 -10.92
CA ASP A 105 -0.81 -23.86 -11.96
C ASP A 105 -1.26 -23.20 -13.28
N GLY A 106 -1.33 -21.88 -13.34
CA GLY A 106 -1.90 -21.11 -14.44
C GLY A 106 -3.27 -20.48 -14.11
N ILE A 107 -3.97 -21.07 -13.16
CA ILE A 107 -5.25 -20.61 -12.73
C ILE A 107 -5.16 -19.99 -11.34
N ASN A 108 -4.65 -20.71 -10.33
CA ASN A 108 -4.49 -20.11 -8.96
C ASN A 108 -3.21 -20.55 -8.28
N TRP A 109 -2.89 -19.84 -7.18
CA TRP A 109 -1.76 -20.17 -6.35
C TRP A 109 -2.12 -21.39 -5.52
N LEU A 110 -1.23 -22.36 -5.50
CA LEU A 110 -1.16 -23.37 -4.47
C LEU A 110 -0.10 -22.97 -3.42
N THR A 111 -0.44 -23.08 -2.17
CA THR A 111 0.49 -22.85 -1.06
C THR A 111 0.43 -24.02 -0.17
N ILE A 112 1.59 -24.37 0.41
CA ILE A 112 1.74 -25.46 1.32
C ILE A 112 2.51 -24.95 2.53
N GLY A 113 1.87 -24.98 3.69
CA GLY A 113 2.45 -24.46 4.93
C GLY A 113 2.40 -25.51 6.03
N ILE A 114 3.56 -25.86 6.57
CA ILE A 114 3.64 -26.85 7.69
C ILE A 114 3.78 -26.14 9.01
N SER A 115 2.87 -26.41 9.94
CA SER A 115 3.01 -25.93 11.32
C SER A 115 2.64 -27.06 12.24
N GLY A 116 2.60 -26.78 13.53
CA GLY A 116 2.35 -27.80 14.53
C GLY A 116 3.62 -28.27 15.18
N PRO A 117 3.51 -29.29 16.09
CA PRO A 117 4.70 -29.73 16.83
C PRO A 117 5.62 -30.61 16.01
N ASP A 118 6.84 -30.79 16.48
CA ASP A 118 7.84 -31.54 15.73
C ASP A 118 7.42 -33.02 15.55
N ASN A 119 6.70 -33.55 16.53
CA ASN A 119 6.27 -34.96 16.50
C ASN A 119 4.96 -35.22 15.78
N GLY A 120 4.33 -34.20 15.20
CA GLY A 120 3.08 -34.46 14.43
C GLY A 120 2.64 -33.27 13.59
N ALA A 121 3.58 -32.65 12.89
CA ALA A 121 3.31 -31.44 12.08
C ALA A 121 2.31 -31.73 11.00
N VAL A 122 1.63 -30.68 10.53
CA VAL A 122 0.59 -30.80 9.49
C VAL A 122 0.86 -29.75 8.45
N ALA A 123 0.86 -30.19 7.20
CA ALA A 123 0.89 -29.36 6.07
C ALA A 123 -0.54 -28.99 5.72
N VAL A 124 -0.77 -27.67 5.63
CA VAL A 124 -2.04 -27.13 5.21
C VAL A 124 -1.88 -26.67 3.76
N LEU A 125 -2.67 -27.26 2.86
CA LEU A 125 -2.66 -26.85 1.47
C LEU A 125 -3.85 -25.87 1.20
N LYS A 126 -3.54 -24.82 0.47
CA LYS A 126 -4.46 -23.79 0.03
C LYS A 126 -4.42 -23.61 -1.49
N TYR A 127 -5.59 -23.43 -2.10
CA TYR A 127 -5.68 -23.08 -3.49
C TYR A 127 -6.47 -21.80 -3.57
N ASN A 128 -5.91 -20.76 -4.17
CA ASN A 128 -6.50 -19.42 -4.06
C ASN A 128 -6.83 -18.98 -2.63
N GLY A 129 -5.99 -19.38 -1.67
CA GLY A 129 -6.16 -18.97 -0.27
C GLY A 129 -7.16 -19.74 0.57
N ILE A 130 -7.83 -20.72 -0.03
CA ILE A 130 -8.87 -21.50 0.62
C ILE A 130 -8.21 -22.83 1.00
N ILE A 131 -8.37 -23.30 2.23
CA ILE A 131 -7.86 -24.66 2.61
C ILE A 131 -8.53 -25.76 1.82
N THR A 132 -7.73 -26.54 1.12
CA THR A 132 -8.21 -27.58 0.19
C THR A 132 -7.75 -29.00 0.60
N ASP A 133 -6.71 -29.10 1.41
CA ASP A 133 -6.27 -30.41 1.89
C ASP A 133 -5.31 -30.23 3.05
N THR A 134 -5.10 -31.29 3.81
CA THR A 134 -4.01 -31.33 4.78
C THR A 134 -3.29 -32.64 4.62
N ILE A 135 -2.06 -32.69 5.06
CA ILE A 135 -1.41 -33.98 5.24
C ILE A 135 -0.52 -33.96 6.49
N LYS A 136 -0.66 -34.97 7.31
CA LYS A 136 0.07 -35.02 8.59
C LYS A 136 1.34 -35.83 8.55
N SER A 137 2.28 -35.48 9.45
CA SER A 137 3.52 -36.21 9.61
C SER A 137 3.15 -37.71 9.68
N TRP A 138 3.91 -38.53 8.96
CA TRP A 138 3.80 -40.01 8.96
C TRP A 138 4.99 -40.72 9.67
N ARG A 139 6.05 -39.98 10.07
CA ARG A 139 7.14 -40.53 10.85
C ARG A 139 7.36 -39.74 12.16
N ASN A 140 6.58 -38.68 12.38
CA ASN A 140 6.56 -37.95 13.62
C ASN A 140 7.90 -37.30 13.94
N ASN A 141 8.61 -36.86 12.91
CA ASN A 141 9.91 -36.30 13.09
C ASN A 141 10.16 -35.19 12.07
N ILE A 142 9.51 -34.05 12.35
CA ILE A 142 9.66 -32.78 11.59
C ILE A 142 9.32 -32.95 10.10
N LEU A 143 8.05 -33.13 9.81
CA LEU A 143 7.61 -33.08 8.42
C LEU A 143 8.11 -31.76 7.81
N ARG A 144 8.74 -31.86 6.66
CA ARG A 144 9.39 -30.69 6.06
C ARG A 144 9.31 -30.78 4.57
N THR A 145 9.29 -29.62 3.92
CA THR A 145 9.15 -29.59 2.46
C THR A 145 10.22 -28.66 1.77
N GLN A 146 9.98 -28.30 0.54
CA GLN A 146 10.99 -27.76 -0.34
C GLN A 146 11.67 -26.47 0.04
N GLU A 147 10.92 -25.52 0.58
CA GLU A 147 11.40 -24.17 0.80
C GLU A 147 11.74 -23.52 -0.53
N SER A 148 11.00 -23.93 -1.58
CA SER A 148 11.07 -23.34 -2.84
C SER A 148 9.82 -23.81 -3.65
N GLU A 149 9.73 -23.35 -4.88
CA GLU A 149 8.51 -23.52 -5.66
C GLU A 149 8.29 -24.96 -5.95
N CYS A 150 7.01 -25.33 -5.85
CA CYS A 150 6.58 -26.58 -6.48
C CYS A 150 6.49 -26.43 -8.03
N ALA A 151 6.24 -27.52 -8.76
CA ALA A 151 6.33 -27.49 -10.20
C ALA A 151 5.04 -27.98 -10.79
N CYS A 152 4.60 -27.29 -11.84
CA CYS A 152 3.30 -27.58 -12.48
C CYS A 152 3.38 -27.93 -13.94
N VAL A 153 2.53 -28.89 -14.34
CA VAL A 153 2.47 -29.40 -15.70
C VAL A 153 1.00 -29.76 -15.88
N ASN A 154 0.38 -29.09 -16.80
CA ASN A 154 -0.99 -29.40 -17.27
C ASN A 154 -2.04 -29.55 -16.16
N GLY A 155 -2.03 -28.60 -15.23
CA GLY A 155 -3.01 -28.55 -14.15
C GLY A 155 -2.73 -29.37 -12.92
N SER A 156 -1.61 -30.07 -12.94
CA SER A 156 -1.16 -30.79 -11.74
C SER A 156 0.15 -30.17 -11.27
N CYS A 157 0.26 -30.10 -9.96
CA CYS A 157 1.45 -29.59 -9.30
C CYS A 157 2.07 -30.64 -8.40
N PHE A 158 3.40 -30.59 -8.36
CA PHE A 158 4.19 -31.62 -7.73
C PHE A 158 5.13 -31.06 -6.72
N THR A 159 5.31 -31.78 -5.61
CA THR A 159 6.23 -31.41 -4.53
C THR A 159 6.77 -32.68 -3.87
N VAL A 160 7.81 -32.49 -3.06
CA VAL A 160 8.44 -33.52 -2.28
C VAL A 160 8.40 -33.10 -0.80
N MET A 161 8.15 -34.04 0.10
CA MET A 161 8.28 -33.79 1.54
C MET A 161 9.03 -34.94 2.17
N THR A 162 9.65 -34.64 3.30
CA THR A 162 10.49 -35.58 4.03
C THR A 162 10.03 -35.63 5.43
N ASP A 163 10.18 -36.79 6.01
CA ASP A 163 9.84 -36.97 7.43
C ASP A 163 10.75 -38.02 8.00
N GLY A 164 11.30 -37.75 9.20
CA GLY A 164 12.23 -38.64 9.89
C GLY A 164 13.51 -37.89 10.24
N PRO A 165 14.55 -38.66 10.67
CA PRO A 165 15.85 -38.16 11.10
C PRO A 165 16.50 -37.24 10.09
N ASN A 166 17.25 -36.25 10.59
CA ASN A 166 18.01 -35.37 9.69
C ASN A 166 19.50 -35.72 9.70
N ASN A 167 19.88 -36.79 10.41
CA ASN A 167 21.29 -37.25 10.45
C ASN A 167 21.42 -38.75 10.12
N GLY A 168 20.48 -39.24 9.31
CA GLY A 168 20.31 -40.64 9.02
C GLY A 168 19.26 -40.82 7.93
N GLN A 169 19.03 -42.09 7.58
CA GLN A 169 17.92 -42.46 6.66
C GLN A 169 16.61 -41.89 7.15
N ALA A 170 15.91 -41.22 6.24
CA ALA A 170 14.59 -40.69 6.54
C ALA A 170 13.67 -41.20 5.46
N SER A 171 12.42 -40.72 5.50
CA SER A 171 11.40 -41.06 4.50
C SER A 171 11.07 -39.89 3.59
N TYR A 172 10.88 -40.19 2.30
CA TYR A 172 10.70 -39.16 1.24
C TYR A 172 9.49 -39.50 0.44
N LYS A 173 8.52 -38.56 0.35
CA LYS A 173 7.35 -38.78 -0.47
C LYS A 173 7.22 -37.73 -1.58
N ILE A 174 6.75 -38.17 -2.73
CA ILE A 174 6.40 -37.33 -3.84
C ILE A 174 4.89 -37.21 -3.94
N PHE A 175 4.36 -36.00 -4.22
CA PHE A 175 2.91 -35.70 -4.30
C PHE A 175 2.50 -35.10 -5.63
N ARG A 176 1.33 -35.51 -6.13
CA ARG A 176 0.66 -34.84 -7.24
C ARG A 176 -0.55 -34.16 -6.63
N ILE A 177 -0.72 -32.86 -6.91
CA ILE A 177 -1.78 -32.04 -6.30
C ILE A 177 -2.56 -31.37 -7.47
N GLU A 178 -3.89 -31.42 -7.42
CA GLU A 178 -4.76 -30.79 -8.41
C GLU A 178 -5.75 -29.94 -7.67
N LYS A 179 -5.74 -28.66 -7.96
CA LYS A 179 -6.59 -27.65 -7.27
C LYS A 179 -6.44 -27.71 -5.75
N GLY A 180 -5.20 -27.88 -5.34
CA GLY A 180 -4.90 -27.95 -3.94
C GLY A 180 -5.26 -29.19 -3.20
N LYS A 181 -5.71 -30.22 -3.93
CA LYS A 181 -6.05 -31.50 -3.37
C LYS A 181 -4.95 -32.53 -3.76
N ILE A 182 -4.43 -33.25 -2.77
CA ILE A 182 -3.49 -34.38 -3.07
C ILE A 182 -4.32 -35.49 -3.76
N VAL A 183 -3.93 -35.83 -4.98
CA VAL A 183 -4.60 -36.88 -5.74
C VAL A 183 -3.76 -38.16 -5.88
N LYS A 184 -2.46 -38.06 -5.57
CA LYS A 184 -1.60 -39.24 -5.51
C LYS A 184 -0.35 -38.87 -4.77
N SER A 185 0.18 -39.83 -4.01
CA SER A 185 1.50 -39.73 -3.34
C SER A 185 2.16 -41.11 -3.39
N VAL A 186 3.49 -41.12 -3.41
CA VAL A 186 4.23 -42.36 -3.32
C VAL A 186 5.39 -42.13 -2.41
N GLU A 187 5.79 -43.18 -1.74
CA GLU A 187 6.96 -43.11 -0.86
C GLU A 187 8.12 -43.72 -1.62
N MET A 188 9.26 -43.01 -1.68
CA MET A 188 10.37 -43.41 -2.51
C MET A 188 11.07 -44.58 -1.87
N ASN A 189 11.45 -45.53 -2.70
CA ASN A 189 12.41 -46.57 -2.26
C ASN A 189 13.74 -45.92 -2.55
N ALA A 190 14.45 -45.52 -1.52
CA ALA A 190 15.72 -44.77 -1.67
C ALA A 190 16.68 -45.08 -0.52
N PRO A 191 17.08 -46.37 -0.37
CA PRO A 191 17.94 -46.78 0.70
C PRO A 191 19.30 -46.17 0.44
N ASN A 192 19.84 -45.61 1.49
CA ASN A 192 21.18 -44.98 1.52
C ASN A 192 21.22 -43.61 0.85
N TYR A 193 20.06 -43.10 0.43
CA TYR A 193 19.91 -41.75 -0.13
C TYR A 193 19.20 -40.88 0.91
N TYR A 194 19.36 -39.56 0.77
CA TYR A 194 18.67 -38.61 1.62
C TYR A 194 18.27 -37.37 0.82
N TYR A 195 17.00 -36.98 0.95
CA TYR A 195 16.42 -35.89 0.16
C TYR A 195 15.72 -34.96 1.11
N GLU A 196 16.04 -33.68 1.03
CA GLU A 196 15.18 -32.65 1.66
C GLU A 196 15.41 -31.33 0.93
N GLU A 197 14.50 -30.42 1.11
CA GLU A 197 14.62 -29.06 0.56
C GLU A 197 14.90 -29.08 -0.94
N CYS A 198 14.09 -29.91 -1.62
CA CYS A 198 14.21 -30.10 -3.04
C CYS A 198 13.92 -28.87 -3.88
N SER A 199 14.71 -28.66 -4.92
CA SER A 199 14.44 -27.58 -5.83
C SER A 199 13.95 -28.31 -7.09
N CYS A 200 12.64 -28.21 -7.34
CA CYS A 200 11.99 -28.96 -8.43
C CYS A 200 11.55 -28.03 -9.55
N TYR A 201 11.74 -28.51 -10.78
CA TYR A 201 11.32 -27.74 -11.94
C TYR A 201 10.70 -28.66 -13.00
N PRO A 202 9.85 -28.08 -13.83
CA PRO A 202 9.29 -28.87 -14.91
C PRO A 202 10.17 -28.76 -16.19
N ASP A 203 10.21 -29.82 -16.98
CA ASP A 203 10.97 -29.83 -18.23
C ASP A 203 10.32 -30.94 -19.09
N SER A 204 9.78 -30.57 -20.25
CA SER A 204 9.16 -31.56 -21.14
C SER A 204 8.20 -32.53 -20.41
N SER A 205 7.23 -31.94 -19.70
CA SER A 205 6.17 -32.65 -18.98
C SER A 205 6.57 -33.52 -17.78
N GLU A 206 7.86 -33.54 -17.42
CA GLU A 206 8.34 -34.29 -16.29
C GLU A 206 9.01 -33.34 -15.31
N ILE A 207 9.15 -33.79 -14.09
CA ILE A 207 9.66 -32.94 -13.02
C ILE A 207 11.07 -33.45 -12.72
N THR A 208 12.02 -32.52 -12.49
CA THR A 208 13.33 -32.90 -11.99
C THR A 208 13.53 -32.10 -10.73
N CYS A 209 13.86 -32.79 -9.65
CA CYS A 209 14.29 -32.20 -8.40
C CYS A 209 15.74 -32.51 -8.06
N VAL A 210 16.45 -31.48 -7.58
CA VAL A 210 17.76 -31.53 -6.98
C VAL A 210 17.67 -31.06 -5.55
N CYS A 211 18.21 -31.85 -4.64
CA CYS A 211 17.91 -31.70 -3.24
C CYS A 211 19.20 -31.68 -2.36
N ARG A 212 18.99 -31.73 -1.05
CA ARG A 212 20.06 -31.66 -0.04
C ARG A 212 20.16 -33.01 0.71
N ASP A 213 21.34 -33.64 0.64
CA ASP A 213 21.61 -34.81 1.44
C ASP A 213 22.28 -34.35 2.70
N ASN A 214 21.52 -34.27 3.76
CA ASN A 214 22.03 -33.81 5.09
C ASN A 214 22.69 -34.92 5.89
N TRP A 215 22.54 -36.14 5.41
CA TRP A 215 23.07 -37.31 6.09
C TRP A 215 24.51 -37.58 5.72
N HIS A 216 24.78 -37.86 4.45
CA HIS A 216 26.15 -38.33 4.11
C HIS A 216 26.58 -38.13 2.70
N GLY A 217 26.19 -37.01 2.10
CA GLY A 217 26.51 -36.68 0.74
C GLY A 217 26.86 -35.20 0.57
N SER A 218 28.01 -34.92 -0.07
CA SER A 218 28.47 -33.60 -0.31
C SER A 218 28.21 -33.22 -1.80
N ASN A 219 27.78 -34.21 -2.58
CA ASN A 219 27.13 -33.94 -3.88
C ASN A 219 25.65 -33.96 -3.66
N ARG A 220 24.88 -33.53 -4.67
CA ARG A 220 23.40 -33.45 -4.47
C ARG A 220 22.69 -34.64 -5.01
N PRO A 221 21.70 -35.12 -4.27
CA PRO A 221 20.76 -36.14 -4.79
C PRO A 221 19.76 -35.50 -5.77
N TRP A 222 19.24 -36.31 -6.72
CA TRP A 222 18.18 -35.86 -7.62
C TRP A 222 17.13 -36.95 -7.73
N VAL A 223 15.90 -36.51 -7.99
CA VAL A 223 14.79 -37.43 -8.28
C VAL A 223 14.02 -36.81 -9.39
N SER A 224 13.63 -37.60 -10.38
CA SER A 224 12.85 -37.08 -11.49
C SER A 224 11.67 -38.02 -11.70
N PHE A 225 10.53 -37.49 -12.17
CA PHE A 225 9.32 -38.28 -12.25
C PHE A 225 8.34 -37.73 -13.23
N ASN A 226 7.44 -38.61 -13.67
CA ASN A 226 6.39 -38.23 -14.58
C ASN A 226 5.13 -37.94 -13.80
N GLN A 227 4.08 -37.58 -14.52
CA GLN A 227 2.80 -37.22 -13.89
C GLN A 227 2.17 -38.31 -13.08
N ASN A 228 2.54 -39.55 -13.39
CA ASN A 228 2.17 -40.73 -12.60
C ASN A 228 3.03 -41.00 -11.37
N LEU A 229 4.00 -40.12 -11.06
CA LEU A 229 4.90 -40.33 -9.95
C LEU A 229 5.76 -41.61 -10.10
N GLU A 230 6.02 -42.01 -11.33
CA GLU A 230 7.03 -43.02 -11.61
C GLU A 230 8.34 -42.29 -11.67
N TYR A 231 9.29 -42.71 -10.85
CA TYR A 231 10.47 -41.88 -10.60
C TYR A 231 11.80 -42.61 -10.88
N GLN A 232 12.83 -41.81 -11.09
CA GLN A 232 14.19 -42.27 -11.16
C GLN A 232 15.00 -41.51 -10.16
N ILE A 233 16.06 -42.11 -9.63
CA ILE A 233 16.86 -41.46 -8.59
C ILE A 233 18.35 -41.58 -8.89
N GLY A 234 19.13 -40.68 -8.29
CA GLY A 234 20.56 -40.65 -8.51
C GLY A 234 21.12 -39.47 -7.79
N TYR A 235 22.45 -39.29 -7.90
CA TYR A 235 23.17 -38.12 -7.35
C TYR A 235 23.91 -37.49 -8.50
N ILE A 236 24.22 -36.20 -8.38
CA ILE A 236 25.00 -35.52 -9.40
C ILE A 236 26.43 -36.10 -9.29
N CYS A 237 26.91 -36.56 -10.43
CA CYS A 237 28.13 -37.29 -10.56
C CYS A 237 29.32 -36.40 -10.57
N SER A 238 29.15 -35.13 -10.95
CA SER A 238 30.28 -34.22 -11.10
C SER A 238 31.12 -34.11 -9.84
N GLY A 239 32.45 -34.11 -10.06
CA GLY A 239 33.41 -33.84 -9.03
C GLY A 239 33.46 -32.40 -8.61
N ILE A 240 32.71 -31.57 -9.31
CA ILE A 240 32.41 -30.22 -8.81
C ILE A 240 31.29 -30.33 -7.80
N PHE A 241 31.65 -30.51 -6.54
CA PHE A 241 30.66 -30.88 -5.55
C PHE A 241 29.73 -29.71 -5.24
N GLY A 242 28.43 -30.00 -5.09
CA GLY A 242 27.41 -28.95 -5.03
C GLY A 242 26.96 -28.51 -3.64
N ASP A 243 27.16 -29.35 -2.59
CA ASP A 243 26.62 -29.05 -1.27
C ASP A 243 27.58 -28.10 -0.51
N ASN A 244 27.15 -27.69 0.65
CA ASN A 244 27.96 -27.01 1.62
C ASN A 244 27.56 -27.56 3.00
N PRO A 245 28.47 -28.17 3.75
CA PRO A 245 29.87 -28.27 3.37
C PRO A 245 30.18 -29.31 2.33
N ARG A 246 31.44 -29.34 1.90
CA ARG A 246 31.92 -30.27 0.92
C ARG A 246 33.43 -30.32 0.93
N PRO A 247 34.00 -31.30 0.23
CA PRO A 247 35.45 -31.24 0.00
C PRO A 247 35.82 -30.32 -1.12
N ASN A 248 37.12 -30.08 -1.31
CA ASN A 248 37.56 -29.47 -2.54
C ASN A 248 37.28 -30.39 -3.74
N ASP A 249 37.17 -29.81 -4.93
CA ASP A 249 36.78 -30.57 -6.12
C ASP A 249 37.83 -31.68 -6.45
N LYS A 250 37.29 -32.88 -6.63
CA LYS A 250 38.09 -34.08 -7.01
CA LYS A 250 38.05 -34.10 -6.94
C LYS A 250 37.18 -35.00 -7.85
N THR A 251 37.55 -36.27 -8.02
CA THR A 251 36.66 -37.22 -8.68
C THR A 251 35.36 -37.41 -7.92
N GLY A 252 34.26 -37.28 -8.63
CA GLY A 252 32.94 -37.34 -7.99
C GLY A 252 32.42 -38.75 -7.96
N SER A 253 31.14 -38.87 -7.62
CA SER A 253 30.49 -40.17 -7.60
C SER A 253 29.02 -40.01 -7.97
N CYS A 254 28.47 -41.08 -8.53
CA CYS A 254 27.05 -41.14 -8.86
C CYS A 254 26.20 -41.62 -7.63
N GLY A 255 26.86 -42.06 -6.57
CA GLY A 255 26.24 -42.23 -5.27
C GLY A 255 26.61 -41.08 -4.36
N PRO A 256 26.11 -41.11 -3.10
CA PRO A 256 26.44 -40.06 -2.16
C PRO A 256 27.97 -40.03 -1.89
N VAL A 257 28.55 -38.84 -2.01
CA VAL A 257 29.96 -38.59 -1.61
C VAL A 257 30.02 -38.38 -0.11
N SER A 258 30.64 -39.34 0.62
CA SER A 258 30.61 -39.30 2.07
C SER A 258 31.58 -38.27 2.63
N SER A 259 32.66 -37.90 1.91
CA SER A 259 33.60 -36.91 2.45
C SER A 259 32.90 -35.58 2.69
N ASN A 260 32.89 -35.11 3.96
CA ASN A 260 32.23 -33.84 4.37
C ASN A 260 30.73 -33.88 4.04
N GLY A 261 30.17 -35.11 4.06
CA GLY A 261 28.82 -35.34 3.60
C GLY A 261 27.73 -34.89 4.53
N ALA A 262 27.97 -34.97 5.83
CA ALA A 262 27.00 -34.62 6.83
C ALA A 262 26.66 -33.09 6.75
N ASN A 263 25.50 -32.70 7.26
N ASN A 263 25.47 -32.72 7.18
CA ASN A 263 24.98 -31.33 7.18
CA ASN A 263 24.98 -31.35 7.12
C ASN A 263 24.81 -30.95 5.69
C ASN A 263 24.78 -30.96 5.66
N GLY A 264 24.46 -29.69 5.41
CA GLY A 264 24.23 -29.29 4.04
C GLY A 264 23.61 -27.92 3.95
N VAL A 265 23.19 -27.57 2.74
CA VAL A 265 22.48 -26.31 2.45
C VAL A 265 21.49 -26.59 1.33
N LYS A 266 20.30 -25.99 1.40
CA LYS A 266 19.43 -26.08 0.26
C LYS A 266 20.11 -25.43 -0.95
N GLY A 267 20.03 -26.16 -2.07
CA GLY A 267 20.52 -25.73 -3.37
C GLY A 267 19.76 -26.28 -4.54
N PHE A 268 20.30 -26.05 -5.71
CA PHE A 268 19.63 -26.40 -6.96
C PHE A 268 20.71 -26.73 -8.02
N SER A 269 20.23 -27.38 -9.08
CA SER A 269 20.98 -27.46 -10.34
C SER A 269 20.00 -27.74 -11.46
N PHE A 270 20.43 -27.47 -12.68
CA PHE A 270 19.60 -27.69 -13.88
C PHE A 270 20.31 -28.68 -14.80
N LYS A 271 19.59 -29.74 -15.16
CA LYS A 271 20.06 -30.77 -16.08
C LYS A 271 19.80 -30.44 -17.55
N TYR A 272 20.81 -30.63 -18.40
CA TYR A 272 20.74 -30.40 -19.81
C TYR A 272 21.44 -31.60 -20.46
N GLY A 273 20.66 -32.62 -20.77
CA GLY A 273 21.20 -33.93 -21.15
C GLY A 273 22.21 -34.47 -20.15
N ASN A 274 23.48 -34.66 -20.57
CA ASN A 274 24.52 -35.14 -19.67
C ASN A 274 25.16 -34.00 -18.90
N GLY A 275 24.80 -32.75 -19.25
CA GLY A 275 25.40 -31.61 -18.60
C GLY A 275 24.58 -31.07 -17.44
N VAL A 276 25.18 -30.11 -16.76
CA VAL A 276 24.57 -29.53 -15.56
C VAL A 276 25.09 -28.11 -15.32
N TRP A 277 24.12 -27.22 -15.07
CA TRP A 277 24.39 -25.95 -14.43
C TRP A 277 24.25 -26.17 -12.93
N ILE A 278 25.37 -25.99 -12.23
CA ILE A 278 25.48 -26.08 -10.76
C ILE A 278 25.58 -24.68 -10.16
N GLY A 279 24.66 -24.32 -9.23
CA GLY A 279 24.82 -23.21 -8.36
C GLY A 279 25.42 -23.69 -7.03
N ARG A 280 26.41 -23.00 -6.50
CA ARG A 280 26.96 -23.40 -5.20
C ARG A 280 27.66 -22.26 -4.48
N THR A 281 27.88 -22.45 -3.19
CA THR A 281 28.67 -21.49 -2.41
C THR A 281 30.06 -21.48 -2.99
N LYS A 282 30.86 -20.45 -2.73
CA LYS A 282 32.30 -20.50 -3.12
C LYS A 282 33.15 -21.14 -1.94
N SER A 283 32.79 -20.90 -0.68
CA SER A 283 33.40 -21.59 0.47
C SER A 283 33.03 -23.05 0.52
N ILE A 284 34.00 -23.92 0.84
CA ILE A 284 33.68 -25.36 1.04
C ILE A 284 33.14 -25.70 2.44
N SER A 285 33.20 -24.77 3.37
CA SER A 285 32.86 -25.05 4.79
C SER A 285 31.80 -24.17 5.39
N SER A 286 31.54 -23.00 4.82
CA SER A 286 30.45 -22.14 5.32
C SER A 286 29.70 -21.49 4.18
N ARG A 287 28.58 -20.87 4.53
CA ARG A 287 27.67 -20.29 3.55
C ARG A 287 28.18 -18.93 3.10
N ASN A 288 29.25 -18.95 2.31
CA ASN A 288 29.86 -17.73 1.76
C ASN A 288 30.14 -17.86 0.27
N GLY A 289 29.91 -16.78 -0.44
CA GLY A 289 30.05 -16.76 -1.87
C GLY A 289 28.97 -17.55 -2.59
N PHE A 290 28.92 -17.32 -3.89
CA PHE A 290 28.09 -18.05 -4.76
C PHE A 290 28.57 -17.94 -6.19
N GLU A 291 28.41 -19.05 -6.89
CA GLU A 291 28.88 -19.14 -8.25
C GLU A 291 28.06 -20.12 -9.04
N MET A 292 27.97 -19.86 -10.34
CA MET A 292 27.28 -20.72 -11.29
C MET A 292 28.28 -21.39 -12.19
N ILE A 293 28.20 -22.67 -12.32
CA ILE A 293 29.17 -23.47 -13.11
C ILE A 293 28.40 -24.32 -14.13
N TRP A 294 28.81 -24.24 -15.40
CA TRP A 294 28.42 -25.16 -16.43
C TRP A 294 29.48 -26.25 -16.62
N ASP A 295 29.05 -27.49 -16.39
CA ASP A 295 29.86 -28.68 -16.54
C ASP A 295 29.15 -29.54 -17.55
N PRO A 296 29.63 -29.58 -18.83
CA PRO A 296 28.89 -30.22 -19.94
C PRO A 296 28.72 -31.73 -19.81
N ASN A 297 29.46 -32.37 -18.94
CA ASN A 297 29.19 -33.80 -18.67
C ASN A 297 28.96 -34.08 -17.20
N GLY A 298 28.56 -33.07 -16.45
CA GLY A 298 28.50 -33.16 -14.97
C GLY A 298 27.33 -33.91 -14.36
N TRP A 299 26.24 -34.10 -15.11
CA TRP A 299 25.14 -34.88 -14.59
C TRP A 299 25.54 -36.36 -14.44
N THR A 300 26.27 -36.89 -15.43
CA THR A 300 26.60 -38.32 -15.47
C THR A 300 28.09 -38.69 -15.33
N GLY A 301 28.97 -37.70 -15.48
CA GLY A 301 30.41 -37.86 -15.49
C GLY A 301 31.03 -37.38 -14.18
N THR A 302 32.10 -38.05 -13.75
CA THR A 302 32.64 -37.85 -12.41
C THR A 302 33.90 -36.97 -12.32
N ASP A 303 34.39 -36.48 -13.45
CA ASP A 303 35.55 -35.60 -13.45
C ASP A 303 35.22 -34.22 -12.84
N ASN A 304 36.26 -33.47 -12.48
CA ASN A 304 36.11 -32.12 -11.88
C ASN A 304 36.41 -31.00 -12.85
N ASN A 305 36.26 -31.29 -14.14
CA ASN A 305 36.48 -30.30 -15.19
C ASN A 305 35.19 -29.68 -15.52
N PHE A 306 35.19 -28.36 -15.72
CA PHE A 306 33.97 -27.67 -16.16
C PHE A 306 34.32 -26.69 -17.28
N SER A 307 33.29 -26.14 -17.93
CA SER A 307 33.54 -25.26 -19.06
C SER A 307 33.37 -23.80 -18.76
N ILE A 308 32.51 -23.45 -17.80
CA ILE A 308 32.16 -22.04 -17.54
C ILE A 308 31.88 -21.79 -16.07
N LYS A 309 32.44 -20.69 -15.54
CA LYS A 309 32.08 -20.22 -14.20
C LYS A 309 31.71 -18.75 -14.27
N GLN A 310 30.66 -18.44 -13.54
CA GLN A 310 30.11 -17.05 -13.46
C GLN A 310 29.95 -16.72 -11.99
N ASP A 311 30.70 -15.73 -11.49
CA ASP A 311 30.59 -15.32 -10.11
C ASP A 311 29.28 -14.61 -9.84
N ILE A 312 28.75 -14.81 -8.63
CA ILE A 312 27.46 -14.22 -8.24
C ILE A 312 27.62 -13.45 -6.92
N VAL A 313 28.19 -14.07 -5.90
CA VAL A 313 28.57 -13.44 -4.58
C VAL A 313 30.05 -13.81 -4.26
N GLY A 314 30.82 -12.86 -3.73
CA GLY A 314 32.27 -13.11 -3.67
C GLY A 314 32.48 -13.91 -2.38
N ILE A 315 33.66 -14.51 -2.32
CA ILE A 315 33.96 -15.53 -1.33
C ILE A 315 33.91 -15.03 0.08
N ASN A 316 34.21 -13.76 0.33
CA ASN A 316 34.17 -13.23 1.70
C ASN A 316 32.78 -12.70 2.11
N GLU A 317 31.76 -12.90 1.27
CA GLU A 317 30.42 -12.36 1.55
C GLU A 317 29.46 -13.49 1.90
N TRP A 318 28.49 -13.17 2.74
CA TRP A 318 27.51 -14.15 3.20
C TRP A 318 26.56 -14.57 2.08
N SER A 319 26.33 -15.86 2.04
CA SER A 319 25.30 -16.39 1.14
C SER A 319 24.38 -17.25 1.96
N GLY A 320 23.81 -18.30 1.39
CA GLY A 320 22.81 -19.05 2.11
C GLY A 320 22.15 -20.06 1.18
N TYR A 321 20.87 -20.27 1.42
CA TYR A 321 20.06 -21.14 0.57
C TYR A 321 20.05 -20.60 -0.87
N SER A 322 19.77 -21.49 -1.84
CA SER A 322 19.43 -21.07 -3.21
C SER A 322 18.41 -22.02 -3.73
N GLY A 323 17.70 -21.59 -4.79
CA GLY A 323 16.73 -22.47 -5.39
C GLY A 323 16.43 -22.05 -6.76
N SER A 324 15.86 -23.01 -7.48
CA SER A 324 15.38 -22.80 -8.80
C SER A 324 13.97 -22.18 -8.74
N PHE A 325 13.77 -21.32 -9.76
CA PHE A 325 12.43 -20.98 -10.30
C PHE A 325 12.39 -20.91 -11.81
N VAL A 326 11.21 -21.09 -12.37
CA VAL A 326 11.07 -21.05 -13.83
C VAL A 326 10.10 -19.97 -14.28
N GLN A 327 10.27 -19.55 -15.51
CA GLN A 327 9.28 -18.72 -16.18
C GLN A 327 8.79 -19.47 -17.38
N HIS A 328 7.51 -19.81 -17.32
CA HIS A 328 6.88 -20.64 -18.36
C HIS A 328 6.62 -19.78 -19.61
N PRO A 329 6.52 -20.44 -20.79
CA PRO A 329 6.14 -19.74 -22.04
C PRO A 329 4.87 -18.90 -21.93
N GLU A 330 3.90 -19.30 -21.11
CA GLU A 330 2.65 -18.51 -20.89
C GLU A 330 2.93 -17.12 -20.31
N LEU A 331 4.03 -16.99 -19.56
CA LEU A 331 4.48 -15.69 -19.01
C LEU A 331 5.38 -14.90 -19.98
N THR A 332 6.40 -15.53 -20.57
CA THR A 332 7.41 -14.86 -21.40
C THR A 332 7.12 -14.71 -22.89
N GLY A 333 6.24 -15.52 -23.44
CA GLY A 333 6.19 -15.67 -24.90
C GLY A 333 7.33 -16.47 -25.57
N LEU A 334 8.21 -17.07 -24.78
CA LEU A 334 9.24 -17.93 -25.38
C LEU A 334 8.61 -19.25 -25.78
N ASP A 335 9.41 -20.11 -26.40
CA ASP A 335 9.01 -21.49 -26.78
C ASP A 335 9.61 -22.57 -25.87
N CYS A 336 10.19 -22.15 -24.75
CA CYS A 336 10.84 -23.03 -23.82
C CYS A 336 10.61 -22.48 -22.43
N ILE A 337 10.83 -23.36 -21.45
CA ILE A 337 10.67 -22.98 -20.02
C ILE A 337 11.98 -22.35 -19.60
N ARG A 338 11.96 -21.09 -19.11
CA ARG A 338 13.20 -20.39 -18.75
C ARG A 338 13.69 -20.68 -17.31
N PRO A 339 14.97 -21.10 -17.14
CA PRO A 339 15.42 -21.37 -15.78
C PRO A 339 15.90 -20.06 -15.17
N CYS A 340 15.65 -19.91 -13.85
CA CYS A 340 16.12 -18.78 -13.11
C CYS A 340 16.52 -19.36 -11.75
N PHE A 341 17.13 -18.51 -10.92
CA PHE A 341 17.46 -18.90 -9.56
C PHE A 341 17.51 -17.73 -8.62
N TRP A 342 17.35 -18.03 -7.33
CA TRP A 342 17.48 -17.06 -6.28
C TRP A 342 18.56 -17.50 -5.28
N VAL A 343 19.21 -16.54 -4.61
CA VAL A 343 20.08 -16.89 -3.48
C VAL A 343 19.60 -16.06 -2.30
N GLU A 344 19.45 -16.73 -1.15
CA GLU A 344 19.30 -16.15 0.14
C GLU A 344 20.66 -15.75 0.70
N LEU A 345 20.75 -14.50 1.20
CA LEU A 345 21.97 -13.98 1.75
C LEU A 345 21.73 -13.83 3.24
N ILE A 346 22.15 -14.84 4.02
CA ILE A 346 21.83 -14.94 5.44
C ILE A 346 22.71 -14.02 6.28
N ARG A 347 22.09 -13.21 7.16
CA ARG A 347 22.82 -12.35 8.06
C ARG A 347 22.48 -12.64 9.50
N GLY A 348 23.44 -12.43 10.40
CA GLY A 348 23.20 -12.63 11.84
C GLY A 348 23.76 -13.94 12.36
N ARG A 349 23.00 -14.57 13.26
CA ARG A 349 23.45 -15.84 13.87
C ARG A 349 23.42 -16.98 12.85
N PRO A 350 24.34 -17.96 12.96
CA PRO A 350 25.29 -18.12 14.06
C PRO A 350 26.64 -17.41 13.81
N LYS A 351 26.84 -16.80 12.63
CA LYS A 351 28.17 -16.30 12.23
C LYS A 351 28.52 -14.90 12.72
N GLU A 352 27.53 -14.11 13.08
CA GLU A 352 27.73 -12.73 13.45
C GLU A 352 27.18 -12.49 14.83
N ASN A 353 27.66 -11.40 15.45
CA ASN A 353 27.31 -11.03 16.81
C ASN A 353 26.03 -10.26 16.95
N THR A 354 24.93 -10.95 16.65
CA THR A 354 23.62 -10.35 16.73
C THR A 354 22.73 -11.24 17.59
N ILE A 355 21.53 -10.74 17.88
CA ILE A 355 20.51 -11.49 18.59
C ILE A 355 19.57 -12.27 17.61
N TRP A 356 19.72 -11.98 16.34
CA TRP A 356 18.76 -12.35 15.31
C TRP A 356 19.46 -12.98 14.11
N THR A 357 18.66 -13.62 13.26
CA THR A 357 19.11 -14.16 11.97
C THR A 357 18.05 -13.74 10.96
N SER A 358 18.46 -13.20 9.79
CA SER A 358 17.51 -12.87 8.71
C SER A 358 18.21 -12.91 7.36
N GLY A 359 17.47 -12.90 6.25
CA GLY A 359 18.16 -12.91 5.01
C GLY A 359 17.63 -11.81 4.10
N SER A 360 18.41 -11.45 3.13
CA SER A 360 17.91 -10.76 1.96
C SER A 360 18.02 -11.72 0.74
N SER A 361 17.69 -11.23 -0.46
CA SER A 361 17.75 -12.05 -1.62
C SER A 361 18.24 -11.33 -2.88
N ILE A 362 18.79 -12.16 -3.76
CA ILE A 362 19.12 -11.80 -5.12
C ILE A 362 18.52 -12.89 -6.03
N SER A 363 18.17 -12.48 -7.25
CA SER A 363 17.86 -13.57 -8.27
C SER A 363 18.35 -13.18 -9.67
N PHE A 364 18.44 -14.21 -10.55
CA PHE A 364 18.96 -14.12 -11.88
C PHE A 364 18.08 -14.97 -12.82
N CYS A 365 18.00 -14.59 -14.06
CA CYS A 365 17.37 -15.48 -15.10
C CYS A 365 18.38 -15.85 -16.15
N GLY A 366 18.20 -17.04 -16.67
CA GLY A 366 19.12 -17.57 -17.67
C GLY A 366 18.88 -16.99 -19.02
N VAL A 367 19.94 -16.60 -19.69
CA VAL A 367 19.84 -15.97 -21.02
C VAL A 367 20.91 -16.57 -21.97
N ASN A 368 20.76 -16.31 -23.25
CA ASN A 368 21.86 -16.55 -24.22
C ASN A 368 22.59 -15.32 -24.73
N SER A 369 22.33 -14.19 -24.14
CA SER A 369 22.96 -12.98 -24.52
C SER A 369 24.12 -12.76 -23.49
N ASP A 370 24.81 -11.65 -23.64
CA ASP A 370 26.00 -11.44 -22.88
C ASP A 370 25.67 -11.20 -21.40
N THR A 371 26.55 -11.70 -20.53
CA THR A 371 26.40 -11.58 -19.09
C THR A 371 27.73 -11.28 -18.42
N VAL A 372 27.70 -11.08 -17.12
CA VAL A 372 28.97 -10.83 -16.41
C VAL A 372 28.93 -11.36 -14.99
N GLY A 373 30.06 -11.84 -14.52
CA GLY A 373 30.19 -12.18 -13.16
C GLY A 373 30.48 -10.91 -12.36
N TRP A 374 29.98 -10.88 -11.13
CA TRP A 374 30.36 -9.88 -10.14
C TRP A 374 29.99 -10.43 -8.74
N SER A 375 29.89 -9.55 -7.77
CA SER A 375 29.35 -9.88 -6.48
C SER A 375 28.23 -8.87 -6.16
N TRP A 376 27.02 -9.38 -5.91
CA TRP A 376 25.89 -8.59 -5.36
C TRP A 376 25.54 -9.16 -3.93
N PRO A 377 26.25 -8.72 -2.87
CA PRO A 377 26.05 -9.16 -1.54
C PRO A 377 25.00 -8.44 -0.80
N ASP A 378 24.80 -8.88 0.44
CA ASP A 378 23.72 -8.35 1.21
C ASP A 378 23.90 -6.85 1.45
N GLY A 379 25.07 -6.47 1.99
CA GLY A 379 25.37 -5.03 2.07
C GLY A 379 25.11 -4.42 3.47
N ALA A 380 24.43 -5.09 4.36
CA ALA A 380 24.10 -4.56 5.63
C ALA A 380 25.37 -4.54 6.57
N GLU A 381 25.42 -3.57 7.47
CA GLU A 381 26.57 -3.41 8.40
C GLU A 381 26.00 -3.83 9.73
N LEU A 382 26.47 -4.97 10.23
CA LEU A 382 26.09 -5.55 11.49
C LEU A 382 27.20 -5.26 12.48
N PRO A 383 26.88 -5.21 13.78
CA PRO A 383 25.53 -5.36 14.34
C PRO A 383 24.61 -4.15 14.19
N PHE A 384 23.34 -4.39 14.54
CA PHE A 384 22.31 -3.40 14.49
C PHE A 384 22.11 -2.80 15.85
N THR A 385 21.31 -1.74 15.91
CA THR A 385 20.92 -1.02 17.13
C THR A 385 20.43 -1.96 18.25
N ILE A 386 19.61 -2.96 17.89
CA ILE A 386 19.01 -3.86 18.83
C ILE A 386 19.97 -4.85 19.48
N ASP A 387 21.12 -5.05 18.84
CA ASP A 387 22.10 -6.03 19.25
C ASP A 387 22.94 -5.51 20.41
N SER B 1 -5.65 -1.49 -25.61
CA SER B 1 -4.16 -1.35 -25.50
C SER B 1 -3.44 -1.23 -26.87
N VAL B 2 -2.86 -0.07 -27.16
CA VAL B 2 -2.33 0.19 -28.48
C VAL B 2 -1.05 0.99 -28.42
N LYS B 3 -0.23 0.78 -29.44
CA LYS B 3 1.08 1.37 -29.52
C LYS B 3 0.92 2.86 -29.66
N LEU B 4 1.75 3.61 -28.95
CA LEU B 4 1.81 5.05 -29.11
C LEU B 4 2.31 5.35 -30.52
N ALA B 5 1.59 6.22 -31.22
CA ALA B 5 1.90 6.52 -32.60
C ALA B 5 3.21 7.27 -32.67
N GLY B 6 3.32 8.35 -31.91
CA GLY B 6 4.50 9.17 -31.92
C GLY B 6 4.76 9.95 -33.21
N ASN B 7 3.71 10.16 -33.99
CA ASN B 7 3.87 10.81 -35.28
C ASN B 7 3.44 12.27 -35.34
N SER B 8 2.81 12.79 -34.28
CA SER B 8 2.48 14.22 -34.24
C SER B 8 3.68 15.04 -33.84
N SER B 9 3.58 16.34 -33.99
CA SER B 9 4.68 17.21 -33.60
C SER B 9 4.62 17.55 -32.12
N LEU B 10 5.71 18.09 -31.58
CA LEU B 10 5.70 18.70 -30.20
C LEU B 10 4.73 19.88 -30.15
N CYS B 11 3.94 19.95 -29.07
CA CYS B 11 3.11 21.10 -28.78
C CYS B 11 4.00 22.34 -28.58
N PRO B 12 3.79 23.39 -29.39
CA PRO B 12 4.49 24.63 -29.02
C PRO B 12 3.95 25.11 -27.68
N VAL B 13 4.81 25.56 -26.80
CA VAL B 13 4.37 26.06 -25.52
C VAL B 13 4.93 27.46 -25.28
N SER B 14 4.24 28.24 -24.43
CA SER B 14 4.65 29.60 -24.02
C SER B 14 5.21 29.65 -22.57
N GLY B 15 4.95 28.60 -21.78
CA GLY B 15 5.42 28.61 -20.37
C GLY B 15 5.20 27.26 -19.73
N TRP B 16 5.71 27.11 -18.51
CA TRP B 16 5.74 25.84 -17.78
C TRP B 16 4.89 25.92 -16.48
N ALA B 17 3.91 25.05 -16.37
CA ALA B 17 3.02 24.99 -15.24
C ALA B 17 3.47 23.87 -14.35
N ILE B 18 3.41 24.11 -13.05
CA ILE B 18 3.97 23.11 -12.12
C ILE B 18 3.08 21.90 -12.01
N TYR B 19 3.72 20.72 -12.05
CA TYR B 19 2.99 19.44 -12.24
C TYR B 19 3.13 18.60 -10.95
N SER B 20 4.34 18.47 -10.41
CA SER B 20 4.51 17.65 -9.19
C SER B 20 5.66 18.14 -8.38
N LYS B 21 5.62 17.71 -7.12
CA LYS B 21 6.68 17.93 -6.18
C LYS B 21 6.53 16.90 -5.11
N ASP B 22 7.59 16.15 -4.85
CA ASP B 22 7.50 15.01 -3.90
C ASP B 22 7.95 15.34 -2.46
N ASN B 23 8.77 16.37 -2.26
CA ASN B 23 9.28 16.68 -0.89
C ASN B 23 10.00 15.49 -0.23
N SER B 24 10.71 14.66 -1.00
CA SER B 24 11.18 13.38 -0.47
C SER B 24 12.19 13.50 0.69
N VAL B 25 13.07 14.48 0.59
CA VAL B 25 14.12 14.60 1.62
C VAL B 25 13.45 15.13 2.94
N ARG B 26 12.50 16.08 2.84
CA ARG B 26 11.76 16.62 4.05
C ARG B 26 11.02 15.51 4.70
N ILE B 27 10.33 14.70 3.89
CA ILE B 27 9.58 13.56 4.42
C ILE B 27 10.48 12.48 5.02
N GLY B 28 11.60 12.14 4.34
CA GLY B 28 12.54 11.12 4.81
C GLY B 28 13.31 11.44 6.07
N SER B 29 13.23 12.68 6.54
CA SER B 29 13.69 13.00 7.88
C SER B 29 13.07 12.10 9.00
N LYS B 30 11.80 11.71 8.86
CA LYS B 30 11.16 10.74 9.69
C LYS B 30 10.66 9.49 8.96
N GLY B 31 10.07 9.66 7.79
CA GLY B 31 9.48 8.51 7.11
C GLY B 31 10.50 7.60 6.48
N ASP B 32 10.00 6.49 5.96
CA ASP B 32 10.85 5.49 5.34
C ASP B 32 11.00 5.77 3.87
N VAL B 33 11.97 6.60 3.52
CA VAL B 33 12.14 7.08 2.12
C VAL B 33 13.51 6.64 1.65
N PHE B 34 13.59 6.08 0.45
CA PHE B 34 14.86 5.69 -0.13
C PHE B 34 15.81 6.89 -0.31
N VAL B 35 17.09 6.66 -0.09
CA VAL B 35 18.10 7.50 -0.60
C VAL B 35 18.10 7.21 -2.09
N ILE B 36 18.05 8.25 -2.89
CA ILE B 36 17.98 8.07 -4.32
C ILE B 36 18.76 9.15 -4.99
N ARG B 37 19.12 8.91 -6.26
CA ARG B 37 19.51 9.99 -7.16
C ARG B 37 19.08 9.52 -8.53
N GLU B 38 19.29 10.37 -9.54
CA GLU B 38 18.99 10.08 -10.92
C GLU B 38 17.54 9.68 -11.13
N PRO B 39 16.59 10.52 -10.63
CA PRO B 39 15.20 10.21 -10.90
C PRO B 39 14.79 10.67 -12.32
N PHE B 40 13.68 10.18 -12.76
CA PHE B 40 13.13 10.72 -13.98
C PHE B 40 11.71 10.34 -14.03
N ILE B 41 10.96 10.98 -14.94
CA ILE B 41 9.57 10.71 -15.04
C ILE B 41 9.33 10.13 -16.42
N SER B 42 8.39 9.21 -16.47
CA SER B 42 7.95 8.66 -17.76
C SER B 42 6.50 8.23 -17.65
N CYS B 43 5.74 8.34 -18.75
CA CYS B 43 4.33 8.08 -18.73
C CYS B 43 3.89 6.99 -19.67
N SER B 44 2.84 6.32 -19.28
CA SER B 44 2.17 5.37 -20.13
C SER B 44 0.95 6.08 -20.74
N PRO B 45 0.06 5.32 -21.41
CA PRO B 45 -1.20 5.97 -21.80
C PRO B 45 -2.18 6.24 -20.67
N LEU B 46 -1.89 5.75 -19.46
CA LEU B 46 -2.75 5.85 -18.30
C LEU B 46 -2.19 6.65 -17.09
N GLU B 47 -0.88 6.68 -16.87
CA GLU B 47 -0.30 7.33 -15.68
C GLU B 47 1.15 7.72 -15.91
N CYS B 48 1.64 8.60 -15.03
CA CYS B 48 3.00 9.03 -15.04
C CYS B 48 3.63 8.51 -13.76
N ARG B 49 4.85 8.00 -13.89
CA ARG B 49 5.62 7.41 -12.80
C ARG B 49 6.93 8.08 -12.67
N THR B 50 7.47 8.09 -11.46
CA THR B 50 8.78 8.51 -11.25
C THR B 50 9.66 7.27 -11.11
N PHE B 51 10.78 7.26 -11.80
CA PHE B 51 11.75 6.19 -11.77
C PHE B 51 12.96 6.81 -11.06
N PHE B 52 13.72 5.97 -10.44
CA PHE B 52 14.87 6.47 -9.63
C PHE B 52 15.80 5.35 -9.32
N LEU B 53 17.06 5.69 -8.97
CA LEU B 53 18.04 4.73 -8.59
C LEU B 53 18.28 4.91 -7.09
N THR B 54 17.81 3.92 -6.34
CA THR B 54 18.04 3.83 -4.94
C THR B 54 19.45 3.49 -4.66
N GLN B 55 19.85 3.74 -3.41
CA GLN B 55 21.13 3.28 -2.92
C GLN B 55 20.96 2.09 -1.98
N GLY B 56 19.86 1.37 -2.11
CA GLY B 56 19.68 0.23 -1.27
C GLY B 56 19.57 0.53 0.17
N ALA B 57 19.15 1.78 0.57
CA ALA B 57 19.26 2.32 1.92
C ALA B 57 18.17 3.38 2.13
N LEU B 58 17.78 3.61 3.34
CA LEU B 58 16.80 4.65 3.64
C LEU B 58 17.45 5.91 4.22
N LEU B 59 16.81 7.06 4.01
CA LEU B 59 17.35 8.31 4.59
C LEU B 59 17.31 8.28 6.13
N ASN B 60 18.26 8.99 6.68
CA ASN B 60 18.46 9.08 8.09
C ASN B 60 18.77 7.75 8.77
N ASP B 61 19.28 6.79 8.01
CA ASP B 61 19.73 5.50 8.53
C ASP B 61 21.24 5.32 8.15
N LYS B 62 21.94 4.55 8.95
CA LYS B 62 23.42 4.47 8.79
C LYS B 62 23.87 3.91 7.44
N HIS B 63 23.01 3.14 6.79
CA HIS B 63 23.33 2.65 5.46
C HIS B 63 23.37 3.75 4.33
N SER B 64 22.92 4.91 4.63
CA SER B 64 22.94 6.04 3.71
C SER B 64 24.38 6.61 3.66
N ASN B 65 25.23 6.21 4.59
CA ASN B 65 26.64 6.64 4.57
C ASN B 65 27.35 6.28 3.24
N GLY B 66 28.06 7.26 2.68
CA GLY B 66 28.88 7.07 1.52
C GLY B 66 28.11 7.04 0.23
N THR B 67 26.84 7.54 0.27
CA THR B 67 25.97 7.52 -0.91
C THR B 67 26.36 8.61 -1.90
N ILE B 68 27.42 9.38 -1.65
CA ILE B 68 28.07 10.07 -2.78
C ILE B 68 28.53 9.10 -3.89
N LYS B 69 28.86 7.87 -3.49
CA LYS B 69 29.38 6.90 -4.42
C LYS B 69 28.36 6.53 -5.47
N ASP B 70 28.75 6.62 -6.74
CA ASP B 70 27.82 6.34 -7.86
C ASP B 70 27.36 4.91 -8.11
N ARG B 71 28.29 3.94 -7.96
CA ARG B 71 28.00 2.60 -8.50
C ARG B 71 28.32 1.55 -7.44
N SER B 72 27.30 0.73 -7.16
CA SER B 72 27.48 -0.32 -6.16
C SER B 72 26.55 -1.46 -6.60
N PRO B 73 26.66 -2.61 -5.97
CA PRO B 73 25.70 -3.69 -6.29
C PRO B 73 24.41 -3.55 -5.55
N TYR B 74 24.26 -2.50 -4.72
CA TYR B 74 23.03 -2.33 -3.93
C TYR B 74 22.05 -1.44 -4.67
N ARG B 75 22.51 -0.73 -5.70
CA ARG B 75 21.70 0.28 -6.34
C ARG B 75 20.62 -0.42 -7.17
N THR B 76 19.37 0.02 -7.03
CA THR B 76 18.27 -0.56 -7.84
C THR B 76 17.38 0.47 -8.52
N LEU B 77 16.89 0.16 -9.74
CA LEU B 77 15.93 0.94 -10.42
C LEU B 77 14.52 0.56 -9.95
N MET B 78 13.82 1.52 -9.36
CA MET B 78 12.43 1.34 -8.89
C MET B 78 11.57 2.51 -9.43
N SER B 79 10.31 2.44 -9.22
CA SER B 79 9.39 3.47 -9.60
C SER B 79 8.22 3.57 -8.66
N CYS B 80 7.69 4.79 -8.61
CA CYS B 80 6.40 5.03 -7.93
C CYS B 80 5.58 6.03 -8.69
N PRO B 81 4.34 6.23 -8.29
CA PRO B 81 3.54 7.24 -8.94
C PRO B 81 4.13 8.61 -8.77
N ILE B 82 3.94 9.46 -9.77
CA ILE B 82 4.50 10.81 -9.74
C ILE B 82 3.99 11.60 -8.52
N GLY B 83 4.95 12.31 -7.93
CA GLY B 83 4.68 13.15 -6.78
C GLY B 83 4.64 12.44 -5.44
N GLU B 84 4.68 11.11 -5.40
CA GLU B 84 4.82 10.44 -4.06
C GLU B 84 6.27 10.26 -3.72
N VAL B 85 6.59 10.23 -2.42
CA VAL B 85 7.95 9.88 -2.01
C VAL B 85 8.31 8.44 -2.38
N PRO B 86 9.56 8.20 -2.80
CA PRO B 86 9.99 6.86 -3.05
C PRO B 86 10.24 6.08 -1.74
N SER B 87 9.33 5.19 -1.44
CA SER B 87 9.42 4.40 -0.20
C SER B 87 9.39 2.91 -0.50
N PRO B 88 9.93 2.08 0.41
CA PRO B 88 9.72 0.67 0.07
C PRO B 88 8.24 0.23 0.13
N TYR B 89 7.34 1.10 0.63
CA TYR B 89 5.96 0.69 0.80
C TYR B 89 5.15 1.22 -0.28
N ASN B 90 5.70 1.99 -1.18
CA ASN B 90 4.91 2.35 -2.41
C ASN B 90 5.67 2.08 -3.71
N SER B 91 6.86 1.53 -3.61
CA SER B 91 7.74 1.46 -4.77
C SER B 91 7.77 0.09 -5.48
N ARG B 92 7.54 0.09 -6.79
CA ARG B 92 7.70 -1.05 -7.67
C ARG B 92 9.10 -1.34 -7.97
N PHE B 93 9.56 -2.60 -7.79
CA PHE B 93 10.95 -2.91 -8.16
C PHE B 93 11.08 -3.05 -9.69
N GLU B 94 12.11 -2.46 -10.30
CA GLU B 94 12.29 -2.65 -11.76
C GLU B 94 13.49 -3.47 -12.18
N SER B 95 14.67 -3.21 -11.60
CA SER B 95 15.88 -3.76 -12.03
C SER B 95 16.98 -3.43 -11.05
N VAL B 96 18.04 -4.25 -11.12
CA VAL B 96 19.25 -3.95 -10.40
C VAL B 96 20.03 -3.04 -11.31
N ALA B 97 20.42 -1.86 -10.85
CA ALA B 97 20.93 -0.80 -11.69
C ALA B 97 21.60 0.31 -10.92
N TRP B 98 22.76 0.71 -11.45
CA TRP B 98 23.36 1.95 -11.18
C TRP B 98 23.37 2.99 -12.34
N SER B 99 22.69 2.68 -13.47
CA SER B 99 22.37 3.62 -14.56
C SER B 99 21.16 2.99 -15.27
N ALA B 100 20.27 3.80 -15.82
CA ALA B 100 18.97 3.27 -16.21
C ALA B 100 18.27 4.12 -17.28
N SER B 101 17.29 3.50 -17.91
CA SER B 101 16.32 4.20 -18.71
C SER B 101 15.02 3.42 -18.63
N ALA B 102 13.92 4.07 -18.95
CA ALA B 102 12.63 3.39 -19.07
C ALA B 102 11.70 4.16 -19.95
N CYS B 103 10.77 3.46 -20.58
CA CYS B 103 9.72 4.08 -21.38
C CYS B 103 8.65 3.05 -21.72
N HIS B 104 7.43 3.56 -21.98
CA HIS B 104 6.30 2.70 -22.26
C HIS B 104 5.93 2.87 -23.74
N ASP B 105 5.70 1.77 -24.43
CA ASP B 105 5.44 1.85 -25.92
C ASP B 105 3.97 1.95 -26.29
N GLY B 106 3.12 2.06 -25.28
CA GLY B 106 1.69 1.97 -25.42
C GLY B 106 1.10 0.69 -24.91
N ILE B 107 1.90 -0.36 -24.91
CA ILE B 107 1.49 -1.68 -24.47
C ILE B 107 2.14 -2.05 -23.13
N ASN B 108 3.48 -1.97 -23.02
CA ASN B 108 4.16 -2.33 -21.78
C ASN B 108 5.34 -1.45 -21.52
N TRP B 109 5.87 -1.54 -20.30
CA TRP B 109 7.06 -0.80 -19.92
C TRP B 109 8.30 -1.54 -20.39
N LEU B 110 9.21 -0.80 -21.03
CA LEU B 110 10.57 -1.15 -21.18
C LEU B 110 11.41 -0.57 -20.05
N THR B 111 12.24 -1.40 -19.42
CA THR B 111 13.22 -0.92 -18.46
C THR B 111 14.62 -1.42 -18.83
N ILE B 112 15.59 -0.53 -18.64
CA ILE B 112 16.98 -0.74 -18.92
C ILE B 112 17.77 -0.44 -17.64
N GLY B 113 18.42 -1.44 -17.11
CA GLY B 113 19.19 -1.37 -15.88
C GLY B 113 20.57 -1.92 -16.10
N ILE B 114 21.57 -1.10 -15.92
CA ILE B 114 22.98 -1.50 -16.10
C ILE B 114 23.53 -1.74 -14.69
N SER B 115 24.13 -2.92 -14.50
CA SER B 115 24.89 -3.24 -13.27
C SER B 115 26.12 -4.06 -13.64
N GLY B 116 26.85 -4.48 -12.60
CA GLY B 116 28.09 -5.21 -12.69
C GLY B 116 29.32 -4.32 -12.63
N PRO B 117 30.50 -4.89 -12.89
CA PRO B 117 31.72 -4.08 -12.68
C PRO B 117 31.92 -2.95 -13.72
N ASP B 118 32.71 -1.96 -13.34
CA ASP B 118 33.05 -0.86 -14.26
C ASP B 118 33.72 -1.33 -15.59
N ASN B 119 34.51 -2.42 -15.54
CA ASN B 119 35.19 -2.94 -16.67
C ASN B 119 34.39 -3.98 -17.51
N GLY B 120 33.11 -4.21 -17.21
CA GLY B 120 32.31 -5.14 -17.95
C GLY B 120 30.82 -5.11 -17.59
N ALA B 121 30.25 -3.92 -17.53
CA ALA B 121 28.86 -3.74 -17.07
C ALA B 121 27.91 -4.33 -18.11
N VAL B 122 26.70 -4.70 -17.68
CA VAL B 122 25.68 -5.30 -18.55
C VAL B 122 24.41 -4.52 -18.25
N ALA B 123 23.81 -4.00 -19.32
CA ALA B 123 22.43 -3.53 -19.37
C ALA B 123 21.50 -4.72 -19.48
N VAL B 124 20.56 -4.84 -18.54
CA VAL B 124 19.52 -5.83 -18.57
C VAL B 124 18.27 -5.10 -19.06
N LEU B 125 17.69 -5.62 -20.11
CA LEU B 125 16.44 -5.03 -20.66
C LEU B 125 15.29 -5.90 -20.30
N LYS B 126 14.24 -5.25 -19.83
CA LYS B 126 13.02 -5.93 -19.43
C LYS B 126 11.85 -5.30 -20.13
N TYR B 127 10.90 -6.15 -20.49
CA TYR B 127 9.59 -5.71 -21.07
C TYR B 127 8.51 -6.34 -20.25
N ASN B 128 7.62 -5.51 -19.69
CA ASN B 128 6.60 -5.94 -18.74
C ASN B 128 7.30 -6.77 -17.60
N GLY B 129 8.47 -6.33 -17.16
CA GLY B 129 9.19 -7.04 -16.08
C GLY B 129 9.82 -8.37 -16.35
N ILE B 130 9.81 -8.81 -17.62
CA ILE B 130 10.47 -10.02 -18.04
C ILE B 130 11.75 -9.60 -18.77
N ILE B 131 12.84 -10.28 -18.47
CA ILE B 131 14.10 -10.02 -19.14
C ILE B 131 13.96 -10.48 -20.62
N THR B 132 14.24 -9.55 -21.54
CA THR B 132 14.08 -9.77 -22.97
C THR B 132 15.37 -9.58 -23.75
N ASP B 133 16.39 -8.91 -23.16
CA ASP B 133 17.72 -8.86 -23.75
C ASP B 133 18.79 -8.41 -22.78
N THR B 134 20.03 -8.46 -23.23
CA THR B 134 21.13 -7.81 -22.53
C THR B 134 22.09 -7.19 -23.50
N ILE B 135 22.74 -6.12 -23.09
CA ILE B 135 23.85 -5.64 -23.88
C ILE B 135 25.04 -5.36 -22.92
N LYS B 136 26.22 -5.79 -23.30
CA LYS B 136 27.39 -5.71 -22.46
C LYS B 136 28.31 -4.64 -22.94
N SER B 137 29.05 -4.07 -21.99
CA SER B 137 30.08 -3.10 -22.24
C SER B 137 30.97 -3.53 -23.43
N TRP B 138 31.16 -2.66 -24.42
CA TRP B 138 32.04 -2.91 -25.59
C TRP B 138 33.38 -2.10 -25.51
N ARG B 139 33.51 -1.13 -24.59
CA ARG B 139 34.79 -0.44 -24.31
C ARG B 139 35.33 -0.66 -22.88
N ASN B 140 34.65 -1.51 -22.11
CA ASN B 140 35.07 -1.87 -20.75
C ASN B 140 35.30 -0.69 -19.87
N ASN B 141 34.50 0.33 -20.02
CA ASN B 141 34.70 1.54 -19.21
C ASN B 141 33.40 2.25 -18.89
N ILE B 142 32.78 1.75 -17.84
CA ILE B 142 31.51 2.25 -17.33
C ILE B 142 30.42 2.43 -18.41
N LEU B 143 29.89 1.31 -18.93
CA LEU B 143 28.67 1.39 -19.75
C LEU B 143 27.61 2.21 -18.98
N ARG B 144 27.04 3.21 -19.62
CA ARG B 144 26.09 4.13 -18.98
C ARG B 144 25.03 4.61 -19.95
N THR B 145 23.85 4.91 -19.44
CA THR B 145 22.77 5.35 -20.32
C THR B 145 22.08 6.62 -19.78
N GLN B 146 20.82 6.84 -20.18
CA GLN B 146 20.29 8.16 -20.16
C GLN B 146 20.06 8.76 -18.80
N GLU B 147 19.61 7.92 -17.84
CA GLU B 147 19.03 8.42 -16.57
C GLU B 147 17.81 9.29 -16.90
N SER B 148 17.17 8.97 -17.98
CA SER B 148 15.83 9.55 -18.27
C SER B 148 15.10 8.68 -19.21
N GLU B 149 13.86 9.04 -19.54
CA GLU B 149 13.05 8.16 -20.37
C GLU B 149 13.60 7.97 -21.73
N CYS B 150 13.53 6.71 -22.20
CA CYS B 150 13.67 6.44 -23.62
C CYS B 150 12.43 6.97 -24.41
N ALA B 151 12.49 6.90 -25.72
CA ALA B 151 11.47 7.53 -26.58
C ALA B 151 10.92 6.49 -27.50
N CYS B 152 9.59 6.48 -27.68
CA CYS B 152 8.94 5.42 -28.47
C CYS B 152 8.11 6.01 -29.59
N VAL B 153 8.20 5.37 -30.76
CA VAL B 153 7.40 5.74 -31.96
C VAL B 153 6.95 4.44 -32.59
N ASN B 154 5.63 4.25 -32.68
CA ASN B 154 5.02 3.11 -33.40
C ASN B 154 5.55 1.72 -33.02
N GLY B 155 5.68 1.45 -31.72
CA GLY B 155 6.13 0.12 -31.26
C GLY B 155 7.62 -0.08 -31.16
N SER B 156 8.40 0.94 -31.50
CA SER B 156 9.85 0.91 -31.39
C SER B 156 10.30 1.96 -30.37
N CYS B 157 11.14 1.56 -29.43
CA CYS B 157 11.73 2.45 -28.45
C CYS B 157 13.23 2.61 -28.66
N PHE B 158 13.74 3.77 -28.29
CA PHE B 158 15.05 4.21 -28.65
C PHE B 158 15.78 4.78 -27.44
N THR B 159 17.07 4.45 -27.35
CA THR B 159 17.91 5.02 -26.32
C THR B 159 19.31 5.13 -26.81
N VAL B 160 20.13 5.80 -26.02
CA VAL B 160 21.50 6.08 -26.31
C VAL B 160 22.33 5.51 -25.11
N MET B 161 23.43 4.81 -25.40
CA MET B 161 24.37 4.41 -24.35
C MET B 161 25.77 4.83 -24.70
N THR B 162 26.56 5.07 -23.68
CA THR B 162 27.96 5.52 -23.89
C THR B 162 28.88 4.52 -23.20
N ASP B 163 30.07 4.34 -23.75
CA ASP B 163 31.09 3.51 -23.09
C ASP B 163 32.46 4.10 -23.42
N GLY B 164 33.34 4.23 -22.41
CA GLY B 164 34.66 4.90 -22.57
C GLY B 164 34.95 5.89 -21.49
N PRO B 165 36.14 6.56 -21.59
CA PRO B 165 36.49 7.63 -20.66
C PRO B 165 35.46 8.72 -20.59
N ASN B 166 35.40 9.36 -19.45
CA ASN B 166 34.49 10.47 -19.23
C ASN B 166 35.19 11.84 -19.26
N ASN B 167 36.50 11.83 -19.60
CA ASN B 167 37.30 13.03 -19.78
C ASN B 167 38.02 13.05 -21.16
N GLY B 168 37.39 12.44 -22.14
CA GLY B 168 37.90 12.36 -23.50
C GLY B 168 36.93 11.70 -24.46
N GLN B 169 37.41 11.44 -25.67
CA GLN B 169 36.63 10.78 -26.68
C GLN B 169 36.10 9.46 -26.10
N ALA B 170 34.77 9.20 -26.24
CA ALA B 170 34.26 7.88 -25.89
C ALA B 170 33.45 7.34 -27.05
N SER B 171 32.72 6.24 -26.82
CA SER B 171 31.98 5.62 -27.84
C SER B 171 30.49 5.76 -27.47
N TYR B 172 29.67 6.00 -28.49
CA TYR B 172 28.24 6.35 -28.29
C TYR B 172 27.43 5.55 -29.25
N LYS B 173 26.46 4.80 -28.72
CA LYS B 173 25.74 3.88 -29.54
C LYS B 173 24.25 4.24 -29.45
N ILE B 174 23.51 3.98 -30.49
CA ILE B 174 22.05 4.25 -30.53
C ILE B 174 21.37 2.92 -30.79
N PHE B 175 20.26 2.69 -30.06
CA PHE B 175 19.57 1.42 -30.06
C PHE B 175 18.09 1.58 -30.45
N ARG B 176 17.63 0.63 -31.28
CA ARG B 176 16.20 0.44 -31.54
C ARG B 176 15.73 -0.82 -30.88
N ILE B 177 14.64 -0.71 -30.11
CA ILE B 177 14.17 -1.79 -29.26
C ILE B 177 12.65 -1.97 -29.41
N GLU B 178 12.25 -3.21 -29.63
CA GLU B 178 10.91 -3.62 -29.83
C GLU B 178 10.55 -4.82 -28.95
N LYS B 179 9.57 -4.61 -28.08
CA LYS B 179 9.19 -5.53 -27.12
C LYS B 179 10.41 -5.91 -26.25
N GLY B 180 11.25 -4.99 -25.95
CA GLY B 180 12.41 -5.26 -25.13
C GLY B 180 13.60 -5.92 -25.81
N LYS B 181 13.49 -6.26 -27.10
CA LYS B 181 14.58 -6.86 -27.86
C LYS B 181 15.28 -5.82 -28.70
N ILE B 182 16.63 -5.83 -28.65
CA ILE B 182 17.42 -4.94 -29.45
C ILE B 182 17.27 -5.44 -30.90
N VAL B 183 16.66 -4.62 -31.74
CA VAL B 183 16.52 -4.98 -33.17
C VAL B 183 17.51 -4.31 -34.09
N LYS B 184 18.06 -3.18 -33.66
CA LYS B 184 19.19 -2.59 -34.34
C LYS B 184 20.01 -1.70 -33.42
N SER B 185 21.31 -1.63 -33.69
CA SER B 185 22.21 -0.72 -32.95
C SER B 185 23.24 -0.13 -33.89
N VAL B 186 23.62 1.12 -33.71
CA VAL B 186 24.62 1.73 -34.58
C VAL B 186 25.59 2.43 -33.64
N GLU B 187 26.87 2.43 -33.99
CA GLU B 187 27.85 3.26 -33.25
C GLU B 187 28.03 4.57 -33.99
N MET B 188 27.88 5.69 -33.27
CA MET B 188 27.99 7.01 -33.86
C MET B 188 29.44 7.33 -34.28
N ASN B 189 29.54 7.88 -35.49
CA ASN B 189 30.78 8.45 -35.99
C ASN B 189 30.73 9.91 -35.54
N ALA B 190 31.36 10.22 -34.40
CA ALA B 190 31.30 11.58 -33.79
C ALA B 190 32.61 11.96 -33.17
N PRO B 191 33.65 12.08 -34.01
CA PRO B 191 34.96 12.49 -33.49
C PRO B 191 34.93 13.91 -32.91
N ASN B 192 35.61 14.14 -31.80
CA ASN B 192 35.58 15.41 -31.08
C ASN B 192 34.19 15.74 -30.47
N TYR B 193 33.25 14.80 -30.52
CA TYR B 193 31.94 15.03 -29.82
C TYR B 193 31.93 14.17 -28.62
N TYR B 194 31.09 14.54 -27.63
CA TYR B 194 30.87 13.65 -26.48
C TYR B 194 29.39 13.69 -26.01
N TYR B 195 28.83 12.55 -25.67
CA TYR B 195 27.39 12.39 -25.43
C TYR B 195 27.33 11.45 -24.27
N GLU B 196 26.64 11.87 -23.20
CA GLU B 196 26.11 10.92 -22.22
C GLU B 196 24.85 11.48 -21.59
N GLU B 197 24.18 10.66 -20.79
CA GLU B 197 22.94 11.06 -20.08
C GLU B 197 21.99 11.85 -21.01
N CYS B 198 21.66 11.25 -22.16
CA CYS B 198 20.86 11.91 -23.17
C CYS B 198 19.41 12.07 -22.75
N SER B 199 18.84 13.24 -23.02
CA SER B 199 17.39 13.42 -22.80
C SER B 199 16.81 13.36 -24.20
N CYS B 200 16.07 12.32 -24.47
CA CYS B 200 15.52 12.02 -25.81
C CYS B 200 14.00 12.05 -25.86
N TYR B 201 13.44 12.67 -26.89
CA TYR B 201 11.99 12.72 -27.04
C TYR B 201 11.60 12.45 -28.49
N PRO B 202 10.38 11.93 -28.70
CA PRO B 202 9.83 11.73 -30.03
C PRO B 202 9.17 13.03 -30.53
N ASP B 203 9.22 13.24 -31.84
CA ASP B 203 8.67 14.48 -32.44
C ASP B 203 8.52 14.19 -33.93
N SER B 204 7.28 14.09 -34.42
CA SER B 204 7.01 13.79 -35.85
C SER B 204 7.71 12.51 -36.34
N SER B 205 7.50 11.43 -35.59
CA SER B 205 8.07 10.09 -35.88
C SER B 205 9.61 9.97 -35.77
N GLU B 206 10.31 10.99 -35.28
CA GLU B 206 11.75 11.02 -35.20
C GLU B 206 12.19 11.32 -33.76
N ILE B 207 13.43 10.96 -33.43
CA ILE B 207 13.93 11.11 -32.02
C ILE B 207 14.90 12.26 -32.00
N THR B 208 14.76 13.15 -31.04
CA THR B 208 15.78 14.14 -30.77
C THR B 208 16.33 13.97 -29.35
N CYS B 209 17.63 13.90 -29.22
CA CYS B 209 18.31 13.81 -27.91
C CYS B 209 19.22 14.98 -27.72
N VAL B 210 19.21 15.51 -26.49
CA VAL B 210 20.05 16.58 -26.06
C VAL B 210 20.81 16.05 -24.83
N CYS B 211 22.14 16.08 -24.91
CA CYS B 211 22.91 15.31 -23.96
C CYS B 211 23.89 16.17 -23.17
N ARG B 212 24.81 15.48 -22.50
CA ARG B 212 25.86 16.12 -21.75
C ARG B 212 27.25 15.85 -22.35
N ASP B 213 27.98 16.92 -22.65
CA ASP B 213 29.38 16.80 -23.02
C ASP B 213 30.24 17.04 -21.78
N ASN B 214 30.73 15.95 -21.18
CA ASN B 214 31.61 15.96 -19.98
C ASN B 214 33.09 16.15 -20.32
N TRP B 215 33.41 16.12 -21.61
CA TRP B 215 34.83 16.20 -22.06
C TRP B 215 35.27 17.65 -22.25
N HIS B 216 34.64 18.37 -23.13
CA HIS B 216 35.10 19.72 -23.47
C HIS B 216 34.01 20.60 -24.08
N GLY B 217 32.79 20.53 -23.55
CA GLY B 217 31.68 21.32 -24.09
C GLY B 217 30.81 21.89 -23.00
N SER B 218 30.55 23.19 -23.03
CA SER B 218 29.68 23.87 -22.07
C SER B 218 28.36 24.28 -22.66
N ASN B 219 28.22 24.07 -23.97
CA ASN B 219 26.95 23.89 -24.61
C ASN B 219 26.67 22.39 -24.72
N ARG B 220 25.43 22.08 -25.07
CA ARG B 220 24.98 20.70 -25.10
C ARG B 220 25.02 20.10 -26.50
N PRO B 221 25.61 18.92 -26.59
CA PRO B 221 25.47 18.18 -27.84
C PRO B 221 24.06 17.62 -28.08
N TRP B 222 23.72 17.44 -29.33
CA TRP B 222 22.47 16.78 -29.75
C TRP B 222 22.65 15.77 -30.89
N VAL B 223 21.72 14.83 -30.99
CA VAL B 223 21.66 13.75 -32.05
C VAL B 223 20.20 13.50 -32.25
N SER B 224 19.82 13.46 -33.50
CA SER B 224 18.51 13.14 -33.90
C SER B 224 18.64 12.03 -34.94
N PHE B 225 17.62 11.19 -34.99
CA PHE B 225 17.63 10.04 -35.86
C PHE B 225 16.25 9.54 -36.18
N ASN B 226 16.14 8.77 -37.25
CA ASN B 226 14.86 8.18 -37.60
C ASN B 226 14.80 6.74 -37.13
N GLN B 227 13.75 6.02 -37.52
CA GLN B 227 13.55 4.63 -37.08
C GLN B 227 14.62 3.67 -37.52
N ASN B 228 15.31 4.01 -38.61
CA ASN B 228 16.45 3.22 -39.11
C ASN B 228 17.78 3.65 -38.45
N LEU B 229 17.72 4.57 -37.47
CA LEU B 229 18.90 5.03 -36.80
C LEU B 229 19.93 5.71 -37.71
N GLU B 230 19.43 6.32 -38.77
CA GLU B 230 20.22 7.22 -39.56
C GLU B 230 20.11 8.53 -38.82
N TYR B 231 21.24 9.12 -38.53
CA TYR B 231 21.35 10.16 -37.52
C TYR B 231 22.02 11.41 -38.05
N GLN B 232 21.76 12.55 -37.41
CA GLN B 232 22.49 13.77 -37.59
C GLN B 232 22.99 14.27 -36.24
N ILE B 233 24.04 15.05 -36.25
CA ILE B 233 24.71 15.46 -34.98
C ILE B 233 25.08 16.91 -35.00
N GLY B 234 25.10 17.52 -33.81
CA GLY B 234 25.48 18.90 -33.64
C GLY B 234 25.51 19.30 -32.21
N TYR B 235 25.78 20.56 -31.95
CA TYR B 235 25.65 21.14 -30.59
C TYR B 235 24.73 22.33 -30.71
N ILE B 236 24.07 22.66 -29.60
CA ILE B 236 23.16 23.78 -29.53
C ILE B 236 23.98 25.05 -29.68
N CYS B 237 23.59 25.90 -30.63
CA CYS B 237 24.44 27.08 -31.05
C CYS B 237 24.37 28.27 -30.16
N SER B 238 23.27 28.39 -29.43
CA SER B 238 22.97 29.53 -28.57
C SER B 238 24.09 29.84 -27.70
N GLY B 239 24.33 31.15 -27.57
CA GLY B 239 25.17 31.77 -26.56
C GLY B 239 24.71 31.72 -25.11
N ILE B 240 23.48 31.25 -24.91
CA ILE B 240 22.91 30.87 -23.60
C ILE B 240 23.30 29.40 -23.37
N PHE B 241 24.45 29.26 -22.71
CA PHE B 241 25.09 27.95 -22.57
C PHE B 241 24.30 27.12 -21.58
N GLY B 242 24.11 25.88 -21.96
CA GLY B 242 23.21 25.00 -21.20
C GLY B 242 23.79 24.10 -20.13
N ASP B 243 25.10 23.86 -20.16
CA ASP B 243 25.66 22.85 -19.23
C ASP B 243 26.00 23.58 -17.94
N ASN B 244 26.39 22.81 -16.93
CA ASN B 244 26.92 23.34 -15.67
C ASN B 244 28.11 22.43 -15.34
N PRO B 245 29.34 22.94 -15.20
CA PRO B 245 29.67 24.35 -15.31
C PRO B 245 29.64 24.90 -16.74
N ARG B 246 29.82 26.21 -16.85
CA ARG B 246 29.81 26.88 -18.14
C ARG B 246 30.35 28.30 -17.92
N PRO B 247 30.68 29.01 -19.01
CA PRO B 247 31.00 30.44 -18.81
C PRO B 247 29.71 31.24 -18.79
N ASN B 248 29.85 32.55 -18.57
CA ASN B 248 28.77 33.50 -18.69
C ASN B 248 28.39 33.55 -20.12
N ASP B 249 27.16 33.96 -20.39
CA ASP B 249 26.61 33.93 -21.75
C ASP B 249 27.39 34.92 -22.64
N LYS B 250 27.69 34.48 -23.86
CA LYS B 250 28.41 35.25 -24.86
C LYS B 250 28.07 34.67 -26.20
N THR B 251 28.87 34.93 -27.23
CA THR B 251 28.66 34.26 -28.49
C THR B 251 28.93 32.77 -28.36
N GLY B 252 28.00 31.97 -28.85
CA GLY B 252 28.06 30.52 -28.75
C GLY B 252 28.83 29.87 -29.90
N SER B 253 28.70 28.55 -30.00
CA SER B 253 29.26 27.80 -31.13
C SER B 253 28.35 26.66 -31.48
N CYS B 254 28.40 26.26 -32.76
CA CYS B 254 27.68 25.11 -33.25
C CYS B 254 28.45 23.80 -33.08
N GLY B 255 29.70 23.86 -32.57
CA GLY B 255 30.40 22.69 -32.04
C GLY B 255 30.62 22.85 -30.54
N PRO B 256 31.46 21.98 -29.94
CA PRO B 256 31.64 22.13 -28.49
C PRO B 256 32.32 23.45 -28.11
N VAL B 257 31.82 24.07 -27.05
CA VAL B 257 32.41 25.25 -26.44
C VAL B 257 33.39 24.84 -25.34
N SER B 258 34.70 24.99 -25.56
CA SER B 258 35.65 24.42 -24.62
C SER B 258 35.75 25.16 -23.29
N SER B 259 35.41 26.45 -23.28
CA SER B 259 35.45 27.19 -22.05
C SER B 259 34.50 26.65 -21.00
N ASN B 260 35.07 26.26 -19.87
CA ASN B 260 34.40 25.58 -18.81
C ASN B 260 33.80 24.27 -19.21
N GLY B 261 34.37 23.66 -20.27
CA GLY B 261 33.69 22.59 -20.89
C GLY B 261 33.78 21.24 -20.22
N ALA B 262 34.85 20.95 -19.47
CA ALA B 262 34.98 19.67 -18.76
C ALA B 262 33.87 19.61 -17.69
N ASN B 263 33.44 18.40 -17.36
N ASN B 263 33.44 18.41 -17.31
CA ASN B 263 32.45 18.17 -16.37
CA ASN B 263 32.44 18.21 -16.28
C ASN B 263 31.12 18.62 -16.97
C ASN B 263 31.13 18.62 -16.95
N GLY B 264 30.06 18.52 -16.18
CA GLY B 264 28.77 18.90 -16.64
C GLY B 264 27.69 18.38 -15.71
N VAL B 265 26.50 18.35 -16.21
CA VAL B 265 25.30 17.87 -15.52
C VAL B 265 24.33 17.40 -16.58
N LYS B 266 23.56 16.34 -16.29
CA LYS B 266 22.46 15.94 -17.14
C LYS B 266 21.51 17.06 -17.31
N GLY B 267 21.11 17.29 -18.55
CA GLY B 267 20.04 18.19 -18.90
C GLY B 267 19.27 17.88 -20.17
N PHE B 268 18.51 18.89 -20.56
CA PHE B 268 17.62 18.72 -21.67
C PHE B 268 17.43 20.08 -22.43
N SER B 269 16.90 19.96 -23.64
CA SER B 269 16.29 21.12 -24.32
C SER B 269 15.28 20.63 -25.34
N PHE B 270 14.33 21.48 -25.74
CA PHE B 270 13.34 21.13 -26.76
C PHE B 270 13.57 22.03 -27.97
N LYS B 271 13.68 21.40 -29.14
CA LYS B 271 13.81 22.08 -30.45
C LYS B 271 12.49 22.36 -31.12
N TYR B 272 12.37 23.58 -31.65
CA TYR B 272 11.15 24.06 -32.25
C TYR B 272 11.66 24.90 -33.43
N GLY B 273 11.73 24.26 -34.59
CA GLY B 273 12.50 24.79 -35.74
C GLY B 273 13.90 25.24 -35.37
N ASN B 274 14.19 26.52 -35.62
CA ASN B 274 15.48 27.13 -35.30
C ASN B 274 15.53 27.60 -33.84
N GLY B 275 14.39 27.59 -33.14
CA GLY B 275 14.40 28.02 -31.71
C GLY B 275 14.59 26.85 -30.74
N VAL B 276 14.75 27.22 -29.47
CA VAL B 276 15.01 26.21 -28.44
C VAL B 276 14.46 26.70 -27.08
N TRP B 277 13.78 25.82 -26.36
CA TRP B 277 13.61 25.95 -24.91
C TRP B 277 14.76 25.27 -24.18
N ILE B 278 15.53 26.07 -23.44
CA ILE B 278 16.64 25.62 -22.65
C ILE B 278 16.30 25.60 -21.13
N GLY B 279 16.46 24.42 -20.51
CA GLY B 279 16.52 24.34 -19.04
C GLY B 279 17.95 24.23 -18.60
N ARG B 280 18.33 24.99 -17.59
CA ARG B 280 19.67 25.03 -17.10
C ARG B 280 19.64 25.58 -15.69
N THR B 281 20.77 25.40 -15.06
CA THR B 281 21.03 25.86 -13.65
C THR B 281 21.15 27.37 -13.72
N LYS B 282 20.94 28.07 -12.61
CA LYS B 282 21.06 29.55 -12.61
C LYS B 282 22.52 29.92 -12.31
N SER B 283 23.23 29.15 -11.49
CA SER B 283 24.67 29.32 -11.31
C SER B 283 25.47 28.79 -12.50
N ILE B 284 26.55 29.51 -12.88
CA ILE B 284 27.47 29.01 -13.91
C ILE B 284 28.48 27.93 -13.43
N SER B 285 28.65 27.80 -12.13
CA SER B 285 29.65 26.99 -11.50
C SER B 285 29.27 25.83 -10.61
N SER B 286 28.05 25.85 -10.05
CA SER B 286 27.54 24.74 -9.26
C SER B 286 26.07 24.48 -9.56
N ARG B 287 25.58 23.35 -9.05
CA ARG B 287 24.21 22.93 -9.28
C ARG B 287 23.21 23.69 -8.42
N ASN B 288 23.07 24.99 -8.73
CA ASN B 288 22.14 25.87 -8.02
C ASN B 288 21.19 26.59 -8.98
N GLY B 289 19.96 26.62 -8.55
CA GLY B 289 18.90 27.26 -9.27
C GLY B 289 18.54 26.44 -10.49
N PHE B 290 17.48 26.90 -11.06
CA PHE B 290 16.97 26.42 -12.29
C PHE B 290 16.06 27.48 -13.00
N GLU B 291 16.12 27.51 -14.32
CA GLU B 291 15.31 28.41 -15.11
C GLU B 291 15.10 27.78 -16.46
N MET B 292 14.02 28.15 -17.13
CA MET B 292 13.72 27.86 -18.50
C MET B 292 13.78 29.12 -19.39
N ILE B 293 14.40 28.97 -20.57
CA ILE B 293 14.71 30.10 -21.49
C ILE B 293 14.33 29.72 -22.85
N TRP B 294 13.50 30.55 -23.49
CA TRP B 294 13.07 30.37 -24.88
C TRP B 294 13.95 31.27 -25.70
N ASP B 295 14.75 30.66 -26.55
CA ASP B 295 15.61 31.41 -27.48
C ASP B 295 15.10 31.08 -28.88
N PRO B 296 14.38 32.03 -29.54
CA PRO B 296 13.72 31.70 -30.78
C PRO B 296 14.68 31.38 -32.00
N ASN B 297 15.99 31.67 -31.88
CA ASN B 297 17.00 31.21 -32.86
C ASN B 297 18.18 30.43 -32.24
N GLY B 298 17.99 29.95 -31.00
CA GLY B 298 19.08 29.35 -30.24
C GLY B 298 19.52 27.96 -30.69
N TRP B 299 18.73 27.27 -31.50
CA TRP B 299 19.16 25.96 -31.95
C TRP B 299 20.36 26.14 -32.89
N THR B 300 20.19 27.05 -33.87
CA THR B 300 21.16 27.26 -34.96
C THR B 300 21.95 28.58 -34.89
N GLY B 301 21.51 29.54 -34.07
CA GLY B 301 22.19 30.82 -33.92
C GLY B 301 23.03 30.93 -32.66
N THR B 302 24.08 31.73 -32.75
CA THR B 302 25.13 31.79 -31.73
C THR B 302 25.06 33.04 -30.82
N ASP B 303 24.15 33.96 -31.08
CA ASP B 303 24.01 35.12 -30.19
C ASP B 303 23.45 34.66 -28.85
N ASN B 304 23.68 35.49 -27.83
CA ASN B 304 23.14 35.26 -26.49
C ASN B 304 21.87 36.08 -26.23
N ASN B 305 21.11 36.40 -27.27
CA ASN B 305 19.85 37.06 -27.05
C ASN B 305 18.73 36.01 -26.94
N PHE B 306 17.77 36.25 -26.06
CA PHE B 306 16.59 35.38 -25.90
C PHE B 306 15.38 36.21 -25.55
N SER B 307 14.20 35.58 -25.62
CA SER B 307 12.97 36.27 -25.46
C SER B 307 12.12 35.96 -24.21
N ILE B 308 12.19 34.73 -23.63
CA ILE B 308 11.45 34.42 -22.36
C ILE B 308 12.39 33.69 -21.41
N LYS B 309 12.36 34.09 -20.13
CA LYS B 309 13.01 33.37 -19.02
C LYS B 309 11.97 33.14 -17.91
N GLN B 310 11.86 31.90 -17.42
CA GLN B 310 10.88 31.61 -16.41
C GLN B 310 11.65 30.98 -15.30
N ASP B 311 11.63 31.61 -14.14
CA ASP B 311 12.30 31.04 -12.96
C ASP B 311 11.59 29.72 -12.44
N ILE B 312 12.40 28.77 -12.04
CA ILE B 312 11.93 27.48 -11.47
C ILE B 312 12.52 27.20 -10.08
N VAL B 313 13.83 27.42 -9.93
CA VAL B 313 14.46 27.29 -8.63
C VAL B 313 15.40 28.49 -8.50
N GLY B 314 15.30 29.16 -7.34
CA GLY B 314 16.14 30.32 -6.97
C GLY B 314 17.63 30.05 -6.91
N ILE B 315 18.44 31.02 -7.35
CA ILE B 315 19.88 30.86 -7.46
C ILE B 315 20.61 30.35 -6.20
N ASN B 316 20.12 30.69 -5.02
CA ASN B 316 20.73 30.19 -3.77
C ASN B 316 20.18 28.85 -3.27
N GLU B 317 19.45 28.13 -4.14
CA GLU B 317 18.84 26.86 -3.76
C GLU B 317 19.48 25.75 -4.55
N TRP B 318 19.55 24.57 -3.95
CA TRP B 318 20.23 23.41 -4.58
C TRP B 318 19.40 22.85 -5.74
N SER B 319 20.13 22.54 -6.82
CA SER B 319 19.68 22.13 -8.07
C SER B 319 20.16 20.70 -8.31
N GLY B 320 20.30 20.32 -9.58
CA GLY B 320 20.83 18.99 -9.90
C GLY B 320 20.50 18.65 -11.37
N TYR B 321 20.35 17.36 -11.63
CA TYR B 321 19.91 16.86 -12.95
C TYR B 321 18.55 17.35 -13.34
N SER B 322 18.34 17.36 -14.69
CA SER B 322 17.05 17.70 -15.18
C SER B 322 16.84 16.89 -16.41
N GLY B 323 15.64 16.61 -16.71
CA GLY B 323 15.43 15.87 -17.97
C GLY B 323 14.08 16.04 -18.61
N SER B 324 13.98 15.79 -19.89
CA SER B 324 12.65 15.77 -20.55
C SER B 324 11.77 14.56 -20.22
N PHE B 325 10.45 14.80 -20.24
CA PHE B 325 9.51 13.72 -20.47
C PHE B 325 8.32 14.23 -21.28
N VAL B 326 7.68 13.36 -22.03
CA VAL B 326 6.54 13.77 -22.85
C VAL B 326 5.26 13.11 -22.38
N GLN B 327 4.14 13.75 -22.71
CA GLN B 327 2.84 13.13 -22.64
C GLN B 327 2.33 13.05 -24.08
N HIS B 328 2.10 11.83 -24.56
CA HIS B 328 1.60 11.59 -25.90
C HIS B 328 0.09 11.90 -25.98
N PRO B 329 -0.40 12.17 -27.20
CA PRO B 329 -1.85 12.28 -27.42
C PRO B 329 -2.71 11.15 -26.86
N GLU B 330 -2.20 9.92 -26.89
CA GLU B 330 -2.96 8.78 -26.38
C GLU B 330 -3.28 8.96 -24.87
N LEU B 331 -2.42 9.67 -24.16
CA LEU B 331 -2.64 10.01 -22.74
C LEU B 331 -3.51 11.28 -22.51
N THR B 332 -3.22 12.33 -23.26
CA THR B 332 -3.81 13.66 -23.05
C THR B 332 -5.09 13.97 -23.85
N GLY B 333 -5.31 13.26 -24.95
CA GLY B 333 -6.35 13.65 -25.91
C GLY B 333 -6.00 14.89 -26.76
N LEU B 334 -4.79 15.44 -26.64
CA LEU B 334 -4.35 16.55 -27.50
C LEU B 334 -3.93 16.04 -28.91
N ASP B 335 -3.62 16.96 -29.83
CA ASP B 335 -3.22 16.55 -31.19
C ASP B 335 -1.69 16.66 -31.41
N CYS B 336 -0.95 16.86 -30.33
CA CYS B 336 0.49 17.04 -30.36
C CYS B 336 1.10 16.35 -29.14
N ILE B 337 2.43 16.21 -29.18
CA ILE B 337 3.18 15.57 -28.10
C ILE B 337 3.48 16.65 -27.11
N ARG B 338 2.96 16.54 -25.89
CA ARG B 338 3.23 17.60 -24.89
C ARG B 338 4.62 17.50 -24.21
N PRO B 339 5.45 18.55 -24.23
CA PRO B 339 6.71 18.49 -23.54
C PRO B 339 6.53 18.81 -22.07
N CYS B 340 7.25 18.05 -21.24
CA CYS B 340 7.30 18.30 -19.81
C CYS B 340 8.74 18.16 -19.43
N PHE B 341 9.07 18.53 -18.20
CA PHE B 341 10.45 18.32 -17.69
C PHE B 341 10.45 18.13 -16.18
N TRP B 342 11.49 17.48 -15.68
CA TRP B 342 11.64 17.31 -14.23
C TRP B 342 12.99 17.91 -13.83
N VAL B 343 13.16 18.19 -12.56
CA VAL B 343 14.41 18.65 -12.01
C VAL B 343 14.65 17.89 -10.74
N GLU B 344 15.85 17.39 -10.64
CA GLU B 344 16.37 16.69 -9.46
C GLU B 344 17.00 17.71 -8.53
N LEU B 345 16.54 17.77 -7.26
CA LEU B 345 17.05 18.71 -6.30
C LEU B 345 17.97 17.91 -5.35
N ILE B 346 19.28 18.02 -5.55
CA ILE B 346 20.22 17.19 -4.86
C ILE B 346 20.52 17.78 -3.51
N ARG B 347 20.51 16.96 -2.50
CA ARG B 347 21.02 17.31 -1.17
C ARG B 347 22.08 16.40 -0.63
N GLY B 348 22.94 16.97 0.25
CA GLY B 348 24.01 16.28 0.89
C GLY B 348 25.38 16.50 0.27
N ARG B 349 26.16 15.43 0.13
CA ARG B 349 27.52 15.56 -0.45
C ARG B 349 27.44 15.88 -1.93
N PRO B 350 28.39 16.62 -2.51
CA PRO B 350 29.61 17.10 -1.81
C PRO B 350 29.42 18.50 -1.23
N LYS B 351 28.26 19.11 -1.48
CA LYS B 351 28.08 20.54 -1.13
C LYS B 351 27.68 20.80 0.31
N GLU B 352 27.12 19.82 0.98
CA GLU B 352 26.69 19.91 2.37
C GLU B 352 27.33 18.88 3.26
N ASN B 353 27.36 19.15 4.57
CA ASN B 353 28.11 18.36 5.51
C ASN B 353 27.27 17.23 6.08
N THR B 354 27.09 16.21 5.26
CA THR B 354 26.28 15.06 5.59
C THR B 354 27.10 13.83 5.29
N ILE B 355 26.63 12.64 5.69
CA ILE B 355 27.28 11.41 5.33
C ILE B 355 26.69 10.87 4.02
N TRP B 356 25.62 11.51 3.53
CA TRP B 356 24.78 10.91 2.46
C TRP B 356 24.55 11.93 1.34
N THR B 357 24.01 11.44 0.21
CA THR B 357 23.60 12.27 -0.90
C THR B 357 22.22 11.70 -1.36
N SER B 358 21.23 12.58 -1.52
CA SER B 358 19.92 12.09 -1.95
C SER B 358 19.16 13.26 -2.50
N GLY B 359 18.18 13.00 -3.32
CA GLY B 359 17.50 14.02 -4.13
C GLY B 359 15.99 14.01 -3.95
N SER B 360 15.32 15.18 -4.07
CA SER B 360 13.90 15.16 -4.26
C SER B 360 13.65 15.62 -5.71
N SER B 361 12.41 15.86 -6.06
CA SER B 361 12.14 16.29 -7.42
C SER B 361 10.98 17.20 -7.54
N ILE B 362 10.96 17.89 -8.67
CA ILE B 362 9.83 18.77 -9.10
C ILE B 362 9.63 18.53 -10.62
N SER B 363 8.41 18.72 -11.17
CA SER B 363 8.18 18.63 -12.58
C SER B 363 7.09 19.62 -13.02
N PHE B 364 7.19 19.92 -14.29
CA PHE B 364 6.51 21.01 -14.92
C PHE B 364 6.02 20.49 -16.28
N CYS B 365 4.82 20.86 -16.68
CA CYS B 365 4.40 20.64 -18.09
C CYS B 365 4.22 21.91 -18.91
N GLY B 366 4.56 21.83 -20.19
CA GLY B 366 4.41 23.02 -21.08
C GLY B 366 2.95 23.31 -21.36
N VAL B 367 2.59 24.60 -21.33
CA VAL B 367 1.26 25.04 -21.62
C VAL B 367 1.37 26.35 -22.41
N ASN B 368 0.23 26.77 -22.97
CA ASN B 368 0.07 28.10 -23.53
C ASN B 368 -0.79 29.06 -22.74
N SER B 369 -1.21 28.66 -21.56
CA SER B 369 -2.03 29.51 -20.75
C SER B 369 -1.04 30.18 -19.81
N ASP B 370 -1.55 30.99 -18.89
CA ASP B 370 -0.67 31.78 -18.06
C ASP B 370 0.07 30.98 -17.03
N THR B 371 1.27 31.43 -16.73
CA THR B 371 2.19 30.74 -15.84
C THR B 371 2.93 31.77 -15.04
N VAL B 372 3.77 31.34 -14.11
CA VAL B 372 4.51 32.27 -13.30
C VAL B 372 5.83 31.68 -12.91
N GLY B 373 6.85 32.51 -12.87
CA GLY B 373 8.12 32.05 -12.33
C GLY B 373 8.06 32.06 -10.82
N TRP B 374 8.83 31.17 -10.17
CA TRP B 374 8.94 31.17 -8.71
C TRP B 374 10.11 30.32 -8.30
N SER B 375 10.17 29.91 -7.02
CA SER B 375 11.21 28.93 -6.63
C SER B 375 10.52 27.78 -5.86
N TRP B 376 10.71 26.53 -6.31
CA TRP B 376 10.14 25.35 -5.65
C TRP B 376 11.28 24.44 -5.23
N PRO B 377 12.01 24.82 -4.16
CA PRO B 377 13.28 24.17 -3.77
C PRO B 377 13.06 22.89 -2.96
N ASP B 378 14.12 22.23 -2.56
CA ASP B 378 13.95 20.92 -1.91
C ASP B 378 13.30 21.11 -0.51
N GLY B 379 13.81 22.09 0.22
CA GLY B 379 13.19 22.46 1.47
C GLY B 379 13.67 21.78 2.75
N ALA B 380 14.51 20.76 2.63
CA ALA B 380 14.95 20.07 3.81
C ALA B 380 16.01 20.91 4.59
N GLU B 381 16.08 20.72 5.91
CA GLU B 381 17.06 21.39 6.80
C GLU B 381 18.10 20.33 7.12
N LEU B 382 19.30 20.55 6.60
CA LEU B 382 20.46 19.66 6.81
C LEU B 382 21.40 20.36 7.83
N PRO B 383 22.21 19.60 8.54
CA PRO B 383 22.24 18.14 8.51
C PRO B 383 21.02 17.47 9.14
N PHE B 384 20.95 16.16 8.98
CA PHE B 384 19.95 15.31 9.62
C PHE B 384 20.55 14.66 10.86
N THR B 385 19.69 14.01 11.64
CA THR B 385 20.06 13.26 12.86
C THR B 385 21.21 12.27 12.67
N ILE B 386 21.25 11.56 11.53
CA ILE B 386 22.28 10.59 11.23
C ILE B 386 23.69 11.19 11.00
N ASP B 387 23.75 12.48 10.69
CA ASP B 387 24.97 13.15 10.36
C ASP B 387 25.78 13.51 11.63
N SER C 1 -19.18 4.42 -17.54
CA SER C 1 -18.90 5.78 -16.99
C SER C 1 -19.85 6.87 -17.56
N VAL C 2 -20.58 7.56 -16.68
CA VAL C 2 -21.52 8.59 -17.14
C VAL C 2 -21.48 9.83 -16.24
N LYS C 3 -21.66 10.98 -16.87
CA LYS C 3 -21.73 12.28 -16.16
C LYS C 3 -22.78 12.27 -15.08
N LEU C 4 -22.45 12.83 -13.92
CA LEU C 4 -23.45 13.02 -12.89
C LEU C 4 -24.51 14.02 -13.42
N ALA C 5 -25.78 13.70 -13.16
CA ALA C 5 -26.91 14.53 -13.68
C ALA C 5 -26.99 15.84 -12.93
N GLY C 6 -27.00 15.74 -11.60
CA GLY C 6 -27.06 16.92 -10.73
C GLY C 6 -28.36 17.72 -10.82
N ASN C 7 -29.42 17.06 -11.25
CA ASN C 7 -30.70 17.72 -11.48
C ASN C 7 -31.78 17.42 -10.44
N SER C 8 -31.52 16.50 -9.50
CA SER C 8 -32.45 16.26 -8.40
C SER C 8 -32.25 17.29 -7.27
N SER C 9 -33.18 17.31 -6.33
CA SER C 9 -33.12 18.21 -5.20
C SER C 9 -32.23 17.62 -4.12
N LEU C 10 -31.81 18.48 -3.21
CA LEU C 10 -31.19 18.03 -1.95
C LEU C 10 -32.14 17.18 -1.14
N CYS C 11 -31.65 16.06 -0.59
CA CYS C 11 -32.43 15.23 0.27
C CYS C 11 -32.73 16.02 1.57
N PRO C 12 -33.99 16.07 1.97
CA PRO C 12 -34.32 16.69 3.27
C PRO C 12 -33.87 15.79 4.40
N VAL C 13 -33.28 16.39 5.40
CA VAL C 13 -32.72 15.53 6.48
C VAL C 13 -33.13 16.00 7.85
N SER C 14 -33.28 15.06 8.77
CA SER C 14 -33.65 15.36 10.16
C SER C 14 -32.48 15.40 11.14
N GLY C 15 -31.35 14.85 10.75
CA GLY C 15 -30.17 14.86 11.55
C GLY C 15 -29.01 14.23 10.79
N TRP C 16 -27.91 14.07 11.51
CA TRP C 16 -26.61 13.81 10.91
C TRP C 16 -26.02 12.53 11.54
N ALA C 17 -25.72 11.55 10.67
CA ALA C 17 -25.10 10.26 11.10
C ALA C 17 -23.62 10.31 10.88
N ILE C 18 -22.82 9.92 11.87
CA ILE C 18 -21.36 9.95 11.68
C ILE C 18 -20.88 9.00 10.61
N TYR C 19 -20.01 9.54 9.75
CA TYR C 19 -19.62 8.85 8.53
C TYR C 19 -18.13 8.39 8.67
N SER C 20 -17.26 9.28 9.15
CA SER C 20 -15.84 8.98 9.18
C SER C 20 -15.14 9.74 10.31
N LYS C 21 -14.06 9.18 10.82
CA LYS C 21 -13.12 9.92 11.76
C LYS C 21 -11.80 9.32 11.48
N ASP C 22 -10.77 10.13 11.28
CA ASP C 22 -9.45 9.51 10.91
C ASP C 22 -8.35 9.41 12.01
N ASN C 23 -8.50 10.19 13.07
CA ASN C 23 -7.58 10.17 14.24
C ASN C 23 -6.18 10.48 13.80
N SER C 24 -6.00 11.34 12.78
CA SER C 24 -4.67 11.55 12.16
C SER C 24 -3.59 12.02 13.17
N VAL C 25 -3.96 12.98 14.04
CA VAL C 25 -2.98 13.55 14.92
C VAL C 25 -2.55 12.48 15.98
N ARG C 26 -3.53 11.70 16.46
CA ARG C 26 -3.31 10.63 17.45
C ARG C 26 -2.33 9.62 16.81
N ILE C 27 -2.62 9.22 15.59
CA ILE C 27 -1.85 8.23 14.91
C ILE C 27 -0.46 8.75 14.50
N GLY C 28 -0.38 10.04 14.17
CA GLY C 28 0.90 10.64 13.79
C GLY C 28 1.90 10.86 14.93
N SER C 29 1.46 10.71 16.17
CA SER C 29 2.40 10.68 17.28
C SER C 29 3.49 9.56 17.08
N LYS C 30 3.12 8.43 16.47
CA LYS C 30 4.08 7.42 16.16
C LYS C 30 4.21 7.20 14.63
N GLY C 31 3.09 7.05 13.95
CA GLY C 31 3.16 6.75 12.50
C GLY C 31 3.56 7.88 11.57
N ASP C 32 3.71 7.58 10.25
CA ASP C 32 4.13 8.56 9.31
C ASP C 32 2.87 9.19 8.69
N VAL C 33 2.48 10.35 9.19
CA VAL C 33 1.24 11.00 8.81
C VAL C 33 1.68 12.40 8.44
N PHE C 34 1.15 12.89 7.32
CA PHE C 34 1.43 14.26 6.90
C PHE C 34 0.96 15.28 7.87
N VAL C 35 1.80 16.33 8.08
CA VAL C 35 1.24 17.56 8.55
C VAL C 35 0.31 18.15 7.50
N ILE C 36 -0.95 18.43 7.89
CA ILE C 36 -1.90 18.92 6.94
C ILE C 36 -2.82 19.98 7.54
N ARG C 37 -3.31 20.87 6.70
CA ARG C 37 -4.54 21.58 7.01
C ARG C 37 -5.44 21.68 5.77
N GLU C 38 -6.59 22.33 5.90
CA GLU C 38 -7.54 22.52 4.80
C GLU C 38 -7.96 21.16 4.20
N PRO C 39 -8.35 20.19 5.04
CA PRO C 39 -8.88 18.97 4.47
C PRO C 39 -10.26 19.16 3.85
N PHE C 40 -10.69 18.24 2.99
CA PHE C 40 -12.06 18.19 2.54
C PHE C 40 -12.37 16.85 1.85
N ILE C 41 -13.68 16.61 1.75
CA ILE C 41 -14.11 15.32 1.23
C ILE C 41 -14.84 15.55 -0.08
N SER C 42 -14.64 14.64 -1.01
CA SER C 42 -15.39 14.72 -2.29
C SER C 42 -15.46 13.29 -2.82
N CYS C 43 -16.54 13.00 -3.55
CA CYS C 43 -16.87 11.65 -3.95
C CYS C 43 -16.97 11.49 -5.45
N SER C 44 -16.62 10.31 -5.94
CA SER C 44 -16.91 9.95 -7.34
C SER C 44 -18.21 9.10 -7.34
N PRO C 45 -18.70 8.63 -8.52
CA PRO C 45 -19.81 7.66 -8.45
C PRO C 45 -19.47 6.32 -7.78
N LEU C 46 -18.19 6.09 -7.43
CA LEU C 46 -17.68 4.84 -6.80
C LEU C 46 -17.06 4.91 -5.39
N GLU C 47 -16.51 6.05 -4.98
CA GLU C 47 -15.85 6.11 -3.63
C GLU C 47 -15.75 7.55 -3.18
N CYS C 48 -15.55 7.75 -1.86
CA CYS C 48 -15.28 9.06 -1.27
C CYS C 48 -13.85 9.16 -0.79
N ARG C 49 -13.27 10.38 -0.92
CA ARG C 49 -11.90 10.63 -0.72
C ARG C 49 -11.67 11.89 0.07
N THR C 50 -10.62 11.87 0.88
CA THR C 50 -10.24 13.02 1.62
C THR C 50 -9.10 13.64 0.85
N PHE C 51 -9.25 14.95 0.59
CA PHE C 51 -8.33 15.82 -0.06
C PHE C 51 -7.76 16.73 1.07
N PHE C 52 -6.51 17.11 0.95
CA PHE C 52 -5.89 17.92 1.97
C PHE C 52 -4.62 18.59 1.48
N LEU C 53 -4.30 19.71 2.11
CA LEU C 53 -3.04 20.39 1.80
C LEU C 53 -1.94 19.99 2.73
N THR C 54 -0.97 19.28 2.18
CA THR C 54 0.15 18.95 3.01
C THR C 54 1.10 20.14 3.31
N GLN C 55 1.97 19.97 4.30
CA GLN C 55 3.09 20.89 4.49
C GLN C 55 4.40 20.34 4.00
N GLY C 56 4.35 19.20 3.31
CA GLY C 56 5.58 18.58 2.85
C GLY C 56 6.44 18.06 3.99
N ALA C 57 5.78 17.67 5.05
CA ALA C 57 6.41 17.30 6.28
C ALA C 57 5.54 16.29 7.01
N LEU C 58 6.13 15.48 7.86
CA LEU C 58 5.38 14.56 8.69
C LEU C 58 5.27 15.05 10.17
N LEU C 59 4.20 14.65 10.83
CA LEU C 59 4.07 14.90 12.27
C LEU C 59 5.22 14.31 13.09
N ASN C 60 5.67 15.11 14.04
CA ASN C 60 6.62 14.67 15.02
C ASN C 60 8.04 14.60 14.39
N ASP C 61 8.25 15.29 13.31
CA ASP C 61 9.55 15.51 12.75
C ASP C 61 9.80 17.04 12.76
N LYS C 62 11.07 17.39 12.76
CA LYS C 62 11.54 18.77 12.75
C LYS C 62 10.99 19.69 11.60
N HIS C 63 10.77 19.13 10.42
CA HIS C 63 10.20 19.89 9.32
C HIS C 63 8.74 20.30 9.51
N SER C 64 8.08 19.81 10.59
CA SER C 64 6.83 20.31 11.03
C SER C 64 6.89 21.65 11.63
N ASN C 65 8.09 22.17 11.88
CA ASN C 65 8.23 23.48 12.55
C ASN C 65 7.79 24.52 11.55
N GLY C 66 7.01 25.51 12.00
CA GLY C 66 6.74 26.70 11.18
C GLY C 66 5.46 26.53 10.43
N THR C 67 4.85 25.34 10.56
CA THR C 67 3.67 25.01 9.78
C THR C 67 2.41 25.79 10.10
N ILE C 68 2.49 26.79 10.97
CA ILE C 68 1.44 27.79 11.12
C ILE C 68 1.30 28.62 9.81
N LYS C 69 2.40 28.70 9.08
CA LYS C 69 2.47 29.41 7.85
C LYS C 69 1.58 28.79 6.76
N ASP C 70 0.77 29.63 6.13
CA ASP C 70 -0.18 29.13 5.09
C ASP C 70 0.40 28.74 3.79
N ARG C 71 1.39 29.47 3.30
CA ARG C 71 1.73 29.38 1.87
C ARG C 71 3.24 29.22 1.79
N SER C 72 3.62 28.19 1.09
CA SER C 72 5.01 27.85 0.83
C SER C 72 5.07 27.05 -0.47
N PRO C 73 6.28 26.92 -1.07
CA PRO C 73 6.40 26.01 -2.21
C PRO C 73 6.34 24.49 -1.91
N TYR C 74 6.31 24.13 -0.63
CA TYR C 74 6.31 22.73 -0.24
C TYR C 74 4.92 22.12 -0.13
N ARG C 75 3.87 22.94 -0.11
CA ARG C 75 2.52 22.45 0.15
C ARG C 75 2.02 21.78 -1.13
N THR C 76 1.37 20.62 -0.98
CA THR C 76 0.81 19.84 -2.09
C THR C 76 -0.56 19.37 -1.69
N LEU C 77 -1.44 19.43 -2.68
CA LEU C 77 -2.75 18.81 -2.61
C LEU C 77 -2.55 17.33 -2.84
N MET C 78 -3.06 16.52 -1.92
CA MET C 78 -2.98 15.06 -2.01
C MET C 78 -4.30 14.49 -1.54
N SER C 79 -4.54 13.24 -1.80
CA SER C 79 -5.82 12.61 -1.41
C SER C 79 -5.65 11.19 -0.95
N CYS C 80 -6.46 10.79 0.05
CA CYS C 80 -6.49 9.40 0.47
C CYS C 80 -7.96 8.96 0.65
N PRO C 81 -8.25 7.65 0.85
CA PRO C 81 -9.63 7.22 1.04
C PRO C 81 -10.16 7.76 2.35
N ILE C 82 -11.43 8.02 2.39
CA ILE C 82 -12.03 8.61 3.53
C ILE C 82 -11.80 7.86 4.85
N GLY C 83 -11.54 8.62 5.94
CA GLY C 83 -11.34 7.96 7.22
C GLY C 83 -9.94 7.40 7.45
N GLU C 84 -9.08 7.34 6.42
CA GLU C 84 -7.68 6.86 6.60
C GLU C 84 -6.80 8.01 6.96
N VAL C 85 -5.76 7.80 7.76
CA VAL C 85 -4.83 8.89 7.99
C VAL C 85 -4.10 9.29 6.70
N PRO C 86 -3.78 10.60 6.51
CA PRO C 86 -3.06 10.91 5.28
C PRO C 86 -1.54 10.67 5.44
N SER C 87 -1.04 9.64 4.80
CA SER C 87 0.31 9.24 4.95
C SER C 87 0.99 9.19 3.61
N PRO C 88 2.33 9.38 3.56
CA PRO C 88 3.00 9.16 2.31
C PRO C 88 2.68 7.77 1.71
N TYR C 89 2.23 6.78 2.51
CA TYR C 89 2.12 5.35 2.00
C TYR C 89 0.71 5.04 1.44
N ASN C 90 -0.23 5.91 1.66
CA ASN C 90 -1.58 5.67 1.21
C ASN C 90 -2.17 6.82 0.38
N SER C 91 -1.38 7.89 0.21
CA SER C 91 -1.85 9.14 -0.38
C SER C 91 -1.43 9.32 -1.83
N ARG C 92 -2.40 9.71 -2.69
CA ARG C 92 -2.19 9.97 -4.10
C ARG C 92 -1.86 11.41 -4.28
N PHE C 93 -0.87 11.67 -5.12
CA PHE C 93 -0.44 13.04 -5.41
C PHE C 93 -1.43 13.70 -6.36
N GLU C 94 -1.89 14.92 -6.02
CA GLU C 94 -2.81 15.65 -6.95
C GLU C 94 -2.14 16.87 -7.59
N SER C 95 -1.51 17.75 -6.82
CA SER C 95 -1.10 19.04 -7.41
C SER C 95 -0.26 19.77 -6.44
N VAL C 96 0.60 20.66 -6.92
CA VAL C 96 1.35 21.52 -6.02
C VAL C 96 0.40 22.67 -5.64
N ALA C 97 0.15 22.85 -4.34
CA ALA C 97 -0.93 23.70 -3.89
C ALA C 97 -0.82 24.17 -2.47
N TRP C 98 -1.08 25.47 -2.32
CA TRP C 98 -1.41 26.04 -1.01
C TRP C 98 -2.86 26.57 -0.90
N SER C 99 -3.67 26.39 -1.96
CA SER C 99 -5.12 26.58 -1.92
C SER C 99 -5.68 25.63 -3.01
N ALA C 100 -6.84 25.04 -2.75
CA ALA C 100 -7.31 23.96 -3.60
C ALA C 100 -8.77 23.76 -3.68
N SER C 101 -9.16 23.06 -4.76
CA SER C 101 -10.49 22.47 -4.86
C SER C 101 -10.42 21.21 -5.69
N ALA C 102 -11.45 20.39 -5.58
CA ALA C 102 -11.56 19.15 -6.42
C ALA C 102 -13.00 18.67 -6.46
N CYS C 103 -13.33 17.91 -7.52
CA CYS C 103 -14.67 17.39 -7.66
C CYS C 103 -14.72 16.47 -8.91
N HIS C 104 -15.60 15.48 -8.85
CA HIS C 104 -15.61 14.44 -9.85
C HIS C 104 -16.89 14.69 -10.65
N ASP C 105 -16.79 14.71 -11.98
CA ASP C 105 -17.95 15.05 -12.84
C ASP C 105 -18.77 13.82 -13.23
N GLY C 106 -18.38 12.64 -12.72
CA GLY C 106 -18.91 11.35 -13.12
C GLY C 106 -17.97 10.52 -13.99
N ILE C 107 -17.09 11.19 -14.71
CA ILE C 107 -16.13 10.57 -15.58
C ILE C 107 -14.71 10.66 -15.01
N ASN C 108 -14.23 11.85 -14.65
CA ASN C 108 -12.89 12.00 -14.05
C ASN C 108 -12.85 13.06 -12.96
N TRP C 109 -11.77 12.99 -12.17
CA TRP C 109 -11.48 14.00 -11.18
C TRP C 109 -10.98 15.29 -11.81
N LEU C 110 -11.56 16.39 -11.40
CA LEU C 110 -11.01 17.71 -11.56
C LEU C 110 -10.31 18.16 -10.27
N THR C 111 -9.11 18.69 -10.39
CA THR C 111 -8.32 19.21 -9.28
C THR C 111 -7.88 20.59 -9.66
N ILE C 112 -7.88 21.48 -8.67
CA ILE C 112 -7.48 22.85 -8.82
C ILE C 112 -6.49 23.13 -7.73
N GLY C 113 -5.26 23.46 -8.12
CA GLY C 113 -4.14 23.66 -7.18
C GLY C 113 -3.49 25.01 -7.45
N ILE C 114 -3.53 25.91 -6.48
CA ILE C 114 -2.90 27.27 -6.59
C ILE C 114 -1.54 27.26 -5.93
N SER C 115 -0.50 27.59 -6.69
CA SER C 115 0.81 27.81 -6.10
C SER C 115 1.40 29.05 -6.72
N GLY C 116 2.68 29.27 -6.48
CA GLY C 116 3.31 30.50 -6.90
C GLY C 116 3.34 31.55 -5.80
N PRO C 117 3.83 32.75 -6.18
CA PRO C 117 4.00 33.85 -5.20
C PRO C 117 2.72 34.56 -4.85
N ASP C 118 2.73 35.35 -3.78
CA ASP C 118 1.46 35.98 -3.38
C ASP C 118 0.97 37.02 -4.41
N ASN C 119 1.91 37.65 -5.12
CA ASN C 119 1.54 38.71 -6.09
C ASN C 119 1.20 38.23 -7.50
N GLY C 120 1.17 36.92 -7.76
CA GLY C 120 0.79 36.47 -9.11
C GLY C 120 0.61 34.95 -9.16
N ALA C 121 -0.17 34.40 -8.23
CA ALA C 121 -0.30 32.97 -8.08
C ALA C 121 -1.01 32.42 -9.26
N VAL C 122 -0.85 31.11 -9.49
CA VAL C 122 -1.51 30.42 -10.61
C VAL C 122 -2.18 29.18 -10.12
N ALA C 123 -3.45 29.04 -10.50
CA ALA C 123 -4.19 27.87 -10.37
C ALA C 123 -3.90 26.96 -11.54
N VAL C 124 -3.53 25.73 -11.19
CA VAL C 124 -3.31 24.72 -12.21
C VAL C 124 -4.49 23.75 -12.17
N LEU C 125 -5.23 23.61 -13.27
CA LEU C 125 -6.33 22.69 -13.33
C LEU C 125 -5.86 21.35 -14.04
N LYS C 126 -6.29 20.26 -13.44
CA LYS C 126 -6.04 18.88 -13.89
C LYS C 126 -7.33 18.12 -14.07
N TYR C 127 -7.44 17.37 -15.16
CA TYR C 127 -8.54 16.44 -15.35
C TYR C 127 -7.93 15.07 -15.54
N ASN C 128 -8.33 14.11 -14.74
CA ASN C 128 -7.64 12.82 -14.67
C ASN C 128 -6.13 12.94 -14.53
N GLY C 129 -5.68 13.90 -13.72
CA GLY C 129 -4.26 14.11 -13.44
C GLY C 129 -3.41 14.80 -14.51
N ILE C 130 -4.01 15.15 -15.63
CA ILE C 130 -3.34 15.80 -16.76
C ILE C 130 -3.64 17.29 -16.64
N ILE C 131 -2.66 18.15 -16.78
CA ILE C 131 -2.95 19.63 -16.84
C ILE C 131 -3.80 19.99 -18.03
N THR C 132 -4.94 20.62 -17.78
CA THR C 132 -5.92 21.01 -18.81
C THR C 132 -6.14 22.52 -18.90
N ASP C 133 -5.75 23.27 -17.88
CA ASP C 133 -5.88 24.73 -17.96
C ASP C 133 -5.11 25.37 -16.83
N THR C 134 -4.89 26.69 -16.95
CA THR C 134 -4.37 27.46 -15.81
C THR C 134 -5.13 28.75 -15.76
N ILE C 135 -5.19 29.37 -14.61
CA ILE C 135 -5.71 30.74 -14.52
C ILE C 135 -4.85 31.52 -13.53
N LYS C 136 -4.36 32.68 -13.95
CA LYS C 136 -3.49 33.49 -13.07
C LYS C 136 -4.21 34.54 -12.26
N SER C 137 -3.63 34.86 -11.09
CA SER C 137 -4.10 35.94 -10.29
C SER C 137 -4.35 37.19 -11.20
N TRP C 138 -5.51 37.83 -11.00
CA TRP C 138 -5.95 39.07 -11.73
C TRP C 138 -5.96 40.33 -10.84
N ARG C 139 -5.65 40.20 -9.54
CA ARG C 139 -5.49 41.36 -8.69
C ARG C 139 -4.17 41.28 -7.91
N ASN C 140 -3.39 40.22 -8.13
CA ASN C 140 -2.06 40.10 -7.57
C ASN C 140 -2.02 40.12 -6.05
N ASN C 141 -3.04 39.53 -5.41
CA ASN C 141 -3.16 39.55 -4.00
C ASN C 141 -3.81 38.27 -3.49
N ILE C 142 -3.01 37.21 -3.57
CA ILE C 142 -3.28 35.85 -3.06
C ILE C 142 -4.55 35.26 -3.67
N LEU C 143 -4.45 34.90 -4.94
CA LEU C 143 -5.50 34.14 -5.58
C LEU C 143 -5.78 32.93 -4.66
N ARG C 144 -7.04 32.74 -4.34
CA ARG C 144 -7.45 31.68 -3.37
C ARG C 144 -8.78 31.12 -3.75
N THR C 145 -8.99 29.83 -3.45
CA THR C 145 -10.24 29.18 -3.79
C THR C 145 -10.88 28.42 -2.59
N GLN C 146 -11.78 27.50 -2.88
CA GLN C 146 -12.72 26.98 -1.89
C GLN C 146 -12.16 26.28 -0.65
N GLU C 147 -11.14 25.47 -0.84
CA GLU C 147 -10.69 24.54 0.19
C GLU C 147 -11.81 23.56 0.52
N SER C 148 -12.60 23.21 -0.51
CA SER C 148 -13.60 22.22 -0.40
C SER C 148 -14.06 21.90 -1.85
N GLU C 149 -14.93 20.93 -1.97
CA GLU C 149 -15.26 20.35 -3.27
C GLU C 149 -15.91 21.36 -4.11
N CYS C 150 -15.52 21.34 -5.37
CA CYS C 150 -16.33 22.03 -6.37
C CYS C 150 -17.64 21.24 -6.72
N ALA C 151 -18.54 21.80 -7.53
CA ALA C 151 -19.86 21.19 -7.71
C ALA C 151 -20.12 20.95 -9.16
N CYS C 152 -20.71 19.80 -9.48
CA CYS C 152 -20.91 19.35 -10.86
C CYS C 152 -22.36 19.05 -11.20
N VAL C 153 -22.76 19.50 -12.40
CA VAL C 153 -24.11 19.32 -12.94
C VAL C 153 -23.90 19.06 -14.44
N ASN C 154 -24.24 17.87 -14.86
CA ASN C 154 -24.32 17.50 -16.30
C ASN C 154 -23.02 17.72 -17.09
N GLY C 155 -21.90 17.37 -16.46
CA GLY C 155 -20.60 17.47 -17.10
C GLY C 155 -19.87 18.78 -17.01
N SER C 156 -20.49 19.75 -16.36
CA SER C 156 -19.84 21.01 -16.07
C SER C 156 -19.64 21.08 -14.56
N CYS C 157 -18.49 21.56 -14.17
CA CYS C 157 -18.16 21.77 -12.77
C CYS C 157 -17.90 23.23 -12.48
N PHE C 158 -18.29 23.64 -11.28
CA PHE C 158 -18.27 25.05 -10.90
C PHE C 158 -17.51 25.28 -9.63
N THR C 159 -16.79 26.41 -9.60
CA THR C 159 -16.04 26.86 -8.43
C THR C 159 -16.05 28.39 -8.35
N VAL C 160 -15.62 28.90 -7.20
CA VAL C 160 -15.48 30.30 -6.92
C VAL C 160 -14.00 30.53 -6.53
N MET C 161 -13.43 31.64 -6.99
CA MET C 161 -12.10 32.10 -6.55
C MET C 161 -12.13 33.59 -6.22
N THR C 162 -11.26 33.99 -5.31
CA THR C 162 -11.21 35.38 -4.84
C THR C 162 -9.80 35.85 -5.01
N ASP C 163 -9.67 37.12 -5.26
CA ASP C 163 -8.34 37.75 -5.43
C ASP C 163 -8.47 39.15 -4.92
N GLY C 164 -7.54 39.59 -4.08
CA GLY C 164 -7.57 40.93 -3.50
C GLY C 164 -7.37 40.86 -1.98
N PRO C 165 -7.54 42.02 -1.29
CA PRO C 165 -7.52 42.13 0.16
C PRO C 165 -8.34 41.13 0.90
N ASN C 166 -7.84 40.74 2.07
CA ASN C 166 -8.61 39.89 2.98
C ASN C 166 -9.13 40.69 4.17
N ASN C 167 -8.95 42.03 4.14
CA ASN C 167 -9.55 42.89 5.19
C ASN C 167 -10.33 44.06 4.61
N GLY C 168 -10.91 43.84 3.43
CA GLY C 168 -11.64 44.84 2.72
C GLY C 168 -12.27 44.22 1.48
N GLN C 169 -12.85 45.08 0.66
CA GLN C 169 -13.40 44.64 -0.67
C GLN C 169 -12.36 43.91 -1.49
N ALA C 170 -12.74 42.73 -1.99
CA ALA C 170 -11.90 41.97 -2.87
C ALA C 170 -12.72 41.67 -4.09
N SER C 171 -12.13 40.91 -5.01
CA SER C 171 -12.77 40.50 -6.24
C SER C 171 -13.12 39.01 -6.20
N TYR C 172 -14.30 38.66 -6.73
CA TYR C 172 -14.83 37.28 -6.66
C TYR C 172 -15.26 36.84 -8.03
N LYS C 173 -14.70 35.72 -8.49
CA LYS C 173 -15.06 35.17 -9.79
C LYS C 173 -15.69 33.79 -9.66
N ILE C 174 -16.71 33.51 -10.47
CA ILE C 174 -17.37 32.22 -10.59
C ILE C 174 -16.92 31.61 -11.90
N PHE C 175 -16.63 30.29 -11.89
CA PHE C 175 -16.13 29.56 -13.09
C PHE C 175 -16.95 28.36 -13.46
N ARG C 176 -17.10 28.13 -14.77
CA ARG C 176 -17.70 26.90 -15.27
C ARG C 176 -16.55 26.18 -15.97
N ILE C 177 -16.35 24.92 -15.62
CA ILE C 177 -15.21 24.11 -16.09
C ILE C 177 -15.77 22.78 -16.70
N GLU C 178 -15.30 22.40 -17.88
CA GLU C 178 -15.71 21.17 -18.58
C GLU C 178 -14.43 20.43 -19.01
N LYS C 179 -14.28 19.18 -18.54
CA LYS C 179 -13.08 18.37 -18.76
C LYS C 179 -11.81 19.13 -18.39
N GLY C 180 -11.94 19.86 -17.29
CA GLY C 180 -10.84 20.63 -16.75
C GLY C 180 -10.42 21.88 -17.48
N LYS C 181 -11.23 22.32 -18.46
CA LYS C 181 -11.01 23.55 -19.21
C LYS C 181 -12.01 24.61 -18.71
N ILE C 182 -11.53 25.80 -18.39
CA ILE C 182 -12.44 26.92 -18.05
C ILE C 182 -13.14 27.30 -19.37
N VAL C 183 -14.47 27.18 -19.39
CA VAL C 183 -15.24 27.57 -20.55
C VAL C 183 -16.01 28.89 -20.39
N LYS C 184 -16.14 29.34 -19.15
CA LYS C 184 -16.78 30.63 -18.86
C LYS C 184 -16.44 31.02 -17.46
N SER C 185 -16.20 32.31 -17.26
CA SER C 185 -16.07 32.92 -15.94
C SER C 185 -16.77 34.28 -15.94
N VAL C 186 -17.20 34.68 -14.74
CA VAL C 186 -17.87 35.93 -14.52
C VAL C 186 -17.30 36.52 -13.26
N GLU C 187 -17.13 37.81 -13.26
CA GLU C 187 -16.74 38.53 -12.04
C GLU C 187 -17.99 39.11 -11.39
N MET C 188 -18.15 38.86 -10.08
CA MET C 188 -19.38 39.21 -9.37
C MET C 188 -19.41 40.68 -9.10
N ASN C 189 -20.58 41.26 -9.32
CA ASN C 189 -20.88 42.63 -8.85
C ASN C 189 -21.37 42.39 -7.43
N ALA C 190 -20.56 42.74 -6.45
CA ALA C 190 -20.89 42.43 -5.02
C ALA C 190 -20.25 43.48 -4.08
N PRO C 191 -20.64 44.75 -4.23
CA PRO C 191 -20.06 45.79 -3.42
C PRO C 191 -20.55 45.60 -2.02
N ASN C 192 -19.60 45.77 -1.12
CA ASN C 192 -19.81 45.67 0.33
C ASN C 192 -20.04 44.24 0.80
N TYR C 193 -19.86 43.27 -0.11
CA TYR C 193 -19.90 41.81 0.20
C TYR C 193 -18.45 41.29 0.15
N TYR C 194 -18.23 40.16 0.81
CA TYR C 194 -16.93 39.52 0.78
C TYR C 194 -17.10 37.99 0.78
N TYR C 195 -16.52 37.33 -0.22
CA TYR C 195 -16.65 35.89 -0.36
C TYR C 195 -15.29 35.27 -0.36
N GLU C 196 -15.15 34.18 0.38
CA GLU C 196 -13.94 33.41 0.35
C GLU C 196 -14.25 31.98 0.83
N GLU C 197 -13.46 31.02 0.40
CA GLU C 197 -13.55 29.64 0.93
C GLU C 197 -14.99 29.13 0.87
N CYS C 198 -15.59 29.27 -0.31
CA CYS C 198 -16.96 28.85 -0.54
C CYS C 198 -17.18 27.35 -0.42
N SER C 199 -18.28 26.96 0.23
CA SER C 199 -18.72 25.59 0.24
C SER C 199 -19.90 25.56 -0.72
N CYS C 200 -19.68 24.93 -1.86
CA CYS C 200 -20.63 24.90 -2.96
C CYS C 200 -21.16 23.50 -3.21
N TYR C 201 -22.49 23.44 -3.44
CA TYR C 201 -23.13 22.18 -3.69
C TYR C 201 -24.18 22.34 -4.82
N PRO C 202 -24.45 21.24 -5.50
CA PRO C 202 -25.50 21.28 -6.49
C PRO C 202 -26.86 20.91 -5.90
N ASP C 203 -27.92 21.53 -6.41
CA ASP C 203 -29.28 21.28 -5.97
C ASP C 203 -30.18 21.65 -7.19
N SER C 204 -30.90 20.67 -7.73
CA SER C 204 -31.81 20.93 -8.88
C SER C 204 -31.16 21.74 -10.00
N SER C 205 -30.00 21.26 -10.47
CA SER C 205 -29.25 21.84 -11.60
C SER C 205 -28.61 23.22 -11.40
N GLU C 206 -28.67 23.76 -10.18
CA GLU C 206 -28.10 25.05 -9.91
C GLU C 206 -27.16 24.87 -8.72
N ILE C 207 -26.27 25.81 -8.57
CA ILE C 207 -25.22 25.69 -7.53
C ILE C 207 -25.55 26.70 -6.43
N THR C 208 -25.39 26.29 -5.17
CA THR C 208 -25.47 27.25 -4.05
C THR C 208 -24.16 27.13 -3.33
N CYS C 209 -23.56 28.27 -3.07
CA CYS C 209 -22.36 28.42 -2.25
C CYS C 209 -22.65 29.30 -1.02
N VAL C 210 -22.17 28.85 0.14
CA VAL C 210 -22.09 29.57 1.41
C VAL C 210 -20.65 29.75 1.76
N CYS C 211 -20.25 30.98 2.07
CA CYS C 211 -18.84 31.32 2.13
C CYS C 211 -18.47 32.05 3.46
N ARG C 212 -17.24 32.56 3.48
CA ARG C 212 -16.67 33.30 4.60
C ARG C 212 -16.50 34.78 4.25
N ASP C 213 -17.17 35.66 5.01
CA ASP C 213 -16.91 37.09 4.93
C ASP C 213 -15.83 37.45 5.94
N ASN C 214 -14.61 37.61 5.49
CA ASN C 214 -13.46 37.92 6.37
C ASN C 214 -13.33 39.41 6.67
N TRP C 215 -14.11 40.18 5.96
CA TRP C 215 -14.08 41.64 6.04
C TRP C 215 -14.93 42.15 7.19
N HIS C 216 -16.23 41.94 7.09
CA HIS C 216 -17.14 42.63 8.02
C HIS C 216 -18.46 42.01 8.23
N GLY C 217 -18.49 40.67 8.25
CA GLY C 217 -19.68 39.92 8.36
C GLY C 217 -19.50 38.71 9.27
N SER C 218 -20.37 38.59 10.29
CA SER C 218 -20.33 37.47 11.22
C SER C 218 -21.42 36.45 10.87
N ASN C 219 -22.35 36.82 10.00
CA ASN C 219 -23.19 35.87 9.28
C ASN C 219 -22.48 35.52 8.00
N ARG C 220 -22.98 34.48 7.30
CA ARG C 220 -22.29 34.02 6.04
C ARG C 220 -22.93 34.57 4.79
N PRO C 221 -22.10 34.97 3.85
CA PRO C 221 -22.57 35.34 2.48
C PRO C 221 -22.92 34.07 1.68
N TRP C 222 -23.85 34.18 0.71
CA TRP C 222 -24.16 33.11 -0.21
C TRP C 222 -24.25 33.65 -1.61
N VAL C 223 -23.91 32.79 -2.54
CA VAL C 223 -24.13 33.10 -3.99
C VAL C 223 -24.67 31.85 -4.61
N SER C 224 -25.71 31.99 -5.46
CA SER C 224 -26.23 30.84 -6.14
C SER C 224 -26.28 31.20 -7.63
N PHE C 225 -26.15 30.20 -8.49
CA PHE C 225 -26.05 30.46 -9.94
C PHE C 225 -26.45 29.29 -10.77
N ASN C 226 -26.80 29.58 -12.01
CA ASN C 226 -27.19 28.53 -12.94
C ASN C 226 -26.00 28.20 -13.82
N GLN C 227 -26.18 27.23 -14.70
CA GLN C 227 -25.11 26.77 -15.61
C GLN C 227 -24.51 27.86 -16.49
N ASN C 228 -25.30 28.88 -16.80
N ASN C 228 -25.29 28.90 -16.80
CA ASN C 228 -24.85 30.08 -17.49
CA ASN C 228 -24.77 30.12 -17.46
C ASN C 228 -24.17 31.13 -16.59
C ASN C 228 -24.05 31.12 -16.59
N LEU C 229 -23.90 30.81 -15.30
CA LEU C 229 -23.28 31.73 -14.35
C LEU C 229 -24.07 33.05 -14.13
N GLU C 230 -25.38 32.98 -14.29
CA GLU C 230 -26.27 34.04 -13.86
C GLU C 230 -26.52 33.79 -12.41
N TYR C 231 -26.21 34.79 -11.57
CA TYR C 231 -26.14 34.57 -10.13
C TYR C 231 -27.06 35.46 -9.28
N GLN C 232 -27.36 35.00 -8.07
CA GLN C 232 -27.98 35.84 -7.08
C GLN C 232 -27.12 35.85 -5.86
N ILE C 233 -27.24 36.91 -5.06
CA ILE C 233 -26.37 37.06 -3.87
C ILE C 233 -27.20 37.50 -2.67
N GLY C 234 -26.63 37.25 -1.49
CA GLY C 234 -27.31 37.54 -0.23
C GLY C 234 -26.45 37.04 0.90
N TYR C 235 -26.94 37.22 2.13
CA TYR C 235 -26.27 36.69 3.34
C TYR C 235 -27.36 35.94 4.06
N ILE C 236 -26.95 34.99 4.89
CA ILE C 236 -27.88 34.20 5.67
C ILE C 236 -28.44 35.17 6.74
N CYS C 237 -29.77 35.25 6.77
CA CYS C 237 -30.52 36.23 7.53
C CYS C 237 -30.65 35.86 8.96
N SER C 238 -30.59 34.55 9.25
CA SER C 238 -30.78 34.08 10.62
C SER C 238 -29.91 34.81 11.62
N GLY C 239 -30.52 35.14 12.78
CA GLY C 239 -29.79 35.62 13.93
C GLY C 239 -28.99 34.56 14.67
N ILE C 240 -29.10 33.31 14.21
CA ILE C 240 -28.14 32.28 14.59
C ILE C 240 -26.89 32.43 13.74
N PHE C 241 -25.95 33.27 14.19
CA PHE C 241 -24.86 33.70 13.31
C PHE C 241 -23.92 32.51 13.07
N GLY C 242 -23.45 32.38 11.82
CA GLY C 242 -22.70 31.18 11.40
C GLY C 242 -21.18 31.26 11.41
N ASP C 243 -20.58 32.49 11.38
CA ASP C 243 -19.12 32.65 11.32
C ASP C 243 -18.50 32.48 12.73
N ASN C 244 -17.20 32.42 12.74
CA ASN C 244 -16.40 32.53 13.91
C ASN C 244 -15.22 33.44 13.57
N PRO C 245 -15.07 34.55 14.26
CA PRO C 245 -15.86 34.94 15.44
C PRO C 245 -17.21 35.49 15.10
N ARG C 246 -18.05 35.68 16.12
CA ARG C 246 -19.38 36.21 15.95
C ARG C 246 -19.85 36.76 17.26
N PRO C 247 -20.97 37.47 17.23
CA PRO C 247 -21.63 37.85 18.48
C PRO C 247 -22.50 36.75 19.00
N ASN C 248 -22.99 36.90 20.23
CA ASN C 248 -24.05 36.03 20.69
C ASN C 248 -25.27 36.20 19.81
N ASP C 249 -26.07 35.15 19.72
CA ASP C 249 -27.23 35.17 18.81
C ASP C 249 -28.23 36.27 19.21
N LYS C 250 -28.68 37.02 18.21
CA LYS C 250 -29.65 38.11 18.39
C LYS C 250 -30.32 38.31 17.02
N THR C 251 -30.98 39.43 16.78
CA THR C 251 -31.58 39.69 15.48
C THR C 251 -30.53 39.78 14.41
N GLY C 252 -30.77 39.06 13.32
CA GLY C 252 -29.78 38.97 12.25
C GLY C 252 -30.03 40.00 11.20
N SER C 253 -29.32 39.85 10.08
CA SER C 253 -29.51 40.72 8.93
C SER C 253 -29.33 39.94 7.63
N CYS C 254 -30.03 40.40 6.60
CA CYS C 254 -29.89 39.89 5.24
C CYS C 254 -28.67 40.56 4.52
N GLY C 255 -28.09 41.60 5.12
CA GLY C 255 -26.76 42.07 4.76
C GLY C 255 -25.68 41.52 5.69
N PRO C 256 -24.41 41.89 5.46
CA PRO C 256 -23.40 41.51 6.41
C PRO C 256 -23.64 42.12 7.82
N VAL C 257 -23.50 41.26 8.83
CA VAL C 257 -23.49 41.66 10.24
C VAL C 257 -22.12 42.10 10.65
N SER C 258 -21.96 43.43 10.83
CA SER C 258 -20.66 44.01 11.15
C SER C 258 -20.15 43.62 12.54
N SER C 259 -21.04 43.42 13.51
CA SER C 259 -20.58 43.06 14.88
C SER C 259 -19.73 41.80 14.86
N ASN C 260 -18.49 41.90 15.34
CA ASN C 260 -17.53 40.79 15.36
C ASN C 260 -17.29 40.25 13.92
N GLY C 261 -17.48 41.09 12.89
CA GLY C 261 -17.49 40.66 11.49
C GLY C 261 -16.15 40.37 10.87
N ALA C 262 -15.12 41.08 11.29
CA ALA C 262 -13.81 40.84 10.74
C ALA C 262 -13.29 39.44 11.14
N ASN C 263 -12.36 38.92 10.33
CA ASN C 263 -11.79 37.59 10.43
C ASN C 263 -12.89 36.57 10.14
N GLY C 264 -12.62 35.30 10.38
CA GLY C 264 -13.67 34.33 10.10
C GLY C 264 -13.17 32.93 10.14
N VAL C 265 -14.00 31.99 9.62
CA VAL C 265 -13.61 30.59 9.49
C VAL C 265 -14.35 30.00 8.27
N LYS C 266 -13.68 29.12 7.49
CA LYS C 266 -14.44 28.44 6.44
C LYS C 266 -15.53 27.61 7.09
N GLY C 267 -16.72 27.72 6.51
CA GLY C 267 -17.86 26.87 6.84
C GLY C 267 -18.86 26.73 5.75
N PHE C 268 -20.04 26.31 6.14
CA PHE C 268 -21.05 25.83 5.18
C PHE C 268 -22.44 25.98 5.79
N SER C 269 -23.43 25.94 4.91
CA SER C 269 -24.82 25.72 5.31
C SER C 269 -25.59 25.16 4.13
N PHE C 270 -26.72 24.56 4.41
CA PHE C 270 -27.60 23.99 3.37
C PHE C 270 -28.94 24.70 3.41
N LYS C 271 -29.37 25.18 2.24
CA LYS C 271 -30.67 25.84 2.05
C LYS C 271 -31.79 24.86 1.70
N TYR C 272 -32.95 25.02 2.33
CA TYR C 272 -34.11 24.18 2.11
C TYR C 272 -35.32 25.13 2.13
N GLY C 273 -35.61 25.68 0.97
CA GLY C 273 -36.56 26.81 0.83
C GLY C 273 -36.18 27.99 1.70
N ASN C 274 -37.05 28.35 2.66
CA ASN C 274 -36.74 29.45 3.58
C ASN C 274 -35.91 28.99 4.76
N GLY C 275 -35.68 27.67 4.91
CA GLY C 275 -34.95 27.19 6.07
C GLY C 275 -33.49 26.91 5.76
N VAL C 276 -32.76 26.61 6.82
CA VAL C 276 -31.32 26.43 6.73
C VAL C 276 -30.83 25.48 7.80
N TRP C 277 -29.99 24.55 7.35
CA TRP C 277 -29.12 23.81 8.25
C TRP C 277 -27.82 24.55 8.34
N ILE C 278 -27.51 25.02 9.56
CA ILE C 278 -26.29 25.75 9.86
C ILE C 278 -25.33 24.86 10.64
N GLY C 279 -24.11 24.65 10.13
CA GLY C 279 -23.03 24.16 10.91
C GLY C 279 -22.15 25.28 11.44
N ARG C 280 -21.79 25.26 12.72
CA ARG C 280 -20.94 26.30 13.27
C ARG C 280 -20.19 25.84 14.50
N THR C 281 -19.17 26.62 14.88
CA THR C 281 -18.47 26.36 16.12
C THR C 281 -19.42 26.57 17.27
N LYS C 282 -19.10 26.11 18.48
CA LYS C 282 -19.94 26.41 19.64
C LYS C 282 -19.44 27.69 20.33
N SER C 283 -18.13 27.94 20.31
CA SER C 283 -17.56 29.18 20.80
C SER C 283 -17.83 30.32 19.84
N ILE C 284 -18.15 31.48 20.39
CA ILE C 284 -18.30 32.71 19.58
C ILE C 284 -16.98 33.40 19.24
N SER C 285 -15.89 33.02 19.89
CA SER C 285 -14.63 33.73 19.76
C SER C 285 -13.44 32.87 19.30
N SER C 286 -13.51 31.54 19.43
CA SER C 286 -12.41 30.72 18.91
C SER C 286 -12.95 29.47 18.26
N ARG C 287 -12.05 28.75 17.58
CA ARG C 287 -12.45 27.57 16.81
C ARG C 287 -12.59 26.38 17.74
N ASN C 288 -13.62 26.42 18.56
CA ASN C 288 -13.95 25.38 19.53
C ASN C 288 -15.39 24.92 19.42
N GLY C 289 -15.57 23.62 19.50
CA GLY C 289 -16.88 23.01 19.37
C GLY C 289 -17.46 23.03 17.97
N PHE C 290 -18.51 22.25 17.80
CA PHE C 290 -19.24 22.26 16.58
C PHE C 290 -20.62 21.74 16.80
N GLU C 291 -21.56 22.34 16.08
CA GLU C 291 -22.96 21.97 16.21
C GLU C 291 -23.69 22.19 14.89
N MET C 292 -24.73 21.40 14.67
CA MET C 292 -25.63 21.55 13.54
C MET C 292 -26.98 22.07 14.03
N ILE C 293 -27.47 23.09 13.39
CA ILE C 293 -28.74 23.74 13.78
C ILE C 293 -29.67 23.81 12.59
N TRP C 294 -30.90 23.35 12.78
CA TRP C 294 -31.95 23.54 11.81
C TRP C 294 -32.82 24.71 12.25
N ASP C 295 -32.87 25.71 11.36
CA ASP C 295 -33.62 26.93 11.55
C ASP C 295 -34.58 27.05 10.41
N PRO C 296 -35.85 26.72 10.64
CA PRO C 296 -36.77 26.53 9.51
C PRO C 296 -37.13 27.81 8.74
N ASN C 297 -36.82 28.98 9.29
CA ASN C 297 -36.93 30.21 8.48
C ASN C 297 -35.62 31.01 8.43
N GLY C 298 -34.48 30.36 8.70
CA GLY C 298 -33.21 31.04 8.81
C GLY C 298 -32.56 31.55 7.54
N TRP C 299 -32.91 31.03 6.35
CA TRP C 299 -32.30 31.57 5.14
C TRP C 299 -32.75 33.02 4.89
N THR C 300 -34.05 33.26 5.09
CA THR C 300 -34.69 34.56 4.80
C THR C 300 -35.21 35.36 6.01
N GLY C 301 -35.32 34.74 7.18
CA GLY C 301 -35.87 35.37 8.41
C GLY C 301 -34.73 35.70 9.37
N THR C 302 -34.87 36.81 10.11
CA THR C 302 -33.79 37.37 10.94
C THR C 302 -33.87 37.03 12.44
N ASP C 303 -34.90 36.33 12.89
CA ASP C 303 -35.00 35.93 14.29
C ASP C 303 -33.88 34.92 14.68
N ASN C 304 -33.64 34.81 16.00
CA ASN C 304 -32.67 33.83 16.53
C ASN C 304 -33.34 32.59 17.10
N ASN C 305 -34.52 32.25 16.59
CA ASN C 305 -35.21 31.01 16.97
C ASN C 305 -34.85 29.91 16.00
N PHE C 306 -34.59 28.72 16.55
CA PHE C 306 -34.33 27.56 15.71
C PHE C 306 -35.11 26.35 16.23
N SER C 307 -35.18 25.29 15.43
CA SER C 307 -35.98 24.13 15.83
C SER C 307 -35.21 22.97 16.38
N ILE C 308 -33.99 22.73 15.87
CA ILE C 308 -33.21 21.53 16.23
C ILE C 308 -31.75 21.89 16.38
N LYS C 309 -31.11 21.36 17.45
CA LYS C 309 -29.68 21.41 17.56
C LYS C 309 -29.13 20.01 17.83
N GLN C 310 -28.03 19.72 17.16
CA GLN C 310 -27.32 18.44 17.28
C GLN C 310 -25.86 18.74 17.54
N ASP C 311 -25.35 18.27 18.67
CA ASP C 311 -23.95 18.48 19.01
C ASP C 311 -23.08 17.56 18.19
N ILE C 312 -21.89 18.03 17.87
CA ILE C 312 -20.93 17.30 17.01
C ILE C 312 -19.57 17.27 17.71
N VAL C 313 -19.07 18.42 18.11
CA VAL C 313 -17.85 18.54 18.98
C VAL C 313 -18.12 19.45 20.19
N GLY C 314 -17.60 19.04 21.36
CA GLY C 314 -18.00 19.79 22.55
C GLY C 314 -17.30 21.14 22.61
N ILE C 315 -17.87 22.04 23.40
CA ILE C 315 -17.39 23.42 23.46
C ILE C 315 -15.94 23.56 23.90
N ASN C 316 -15.45 22.68 24.78
CA ASN C 316 -14.05 22.76 25.21
C ASN C 316 -13.04 22.02 24.31
N GLU C 317 -13.45 21.60 23.11
CA GLU C 317 -12.61 20.82 22.22
C GLU C 317 -12.32 21.58 20.97
N TRP C 318 -11.14 21.36 20.40
CA TRP C 318 -10.72 22.06 19.18
C TRP C 318 -11.55 21.65 17.95
N SER C 319 -11.97 22.67 17.20
CA SER C 319 -12.57 22.44 15.92
C SER C 319 -11.77 23.23 14.89
N GLY C 320 -12.43 23.78 13.87
CA GLY C 320 -11.68 24.28 12.73
C GLY C 320 -12.62 24.56 11.56
N TYR C 321 -12.05 24.49 10.41
CA TYR C 321 -12.82 24.57 9.14
C TYR C 321 -13.94 23.50 9.07
N SER C 322 -14.98 23.73 8.26
CA SER C 322 -15.99 22.74 7.95
C SER C 322 -16.41 23.02 6.55
N GLY C 323 -16.96 22.00 5.86
CA GLY C 323 -17.42 22.20 4.54
C GLY C 323 -18.41 21.15 4.21
N SER C 324 -19.16 21.48 3.16
CA SER C 324 -20.12 20.61 2.58
C SER C 324 -19.44 19.65 1.60
N PHE C 325 -20.05 18.45 1.56
CA PHE C 325 -19.93 17.52 0.41
C PHE C 325 -21.23 16.80 0.14
N VAL C 326 -21.39 16.36 -1.09
CA VAL C 326 -22.62 15.66 -1.44
C VAL C 326 -22.37 14.25 -1.91
N GLN C 327 -23.41 13.43 -1.80
CA GLN C 327 -23.41 12.16 -2.47
C GLN C 327 -24.57 12.17 -3.44
N HIS C 328 -24.20 12.11 -4.71
CA HIS C 328 -25.18 12.17 -5.82
C HIS C 328 -25.91 10.80 -5.94
N PRO C 329 -27.12 10.80 -6.51
CA PRO C 329 -27.85 9.55 -6.80
C PRO C 329 -27.06 8.48 -7.52
N GLU C 330 -26.15 8.85 -8.41
CA GLU C 330 -25.31 7.89 -9.13
C GLU C 330 -24.44 7.04 -8.18
N LEU C 331 -24.13 7.59 -7.00
CA LEU C 331 -23.40 6.87 -5.96
C LEU C 331 -24.30 6.07 -5.00
N THR C 332 -25.37 6.66 -4.48
CA THR C 332 -26.21 6.11 -3.43
C THR C 332 -27.38 5.24 -3.95
N GLY C 333 -27.83 5.41 -5.17
CA GLY C 333 -29.13 4.88 -5.55
C GLY C 333 -30.36 5.63 -5.02
N LEU C 334 -30.13 6.76 -4.36
CA LEU C 334 -31.27 7.57 -3.92
C LEU C 334 -31.84 8.36 -5.10
N ASP C 335 -32.93 9.05 -4.85
CA ASP C 335 -33.58 9.96 -5.84
C ASP C 335 -33.30 11.44 -5.57
N CYS C 336 -32.34 11.73 -4.71
CA CYS C 336 -32.06 13.09 -4.30
C CYS C 336 -30.57 13.15 -3.99
N ILE C 337 -30.05 14.36 -3.97
CA ILE C 337 -28.60 14.61 -3.67
C ILE C 337 -28.45 14.69 -2.17
N ARG C 338 -27.60 13.81 -1.60
CA ARG C 338 -27.52 13.70 -0.14
C ARG C 338 -26.51 14.72 0.41
N PRO C 339 -26.88 15.51 1.42
CA PRO C 339 -25.93 16.46 1.98
C PRO C 339 -25.11 15.74 3.06
N CYS C 340 -23.82 16.07 3.10
CA CYS C 340 -22.92 15.59 4.11
C CYS C 340 -22.02 16.79 4.50
N PHE C 341 -21.25 16.63 5.57
CA PHE C 341 -20.28 17.65 5.95
C PHE C 341 -19.09 17.07 6.66
N TRP C 342 -18.00 17.80 6.64
CA TRP C 342 -16.79 17.42 7.36
C TRP C 342 -16.40 18.56 8.30
N VAL C 343 -15.69 18.23 9.40
CA VAL C 343 -15.09 19.25 10.22
C VAL C 343 -13.65 18.90 10.37
N GLU C 344 -12.81 19.91 10.18
CA GLU C 344 -11.39 19.88 10.49
C GLU C 344 -11.22 20.21 11.96
N LEU C 345 -10.41 19.41 12.65
CA LEU C 345 -10.14 19.58 14.06
C LEU C 345 -8.68 20.00 14.14
N ILE C 346 -8.45 21.31 14.29
CA ILE C 346 -7.10 21.87 14.20
C ILE C 346 -6.36 21.74 15.52
N ARG C 347 -5.11 21.23 15.48
CA ARG C 347 -4.28 21.10 16.67
C ARG C 347 -2.99 21.89 16.50
N GLY C 348 -2.45 22.38 17.58
CA GLY C 348 -1.13 23.02 17.55
C GLY C 348 -1.25 24.52 17.61
N ARG C 349 -0.41 25.19 16.82
CA ARG C 349 -0.41 26.65 16.77
C ARG C 349 -1.65 27.21 16.13
N PRO C 350 -2.15 28.34 16.64
CA PRO C 350 -1.50 29.22 17.62
C PRO C 350 -1.93 28.95 19.08
N LYS C 351 -2.90 28.06 19.27
CA LYS C 351 -3.52 27.89 20.59
C LYS C 351 -2.77 26.97 21.55
N GLU C 352 -1.85 26.14 21.05
CA GLU C 352 -1.16 25.19 21.88
C GLU C 352 0.35 25.34 21.71
N ASN C 353 1.08 24.83 22.71
CA ASN C 353 2.53 24.98 22.80
C ASN C 353 3.33 23.96 21.99
N THR C 354 3.16 24.05 20.68
CA THR C 354 3.83 23.20 19.73
C THR C 354 4.59 24.05 18.73
N ILE C 355 5.43 23.40 17.94
CA ILE C 355 6.15 24.03 16.83
C ILE C 355 5.34 24.01 15.51
N TRP C 356 4.27 23.24 15.56
CA TRP C 356 3.51 22.84 14.37
C TRP C 356 2.02 23.11 14.50
N THR C 357 1.32 23.05 13.36
CA THR C 357 -0.14 23.08 13.30
C THR C 357 -0.59 21.99 12.33
N SER C 358 -1.64 21.22 12.70
CA SER C 358 -2.14 20.17 11.81
C SER C 358 -3.57 19.85 12.18
N GLY C 359 -4.34 19.17 11.31
CA GLY C 359 -5.66 18.84 11.72
C GLY C 359 -5.93 17.37 11.51
N SER C 360 -6.94 16.84 12.17
CA SER C 360 -7.58 15.62 11.80
C SER C 360 -9.02 15.97 11.28
N SER C 361 -9.85 14.95 11.01
CA SER C 361 -11.16 15.22 10.46
C SER C 361 -12.19 14.23 10.99
N ILE C 362 -13.42 14.73 10.91
CA ILE C 362 -14.61 13.97 11.14
C ILE C 362 -15.53 14.35 9.98
N SER C 363 -16.38 13.39 9.61
CA SER C 363 -17.53 13.76 8.71
C SER C 363 -18.84 13.00 9.03
N PHE C 364 -19.97 13.53 8.53
CA PHE C 364 -21.32 13.06 8.81
C PHE C 364 -22.14 13.12 7.50
N CYS C 365 -23.15 12.32 7.39
CA CYS C 365 -24.11 12.43 6.29
C CYS C 365 -25.51 12.59 6.83
N GLY C 366 -26.25 13.35 6.05
CA GLY C 366 -27.65 13.64 6.44
C GLY C 366 -28.57 12.48 6.23
N VAL C 367 -29.38 12.18 7.24
CA VAL C 367 -30.33 11.08 7.15
C VAL C 367 -31.70 11.53 7.69
N ASN C 368 -32.73 10.74 7.44
CA ASN C 368 -34.01 10.92 8.16
C ASN C 368 -34.34 9.92 9.24
N SER C 369 -33.37 9.12 9.62
CA SER C 369 -33.57 8.12 10.61
C SER C 369 -32.96 8.67 11.90
N ASP C 370 -32.93 7.86 12.94
CA ASP C 370 -32.55 8.35 14.23
C ASP C 370 -31.06 8.69 14.29
N THR C 371 -30.75 9.78 15.00
CA THR C 371 -29.39 10.24 15.20
C THR C 371 -29.17 10.68 16.64
N VAL C 372 -27.93 11.02 16.97
CA VAL C 372 -27.64 11.49 18.31
C VAL C 372 -26.52 12.55 18.31
N GLY C 373 -26.64 13.55 19.17
CA GLY C 373 -25.54 14.45 19.41
C GLY C 373 -24.53 13.80 20.35
N TRP C 374 -23.25 14.10 20.13
CA TRP C 374 -22.18 13.76 21.04
C TRP C 374 -21.00 14.70 20.76
N SER C 375 -19.80 14.31 21.17
CA SER C 375 -18.58 14.99 20.85
C SER C 375 -17.62 13.92 20.32
N TRP C 376 -17.18 14.07 19.07
CA TRP C 376 -16.07 13.25 18.46
C TRP C 376 -14.85 14.21 18.21
N PRO C 377 -14.00 14.46 19.24
CA PRO C 377 -12.92 15.43 19.12
C PRO C 377 -11.67 14.81 18.63
N ASP C 378 -10.62 15.60 18.49
CA ASP C 378 -9.41 15.11 17.88
C ASP C 378 -8.76 14.02 18.73
N GLY C 379 -8.55 14.33 20.01
CA GLY C 379 -8.11 13.27 20.93
C GLY C 379 -6.61 13.21 21.18
N ALA C 380 -5.81 13.96 20.45
CA ALA C 380 -4.39 13.93 20.59
C ALA C 380 -3.98 14.65 21.91
N GLU C 381 -2.83 14.27 22.47
CA GLU C 381 -2.35 14.81 23.75
C GLU C 381 -1.10 15.56 23.34
N LEU C 382 -1.18 16.88 23.41
CA LEU C 382 -0.08 17.75 23.03
C LEU C 382 0.55 18.28 24.31
N PRO C 383 1.81 18.71 24.22
CA PRO C 383 2.67 18.64 23.03
C PRO C 383 3.22 17.23 22.71
N PHE C 384 3.89 17.16 21.57
CA PHE C 384 4.47 15.94 21.06
C PHE C 384 5.97 15.93 21.34
N THR C 385 6.58 14.77 21.06
CA THR C 385 8.05 14.57 21.26
C THR C 385 8.90 15.68 20.64
N ILE C 386 8.54 16.07 19.41
CA ILE C 386 9.33 17.06 18.65
C ILE C 386 9.26 18.48 19.19
N ASP C 387 8.28 18.76 20.02
CA ASP C 387 8.04 20.10 20.58
C ASP C 387 8.98 20.41 21.73
N SER D 1 -21.49 -11.28 -10.32
CA SER D 1 -21.79 -10.82 -8.94
C SER D 1 -23.20 -11.25 -8.46
N VAL D 2 -23.28 -12.16 -7.50
CA VAL D 2 -24.53 -12.79 -7.15
C VAL D 2 -24.67 -13.04 -5.66
N LYS D 3 -25.91 -12.98 -5.19
CA LYS D 3 -26.21 -13.10 -3.79
C LYS D 3 -25.83 -14.47 -3.34
N LEU D 4 -25.27 -14.54 -2.14
CA LEU D 4 -24.96 -15.83 -1.52
C LEU D 4 -26.28 -16.53 -1.21
N ALA D 5 -26.41 -17.79 -1.65
CA ALA D 5 -27.63 -18.55 -1.46
C ALA D 5 -27.90 -18.83 -0.01
N GLY D 6 -26.89 -19.35 0.70
CA GLY D 6 -27.03 -19.71 2.10
C GLY D 6 -28.02 -20.86 2.40
N ASN D 7 -28.31 -21.67 1.41
CA ASN D 7 -29.32 -22.72 1.57
C ASN D 7 -28.74 -24.10 1.83
N SER D 8 -27.41 -24.26 1.78
CA SER D 8 -26.81 -25.59 2.01
C SER D 8 -26.57 -25.75 3.48
N SER D 9 -26.25 -26.95 3.89
CA SER D 9 -26.00 -27.20 5.31
C SER D 9 -24.56 -26.89 5.64
N LEU D 10 -24.28 -26.77 6.93
CA LEU D 10 -22.88 -26.71 7.45
C LEU D 10 -22.13 -28.01 7.10
N CYS D 11 -20.89 -27.87 6.61
CA CYS D 11 -19.99 -29.00 6.43
C CYS D 11 -19.71 -29.68 7.79
N PRO D 12 -20.04 -30.96 7.94
CA PRO D 12 -19.54 -31.62 9.15
C PRO D 12 -18.04 -31.67 9.10
N VAL D 13 -17.39 -31.46 10.23
CA VAL D 13 -15.97 -31.48 10.26
C VAL D 13 -15.48 -32.39 11.38
N SER D 14 -14.23 -32.90 11.24
CA SER D 14 -13.56 -33.74 12.25
C SER D 14 -12.44 -33.00 13.02
N GLY D 15 -12.00 -31.86 12.51
CA GLY D 15 -10.92 -31.11 13.20
C GLY D 15 -10.71 -29.76 12.54
N TRP D 16 -9.81 -28.97 13.11
CA TRP D 16 -9.59 -27.59 12.75
C TRP D 16 -8.14 -27.39 12.26
N ALA D 17 -7.99 -26.91 11.06
CA ALA D 17 -6.70 -26.66 10.43
C ALA D 17 -6.39 -25.20 10.54
N ILE D 18 -5.14 -24.88 10.84
CA ILE D 18 -4.82 -23.47 11.07
C ILE D 18 -4.85 -22.67 9.76
N TYR D 19 -5.49 -21.48 9.82
CA TYR D 19 -5.79 -20.70 8.62
C TYR D 19 -4.96 -19.40 8.62
N SER D 20 -4.95 -18.66 9.73
CA SER D 20 -4.17 -17.41 9.76
C SER D 20 -3.64 -17.15 11.13
N LYS D 21 -2.65 -16.27 11.18
CA LYS D 21 -2.11 -15.73 12.40
C LYS D 21 -1.43 -14.43 12.00
N ASP D 22 -1.79 -13.35 12.68
CA ASP D 22 -1.27 -12.02 12.34
C ASP D 22 -0.04 -11.58 13.11
N ASN D 23 0.22 -12.09 14.32
CA ASN D 23 1.35 -11.64 15.17
C ASN D 23 1.33 -10.12 15.43
N SER D 24 0.15 -9.53 15.60
CA SER D 24 0.05 -8.06 15.54
C SER D 24 0.80 -7.33 16.66
N VAL D 25 0.75 -7.90 17.82
CA VAL D 25 1.35 -7.23 19.01
C VAL D 25 2.91 -7.36 18.85
N ARG D 26 3.42 -8.51 18.41
CA ARG D 26 4.88 -8.69 18.20
C ARG D 26 5.38 -7.70 17.20
N ILE D 27 4.63 -7.58 16.10
CA ILE D 27 4.95 -6.62 15.04
C ILE D 27 4.85 -5.17 15.48
N GLY D 28 3.79 -4.84 16.23
CA GLY D 28 3.59 -3.51 16.81
C GLY D 28 4.60 -2.97 17.80
N SER D 29 5.43 -3.85 18.30
CA SER D 29 6.57 -3.41 19.09
C SER D 29 7.48 -2.37 18.37
N LYS D 30 7.62 -2.51 17.05
CA LYS D 30 8.30 -1.55 16.21
C LYS D 30 7.38 -0.93 15.11
N GLY D 31 6.60 -1.75 14.50
CA GLY D 31 5.78 -1.32 13.36
C GLY D 31 4.60 -0.45 13.77
N ASP D 32 3.96 0.11 12.75
CA ASP D 32 2.83 1.01 12.94
C ASP D 32 1.58 0.17 12.93
N VAL D 33 1.22 -0.39 14.08
CA VAL D 33 0.06 -1.28 14.22
C VAL D 33 -0.93 -0.69 15.16
N PHE D 34 -2.19 -0.66 14.77
CA PHE D 34 -3.25 -0.17 15.65
C PHE D 34 -3.36 -0.97 16.95
N VAL D 35 -3.68 -0.29 18.04
CA VAL D 35 -4.23 -0.88 19.20
C VAL D 35 -5.62 -1.26 18.81
N ILE D 36 -5.98 -2.49 19.04
CA ILE D 36 -7.28 -2.96 18.62
C ILE D 36 -7.79 -3.92 19.66
N ARG D 37 -9.11 -4.11 19.61
CA ARG D 37 -9.73 -5.25 20.29
C ARG D 37 -10.95 -5.60 19.47
N GLU D 38 -11.63 -6.70 19.84
CA GLU D 38 -12.82 -7.13 19.21
C GLU D 38 -12.66 -7.33 17.69
N PRO D 39 -11.63 -8.08 17.28
CA PRO D 39 -11.46 -8.40 15.87
C PRO D 39 -12.45 -9.53 15.43
N PHE D 40 -12.67 -9.67 14.16
CA PHE D 40 -13.43 -10.81 13.69
C PHE D 40 -13.13 -10.99 12.24
N ILE D 41 -13.49 -12.13 11.68
CA ILE D 41 -13.22 -12.37 10.30
C ILE D 41 -14.54 -12.52 9.59
N SER D 42 -14.56 -12.09 8.35
CA SER D 42 -15.74 -12.26 7.51
C SER D 42 -15.29 -12.30 6.08
N CYS D 43 -16.00 -13.09 5.24
CA CYS D 43 -15.59 -13.31 3.88
C CYS D 43 -16.63 -12.91 2.86
N SER D 44 -16.16 -12.52 1.72
CA SER D 44 -17.00 -12.29 0.57
C SER D 44 -16.92 -13.52 -0.35
N PRO D 45 -17.47 -13.41 -1.57
CA PRO D 45 -17.21 -14.54 -2.51
C PRO D 45 -15.80 -14.61 -3.08
N LEU D 46 -14.97 -13.58 -2.82
CA LEU D 46 -13.59 -13.47 -3.32
C LEU D 46 -12.45 -13.48 -2.27
N GLU D 47 -12.66 -12.96 -1.06
CA GLU D 47 -11.60 -12.84 -0.05
C GLU D 47 -12.17 -12.83 1.37
N CYS D 48 -11.29 -13.07 2.34
CA CYS D 48 -11.59 -13.01 3.74
C CYS D 48 -10.82 -11.82 4.28
N ARG D 49 -11.49 -11.08 5.17
CA ARG D 49 -10.96 -9.86 5.79
C ARG D 49 -11.09 -9.96 7.30
N THR D 50 -10.17 -9.31 8.01
CA THR D 50 -10.29 -9.16 9.42
C THR D 50 -10.82 -7.75 9.68
N PHE D 51 -11.84 -7.66 10.53
CA PHE D 51 -12.45 -6.46 10.94
C PHE D 51 -12.03 -6.28 12.42
N PHE D 52 -12.02 -5.06 12.85
CA PHE D 52 -11.49 -4.82 14.21
C PHE D 52 -11.86 -3.44 14.63
N LEU D 53 -11.92 -3.23 15.96
CA LEU D 53 -12.16 -1.92 16.52
C LEU D 53 -10.84 -1.34 17.07
N THR D 54 -10.36 -0.35 16.36
CA THR D 54 -9.20 0.37 16.77
C THR D 54 -9.51 1.21 17.98
N GLN D 55 -8.45 1.63 18.67
CA GLN D 55 -8.59 2.65 19.69
C GLN D 55 -8.10 4.00 19.19
N GLY D 56 -8.03 4.19 17.89
CA GLY D 56 -7.56 5.45 17.38
C GLY D 56 -6.14 5.80 17.68
N ALA D 57 -5.28 4.78 17.90
CA ALA D 57 -3.93 4.92 18.43
C ALA D 57 -3.10 3.74 18.00
N LEU D 58 -1.80 3.96 17.90
CA LEU D 58 -0.86 2.88 17.61
C LEU D 58 -0.20 2.24 18.81
N LEU D 59 0.21 0.97 18.67
CA LEU D 59 0.97 0.31 19.74
C LEU D 59 2.33 0.99 19.98
N ASN D 60 2.71 0.97 21.24
CA ASN D 60 3.95 1.54 21.71
C ASN D 60 4.03 3.07 21.57
N ASP D 61 2.87 3.74 21.43
CA ASP D 61 2.78 5.18 21.41
C ASP D 61 1.95 5.60 22.64
N LYS D 62 2.16 6.83 23.12
CA LYS D 62 1.46 7.27 24.33
C LYS D 62 -0.08 7.30 24.22
N HIS D 63 -0.62 7.46 23.01
CA HIS D 63 -2.07 7.46 22.84
C HIS D 63 -2.76 6.10 23.12
N SER D 64 -1.96 5.05 23.21
CA SER D 64 -2.45 3.71 23.61
C SER D 64 -2.79 3.67 25.11
N ASN D 65 -2.37 4.69 25.85
CA ASN D 65 -2.67 4.82 27.30
C ASN D 65 -4.19 4.74 27.57
N GLY D 66 -4.58 3.98 28.57
CA GLY D 66 -5.96 3.87 28.96
C GLY D 66 -6.90 3.09 28.04
N THR D 67 -6.32 2.28 27.13
CA THR D 67 -7.10 1.51 26.14
C THR D 67 -7.77 0.27 26.71
N ILE D 68 -7.65 0.04 28.03
CA ILE D 68 -8.62 -0.84 28.69
C ILE D 68 -10.06 -0.34 28.54
N LYS D 69 -10.23 0.98 28.46
CA LYS D 69 -11.54 1.56 28.31
C LYS D 69 -12.23 1.13 27.02
N ASP D 70 -13.47 0.66 27.16
CA ASP D 70 -14.21 0.10 26.02
C ASP D 70 -14.79 1.06 25.00
N ARG D 71 -15.29 2.19 25.47
CA ARG D 71 -16.05 3.06 24.52
C ARG D 71 -15.51 4.50 24.55
N SER D 72 -15.14 4.99 23.38
CA SER D 72 -14.67 6.37 23.30
C SER D 72 -15.08 6.88 21.92
N PRO D 73 -14.90 8.17 21.65
CA PRO D 73 -15.22 8.73 20.34
C PRO D 73 -14.12 8.49 19.32
N TYR D 74 -13.01 7.88 19.74
CA TYR D 74 -11.86 7.65 18.85
C TYR D 74 -11.97 6.29 18.21
N ARG D 75 -12.84 5.41 18.70
CA ARG D 75 -12.74 4.02 18.32
C ARG D 75 -13.37 3.92 16.91
N THR D 76 -12.71 3.17 16.02
CA THR D 76 -13.26 3.01 14.63
C THR D 76 -13.23 1.56 14.18
N LEU D 77 -14.26 1.13 13.38
CA LEU D 77 -14.26 -0.12 12.72
C LEU D 77 -13.48 -0.03 11.42
N MET D 78 -12.46 -0.83 11.28
CA MET D 78 -11.63 -0.89 10.04
C MET D 78 -11.46 -2.39 9.69
N SER D 79 -10.88 -2.65 8.55
CA SER D 79 -10.63 -4.00 8.10
C SER D 79 -9.38 -4.06 7.25
N CYS D 80 -8.74 -5.23 7.31
CA CYS D 80 -7.66 -5.55 6.41
C CYS D 80 -7.72 -6.98 5.96
N PRO D 81 -6.86 -7.36 5.01
CA PRO D 81 -6.88 -8.73 4.59
C PRO D 81 -6.49 -9.67 5.72
N ILE D 82 -7.08 -10.86 5.73
CA ILE D 82 -6.82 -11.82 6.81
C ILE D 82 -5.32 -12.14 6.91
N GLY D 83 -4.88 -12.20 8.16
CA GLY D 83 -3.51 -12.53 8.49
C GLY D 83 -2.50 -11.39 8.42
N GLU D 84 -2.89 -10.24 7.84
CA GLU D 84 -1.97 -9.08 7.92
C GLU D 84 -2.21 -8.33 9.22
N VAL D 85 -1.17 -7.66 9.74
CA VAL D 85 -1.34 -6.82 10.92
C VAL D 85 -2.23 -5.60 10.58
N PRO D 86 -3.11 -5.17 11.51
CA PRO D 86 -3.86 -3.98 11.21
C PRO D 86 -3.04 -2.66 11.36
N SER D 87 -2.73 -2.07 10.25
CA SER D 87 -1.91 -0.84 10.22
C SER D 87 -2.66 0.29 9.53
N PRO D 88 -2.32 1.56 9.84
CA PRO D 88 -3.00 2.56 9.02
C PRO D 88 -2.60 2.48 7.54
N TYR D 89 -1.57 1.68 7.18
CA TYR D 89 -1.12 1.64 5.78
C TYR D 89 -1.66 0.50 5.05
N ASN D 90 -2.39 -0.40 5.68
CA ASN D 90 -3.09 -1.45 4.93
C ASN D 90 -4.59 -1.55 5.27
N SER D 91 -5.05 -0.67 6.17
CA SER D 91 -6.42 -0.79 6.69
C SER D 91 -7.48 0.10 5.98
N ARG D 92 -8.56 -0.53 5.49
CA ARG D 92 -9.74 0.15 4.98
C ARG D 92 -10.59 0.67 6.08
N PHE D 93 -10.98 1.97 5.98
CA PHE D 93 -11.85 2.51 7.04
C PHE D 93 -13.30 2.04 6.85
N GLU D 94 -14.00 1.64 7.93
CA GLU D 94 -15.40 1.21 7.77
C GLU D 94 -16.41 2.14 8.40
N SER D 95 -16.24 2.46 9.67
CA SER D 95 -17.22 3.17 10.43
C SER D 95 -16.62 3.67 11.72
N VAL D 96 -17.26 4.69 12.28
CA VAL D 96 -16.88 5.16 13.62
C VAL D 96 -17.63 4.25 14.55
N ALA D 97 -16.95 3.57 15.47
CA ALA D 97 -17.60 2.53 16.25
C ALA D 97 -16.80 2.04 17.43
N TRP D 98 -17.54 1.82 18.52
CA TRP D 98 -17.09 1.06 19.64
C TRP D 98 -17.79 -0.31 19.84
N SER D 99 -18.64 -0.73 18.92
CA SER D 99 -19.19 -2.06 18.84
C SER D 99 -19.69 -2.22 17.37
N ALA D 100 -19.65 -3.43 16.83
CA ALA D 100 -19.75 -3.54 15.35
C ALA D 100 -20.16 -4.93 14.89
N SER D 101 -20.62 -4.99 13.66
CA SER D 101 -20.76 -6.22 12.94
C SER D 101 -20.49 -5.94 11.46
N ALA D 102 -20.20 -6.97 10.67
CA ALA D 102 -20.11 -6.84 9.21
C ALA D 102 -20.34 -8.17 8.54
N CYS D 103 -20.86 -8.13 7.31
CA CYS D 103 -21.02 -9.30 6.47
C CYS D 103 -21.28 -8.91 5.02
N HIS D 104 -20.94 -9.85 4.12
CA HIS D 104 -21.08 -9.64 2.72
C HIS D 104 -22.23 -10.50 2.20
N ASP D 105 -23.14 -9.90 1.43
CA ASP D 105 -24.33 -10.66 0.92
C ASP D 105 -24.13 -11.34 -0.40
N GLY D 106 -22.90 -11.32 -0.90
CA GLY D 106 -22.53 -11.73 -2.26
C GLY D 106 -22.31 -10.60 -3.23
N ILE D 107 -22.92 -9.45 -2.96
CA ILE D 107 -22.81 -8.28 -3.83
C ILE D 107 -21.96 -7.21 -3.17
N ASN D 108 -22.26 -6.85 -1.91
CA ASN D 108 -21.52 -5.79 -1.20
C ASN D 108 -21.44 -6.08 0.27
N TRP D 109 -20.56 -5.32 0.94
CA TRP D 109 -20.36 -5.41 2.37
C TRP D 109 -21.40 -4.59 3.08
N LEU D 110 -22.06 -5.20 4.05
CA LEU D 110 -22.75 -4.52 5.08
C LEU D 110 -21.84 -4.28 6.29
N THR D 111 -21.79 -3.05 6.78
CA THR D 111 -21.12 -2.77 8.04
C THR D 111 -22.09 -2.06 9.02
N ILE D 112 -21.92 -2.36 10.31
CA ILE D 112 -22.74 -1.86 11.40
C ILE D 112 -21.75 -1.34 12.47
N GLY D 113 -21.80 -0.06 12.73
CA GLY D 113 -20.94 0.63 13.67
C GLY D 113 -21.76 1.44 14.66
N ILE D 114 -21.62 1.15 15.93
CA ILE D 114 -22.37 1.84 16.99
C ILE D 114 -21.38 2.82 17.64
N SER D 115 -21.79 4.09 17.70
CA SER D 115 -21.04 5.09 18.45
C SER D 115 -22.05 6.00 19.14
N GLY D 116 -21.50 7.04 19.77
CA GLY D 116 -22.29 7.97 20.55
C GLY D 116 -22.32 7.60 22.01
N PRO D 117 -23.09 8.38 22.80
CA PRO D 117 -23.09 8.21 24.28
C PRO D 117 -23.72 6.86 24.75
N ASP D 118 -23.31 6.42 25.94
CA ASP D 118 -23.91 5.23 26.54
C ASP D 118 -25.43 5.30 26.68
N ASN D 119 -26.00 6.49 26.94
CA ASN D 119 -27.43 6.66 27.10
C ASN D 119 -28.22 6.89 25.80
N GLY D 120 -27.57 6.84 24.64
CA GLY D 120 -28.26 7.05 23.40
C GLY D 120 -27.46 6.73 22.14
N ALA D 121 -26.80 5.58 22.14
CA ALA D 121 -25.90 5.20 21.05
C ALA D 121 -26.72 4.94 19.80
N VAL D 122 -26.07 5.05 18.63
CA VAL D 122 -26.70 4.87 17.31
C VAL D 122 -25.78 3.94 16.55
N ALA D 123 -26.36 2.84 16.08
CA ALA D 123 -25.79 2.01 15.02
C ALA D 123 -25.96 2.63 13.64
N VAL D 124 -24.85 2.83 12.93
CA VAL D 124 -24.86 3.36 11.56
C VAL D 124 -24.66 2.15 10.68
N LEU D 125 -25.56 1.96 9.76
CA LEU D 125 -25.45 0.85 8.79
C LEU D 125 -25.02 1.41 7.47
N LYS D 126 -24.04 0.73 6.91
CA LYS D 126 -23.50 1.08 5.62
C LYS D 126 -23.56 -0.13 4.71
N TYR D 127 -23.83 0.15 3.43
CA TYR D 127 -23.76 -0.89 2.36
C TYR D 127 -22.87 -0.35 1.28
N ASN D 128 -21.79 -1.09 0.92
CA ASN D 128 -20.74 -0.64 0.02
C ASN D 128 -20.22 0.75 0.48
N GLY D 129 -20.08 0.93 1.78
CA GLY D 129 -19.59 2.23 2.33
C GLY D 129 -20.46 3.46 2.27
N ILE D 130 -21.72 3.29 1.86
CA ILE D 130 -22.71 4.31 1.88
C ILE D 130 -23.63 4.05 3.08
N ILE D 131 -23.95 5.11 3.81
CA ILE D 131 -24.89 5.01 4.90
C ILE D 131 -26.28 4.70 4.29
N THR D 132 -26.90 3.64 4.78
CA THR D 132 -28.21 3.17 4.30
C THR D 132 -29.28 3.11 5.38
N ASP D 133 -28.90 3.11 6.69
CA ASP D 133 -29.83 3.22 7.79
C ASP D 133 -29.16 3.56 9.10
N THR D 134 -29.99 3.81 10.11
CA THR D 134 -29.54 3.91 11.48
C THR D 134 -30.53 3.29 12.42
N ILE D 135 -30.05 2.72 13.51
CA ILE D 135 -30.96 2.35 14.56
C ILE D 135 -30.40 2.89 15.90
N LYS D 136 -31.26 3.46 16.73
CA LYS D 136 -30.87 4.11 17.94
C LYS D 136 -31.28 3.28 19.13
N SER D 137 -30.46 3.41 20.16
CA SER D 137 -30.71 2.83 21.44
C SER D 137 -32.21 3.00 21.86
N TRP D 138 -32.86 1.91 22.23
CA TRP D 138 -34.27 1.90 22.71
C TRP D 138 -34.39 1.66 24.25
N ARG D 139 -33.32 1.25 24.92
CA ARG D 139 -33.27 1.19 26.40
C ARG D 139 -32.24 2.15 27.03
N ASN D 140 -31.59 2.98 26.22
CA ASN D 140 -30.65 3.99 26.71
C ASN D 140 -29.58 3.41 27.58
N ASN D 141 -29.11 2.23 27.25
CA ASN D 141 -28.08 1.61 28.08
C ASN D 141 -27.12 0.72 27.28
N ILE D 142 -26.16 1.39 26.69
CA ILE D 142 -25.11 0.77 25.87
C ILE D 142 -25.67 -0.17 24.78
N LEU D 143 -26.30 0.41 23.74
CA LEU D 143 -26.66 -0.37 22.55
C LEU D 143 -25.39 -1.10 22.11
N ARG D 144 -25.45 -2.41 21.90
CA ARG D 144 -24.26 -3.20 21.59
C ARG D 144 -24.57 -4.35 20.66
N THR D 145 -23.64 -4.73 19.79
CA THR D 145 -23.94 -5.84 18.88
C THR D 145 -22.86 -6.94 18.88
N GLN D 146 -22.73 -7.68 17.77
CA GLN D 146 -22.10 -8.96 17.84
C GLN D 146 -20.60 -8.97 18.14
N GLU D 147 -19.87 -7.99 17.61
CA GLU D 147 -18.40 -8.11 17.51
C GLU D 147 -17.99 -9.35 16.70
N SER D 148 -18.82 -9.74 15.77
CA SER D 148 -18.47 -10.81 14.82
C SER D 148 -19.33 -10.69 13.61
N GLU D 149 -19.12 -11.51 12.61
CA GLU D 149 -19.89 -11.32 11.35
C GLU D 149 -21.38 -11.56 11.54
N CYS D 150 -22.17 -10.70 10.89
CA CYS D 150 -23.57 -11.04 10.61
C CYS D 150 -23.65 -12.21 9.62
N ALA D 151 -24.85 -12.68 9.40
CA ALA D 151 -25.08 -13.90 8.58
C ALA D 151 -26.06 -13.56 7.50
N CYS D 152 -25.78 -14.00 6.26
CA CYS D 152 -26.61 -13.66 5.10
C CYS D 152 -27.16 -14.92 4.39
N VAL D 153 -28.42 -14.80 3.92
CA VAL D 153 -29.12 -15.86 3.15
C VAL D 153 -29.95 -15.18 2.09
N ASN D 154 -29.66 -15.48 0.84
CA ASN D 154 -30.42 -15.02 -0.30
C ASN D 154 -30.71 -13.51 -0.32
N GLY D 155 -29.67 -12.72 -0.09
CA GLY D 155 -29.82 -11.28 -0.14
C GLY D 155 -30.31 -10.57 1.10
N SER D 156 -30.61 -11.32 2.16
CA SER D 156 -30.93 -10.75 3.48
C SER D 156 -29.84 -11.10 4.47
N CYS D 157 -29.41 -10.11 5.27
CA CYS D 157 -28.45 -10.29 6.34
C CYS D 157 -29.07 -10.04 7.70
N PHE D 158 -28.58 -10.75 8.70
CA PHE D 158 -29.21 -10.79 9.98
C PHE D 158 -28.21 -10.56 11.08
N THR D 159 -28.63 -9.81 12.10
CA THR D 159 -27.82 -9.62 13.30
C THR D 159 -28.68 -9.49 14.53
N VAL D 160 -28.03 -9.46 15.68
CA VAL D 160 -28.62 -9.37 16.96
C VAL D 160 -27.99 -8.15 17.69
N MET D 161 -28.82 -7.35 18.35
CA MET D 161 -28.34 -6.24 19.19
C MET D 161 -28.99 -6.30 20.55
N THR D 162 -28.29 -5.77 21.52
CA THR D 162 -28.77 -5.79 22.92
C THR D 162 -28.77 -4.39 23.47
N ASP D 163 -29.72 -4.09 24.33
CA ASP D 163 -29.72 -2.80 24.99
C ASP D 163 -30.29 -3.02 26.39
N GLY D 164 -29.67 -2.43 27.40
CA GLY D 164 -30.02 -2.65 28.82
C GLY D 164 -28.83 -2.99 29.66
N PRO D 165 -29.06 -3.21 31.00
CA PRO D 165 -28.04 -3.62 31.95
C PRO D 165 -27.28 -4.83 31.50
N ASN D 166 -26.04 -4.93 31.93
CA ASN D 166 -25.19 -6.05 31.62
C ASN D 166 -25.02 -7.01 32.81
N ASN D 167 -25.77 -6.74 33.91
CA ASN D 167 -25.81 -7.59 35.10
C ASN D 167 -27.27 -7.94 35.51
N GLY D 168 -28.14 -8.04 34.52
CA GLY D 168 -29.56 -8.33 34.70
C GLY D 168 -30.29 -8.50 33.39
N GLN D 169 -31.61 -8.65 33.47
CA GLN D 169 -32.44 -8.77 32.31
C GLN D 169 -32.16 -7.58 31.39
N ALA D 170 -31.89 -7.81 30.10
CA ALA D 170 -31.87 -6.68 29.15
C ALA D 170 -32.83 -6.98 28.04
N SER D 171 -32.77 -6.22 26.95
CA SER D 171 -33.67 -6.39 25.84
C SER D 171 -32.82 -6.76 24.61
N TYR D 172 -33.35 -7.68 23.81
CA TYR D 172 -32.61 -8.31 22.69
C TYR D 172 -33.45 -8.23 21.45
N LYS D 173 -32.88 -7.71 20.37
CA LYS D 173 -33.62 -7.51 19.16
C LYS D 173 -32.88 -8.24 18.03
N ILE D 174 -33.65 -8.74 17.09
CA ILE D 174 -33.12 -9.43 15.90
C ILE D 174 -33.53 -8.63 14.66
N PHE D 175 -32.59 -8.51 13.72
CA PHE D 175 -32.77 -7.68 12.56
C PHE D 175 -32.54 -8.46 11.24
N ARG D 176 -33.46 -8.13 10.31
CA ARG D 176 -33.29 -8.47 8.89
CA ARG D 176 -33.32 -8.47 8.89
C ARG D 176 -32.95 -7.24 8.08
N ILE D 177 -31.85 -7.36 7.31
CA ILE D 177 -31.28 -6.23 6.60
C ILE D 177 -31.02 -6.60 5.15
N GLU D 178 -31.48 -5.74 4.26
CA GLU D 178 -31.36 -5.92 2.84
C GLU D 178 -30.83 -4.66 2.18
N LYS D 179 -29.65 -4.82 1.57
CA LYS D 179 -28.92 -3.76 1.00
C LYS D 179 -28.67 -2.66 2.00
N GLY D 180 -28.41 -3.05 3.22
CA GLY D 180 -28.14 -2.11 4.29
C GLY D 180 -29.34 -1.46 4.96
N LYS D 181 -30.55 -1.73 4.44
CA LYS D 181 -31.78 -1.17 5.01
C LYS D 181 -32.43 -2.20 5.93
N ILE D 182 -32.80 -1.77 7.16
CA ILE D 182 -33.52 -2.63 8.09
C ILE D 182 -34.91 -2.79 7.47
N VAL D 183 -35.25 -4.03 7.13
CA VAL D 183 -36.59 -4.33 6.60
C VAL D 183 -37.53 -5.01 7.60
N LYS D 184 -36.96 -5.64 8.64
CA LYS D 184 -37.74 -6.10 9.77
C LYS D 184 -36.91 -6.22 11.04
N SER D 185 -37.55 -5.98 12.18
CA SER D 185 -36.93 -6.20 13.49
C SER D 185 -37.93 -6.75 14.49
N VAL D 186 -37.51 -7.61 15.40
CA VAL D 186 -38.39 -8.18 16.39
C VAL D 186 -37.65 -8.07 17.69
N GLU D 187 -38.40 -7.81 18.74
CA GLU D 187 -37.81 -7.87 20.10
C GLU D 187 -38.12 -9.22 20.70
N MET D 188 -37.08 -9.91 21.16
CA MET D 188 -37.23 -11.24 21.76
C MET D 188 -37.99 -11.23 23.12
N ASN D 189 -38.93 -12.17 23.22
CA ASN D 189 -39.56 -12.55 24.48
C ASN D 189 -38.65 -13.59 25.11
N ALA D 190 -37.78 -13.17 26.03
CA ALA D 190 -36.75 -14.05 26.60
C ALA D 190 -36.51 -13.78 28.06
N PRO D 191 -37.59 -13.88 28.87
CA PRO D 191 -37.44 -13.62 30.30
C PRO D 191 -36.48 -14.61 30.96
N ASN D 192 -35.61 -14.11 31.84
CA ASN D 192 -34.55 -14.89 32.46
C ASN D 192 -33.44 -15.35 31.50
N TYR D 193 -33.48 -14.90 30.24
CA TYR D 193 -32.36 -15.20 29.30
C TYR D 193 -31.54 -13.97 29.22
N TYR D 194 -30.26 -14.11 28.87
CA TYR D 194 -29.46 -12.95 28.46
C TYR D 194 -28.57 -13.26 27.25
N TYR D 195 -28.51 -12.33 26.32
CA TYR D 195 -27.83 -12.50 25.02
C TYR D 195 -27.04 -11.24 24.78
N GLU D 196 -25.75 -11.39 24.53
CA GLU D 196 -24.99 -10.33 23.84
C GLU D 196 -23.84 -10.97 23.07
N GLU D 197 -23.16 -10.17 22.26
CA GLU D 197 -21.98 -10.64 21.50
C GLU D 197 -22.25 -11.98 20.80
N CYS D 198 -23.34 -12.01 20.02
CA CYS D 198 -23.80 -13.24 19.37
C CYS D 198 -22.88 -13.65 18.23
N SER D 199 -22.56 -14.92 18.17
CA SER D 199 -21.85 -15.44 16.97
C SER D 199 -22.91 -16.18 16.18
N CYS D 200 -23.22 -15.65 15.01
CA CYS D 200 -24.34 -16.11 14.19
C CYS D 200 -23.86 -16.64 12.84
N TYR D 201 -24.40 -17.79 12.41
CA TYR D 201 -24.03 -18.33 11.11
C TYR D 201 -25.28 -18.86 10.40
N PRO D 202 -25.24 -18.89 9.07
CA PRO D 202 -26.30 -19.45 8.26
C PRO D 202 -26.09 -20.97 8.14
N ASP D 203 -27.19 -21.68 7.96
CA ASP D 203 -27.16 -23.15 7.86
C ASP D 203 -28.55 -23.54 7.33
N SER D 204 -28.61 -24.05 6.10
CA SER D 204 -29.89 -24.51 5.48
C SER D 204 -30.95 -23.39 5.50
N SER D 205 -30.54 -22.20 5.05
CA SER D 205 -31.43 -21.04 4.97
C SER D 205 -31.86 -20.41 6.33
N GLU D 206 -31.36 -20.91 7.46
CA GLU D 206 -31.75 -20.41 8.77
C GLU D 206 -30.52 -19.93 9.54
N ILE D 207 -30.76 -19.07 10.54
CA ILE D 207 -29.62 -18.47 11.31
C ILE D 207 -29.57 -19.10 12.66
N THR D 208 -28.40 -19.53 13.07
CA THR D 208 -28.16 -19.92 14.46
C THR D 208 -27.14 -18.97 15.09
N CYS D 209 -27.48 -18.46 16.27
CA CYS D 209 -26.55 -17.66 17.06
C CYS D 209 -26.29 -18.27 18.39
N VAL D 210 -25.01 -18.21 18.81
CA VAL D 210 -24.59 -18.59 20.12
C VAL D 210 -23.90 -17.40 20.78
N CYS D 211 -24.37 -17.06 21.98
CA CYS D 211 -24.11 -15.77 22.53
C CYS D 211 -23.44 -15.85 23.90
N ARG D 212 -23.35 -14.69 24.54
CA ARG D 212 -22.81 -14.59 25.88
C ARG D 212 -23.89 -14.23 26.91
N ASP D 213 -23.99 -15.01 27.98
CA ASP D 213 -24.86 -14.65 29.11
C ASP D 213 -24.00 -14.02 30.17
N ASN D 214 -24.02 -12.68 30.25
CA ASN D 214 -23.23 -11.93 31.25
C ASN D 214 -23.92 -11.81 32.59
N TRP D 215 -25.19 -12.22 32.65
CA TRP D 215 -26.02 -12.02 33.84
C TRP D 215 -25.86 -13.17 34.83
N HIS D 216 -26.21 -14.37 34.39
CA HIS D 216 -26.25 -15.52 35.30
C HIS D 216 -26.19 -16.86 34.57
N GLY D 217 -25.35 -16.96 33.55
CA GLY D 217 -25.22 -18.20 32.78
C GLY D 217 -23.76 -18.48 32.45
N SER D 218 -23.28 -19.69 32.76
CA SER D 218 -21.94 -20.16 32.46
C SER D 218 -21.90 -21.16 31.34
N ASN D 219 -23.08 -21.62 30.91
CA ASN D 219 -23.28 -22.14 29.57
C ASN D 219 -23.73 -21.00 28.66
N ARG D 220 -23.75 -21.25 27.36
CA ARG D 220 -24.07 -20.21 26.40
C ARG D 220 -25.51 -20.30 25.93
N PRO D 221 -26.19 -19.15 25.93
CA PRO D 221 -27.47 -19.10 25.26
C PRO D 221 -27.40 -19.17 23.72
N TRP D 222 -28.44 -19.66 23.11
CA TRP D 222 -28.61 -19.63 21.64
C TRP D 222 -29.99 -19.17 21.20
N VAL D 223 -30.08 -18.72 19.95
CA VAL D 223 -31.36 -18.29 19.30
C VAL D 223 -31.17 -18.60 17.86
N SER D 224 -32.18 -19.20 17.26
CA SER D 224 -32.18 -19.49 15.92
C SER D 224 -33.48 -18.92 15.34
N PHE D 225 -33.43 -18.58 14.05
CA PHE D 225 -34.57 -17.97 13.41
C PHE D 225 -34.51 -18.08 11.93
N ASN D 226 -35.67 -17.90 11.31
CA ASN D 226 -35.76 -17.98 9.85
C ASN D 226 -35.81 -16.59 9.28
N GLN D 227 -36.03 -16.49 7.97
CA GLN D 227 -35.97 -15.17 7.30
C GLN D 227 -37.06 -14.22 7.80
N ASN D 228 -38.16 -14.76 8.31
CA ASN D 228 -39.24 -13.94 8.87
C ASN D 228 -38.99 -13.58 10.35
N LEU D 229 -37.81 -13.92 10.88
CA LEU D 229 -37.44 -13.68 12.24
C LEU D 229 -38.36 -14.34 13.27
N GLU D 230 -38.98 -15.44 12.86
CA GLU D 230 -39.64 -16.29 13.81
C GLU D 230 -38.56 -17.13 14.44
N TYR D 231 -38.50 -17.15 15.74
CA TYR D 231 -37.31 -17.60 16.45
C TYR D 231 -37.60 -18.69 17.45
N GLN D 232 -36.56 -19.49 17.78
CA GLN D 232 -36.54 -20.33 18.95
C GLN D 232 -35.34 -20.01 19.85
N ILE D 233 -35.47 -20.33 21.12
CA ILE D 233 -34.45 -19.97 22.14
C ILE D 233 -34.13 -21.12 23.08
N GLY D 234 -32.94 -21.06 23.67
CA GLY D 234 -32.46 -22.13 24.55
C GLY D 234 -31.07 -21.85 25.01
N TYR D 235 -30.53 -22.70 25.88
CA TYR D 235 -29.09 -22.67 26.22
C TYR D 235 -28.49 -24.00 25.85
N ILE D 236 -27.18 -24.00 25.61
CA ILE D 236 -26.45 -25.22 25.28
C ILE D 236 -26.42 -26.14 26.50
N CYS D 237 -26.92 -27.38 26.33
CA CYS D 237 -27.19 -28.28 27.47
C CYS D 237 -25.99 -28.94 28.07
N SER D 238 -24.93 -29.08 27.26
CA SER D 238 -23.72 -29.79 27.69
C SER D 238 -23.23 -29.34 28.99
N GLY D 239 -22.76 -30.31 29.78
CA GLY D 239 -21.97 -30.08 30.98
C GLY D 239 -20.53 -29.63 30.78
N ILE D 240 -20.11 -29.58 29.53
CA ILE D 240 -18.88 -28.91 29.08
C ILE D 240 -19.24 -27.42 28.88
N PHE D 241 -19.16 -26.69 29.97
CA PHE D 241 -19.63 -25.29 29.99
C PHE D 241 -18.72 -24.42 29.12
N GLY D 242 -19.33 -23.52 28.39
CA GLY D 242 -18.59 -22.81 27.33
C GLY D 242 -18.16 -21.41 27.63
N ASP D 243 -18.71 -20.79 28.69
CA ASP D 243 -18.39 -19.39 28.97
C ASP D 243 -17.12 -19.32 29.78
N ASN D 244 -16.66 -18.10 30.02
CA ASN D 244 -15.55 -17.83 30.91
C ASN D 244 -15.88 -16.55 31.66
N PRO D 245 -15.99 -16.56 33.00
CA PRO D 245 -15.68 -17.75 33.80
C PRO D 245 -16.78 -18.82 33.80
N ARG D 246 -16.49 -19.94 34.43
CA ARG D 246 -17.43 -21.03 34.54
C ARG D 246 -16.97 -21.95 35.65
N PRO D 247 -17.83 -22.92 36.04
CA PRO D 247 -17.32 -23.88 37.01
C PRO D 247 -16.65 -25.02 36.24
N ASN D 248 -16.09 -25.96 37.00
CA ASN D 248 -15.59 -27.20 36.43
C ASN D 248 -16.69 -27.95 35.80
N ASP D 249 -16.39 -28.76 34.80
CA ASP D 249 -17.39 -29.49 34.06
C ASP D 249 -18.16 -30.46 34.98
N LYS D 250 -19.46 -30.60 34.72
CA LYS D 250 -20.35 -31.47 35.49
C LYS D 250 -21.67 -31.51 34.77
N THR D 251 -22.73 -32.00 35.40
CA THR D 251 -24.02 -32.06 34.74
C THR D 251 -24.46 -30.65 34.39
N GLY D 252 -24.84 -30.48 33.13
CA GLY D 252 -25.22 -29.17 32.60
C GLY D 252 -26.69 -28.88 32.78
N SER D 253 -27.19 -27.95 31.96
CA SER D 253 -28.60 -27.54 32.02
C SER D 253 -29.01 -26.90 30.70
N CYS D 254 -30.28 -27.08 30.34
CA CYS D 254 -30.84 -26.52 29.15
C CYS D 254 -31.30 -25.05 29.30
N GLY D 255 -31.29 -24.54 30.54
CA GLY D 255 -31.40 -23.11 30.80
C GLY D 255 -30.10 -22.57 31.40
N PRO D 256 -30.12 -21.31 31.89
CA PRO D 256 -28.83 -20.75 32.37
C PRO D 256 -28.27 -21.44 33.62
N VAL D 257 -26.97 -21.71 33.60
CA VAL D 257 -26.28 -22.29 34.73
C VAL D 257 -25.75 -21.16 35.60
N SER D 258 -26.32 -20.99 36.80
CA SER D 258 -26.01 -19.85 37.60
C SER D 258 -24.61 -19.90 38.17
N SER D 259 -24.08 -21.11 38.42
CA SER D 259 -22.77 -21.19 38.99
C SER D 259 -21.73 -20.55 38.10
N ASN D 260 -21.02 -19.58 38.67
CA ASN D 260 -20.05 -18.73 37.98
C ASN D 260 -20.62 -17.99 36.79
N GLY D 261 -21.94 -17.74 36.84
CA GLY D 261 -22.65 -17.32 35.70
C GLY D 261 -22.51 -15.86 35.33
N ALA D 262 -22.29 -14.99 36.32
CA ALA D 262 -22.10 -13.56 36.06
C ALA D 262 -20.82 -13.41 35.22
N ASN D 263 -20.77 -12.36 34.42
CA ASN D 263 -19.61 -12.06 33.61
C ASN D 263 -19.57 -13.10 32.48
N GLY D 264 -18.51 -13.04 31.67
CA GLY D 264 -18.44 -13.91 30.53
C GLY D 264 -17.38 -13.45 29.51
N VAL D 265 -17.40 -14.08 28.38
CA VAL D 265 -16.50 -13.76 27.25
C VAL D 265 -17.30 -14.06 26.02
N LYS D 266 -17.12 -13.28 24.94
CA LYS D 266 -17.68 -13.63 23.64
C LYS D 266 -17.16 -14.95 23.17
N GLY D 267 -18.05 -15.76 22.65
CA GLY D 267 -17.69 -17.03 22.05
C GLY D 267 -18.67 -17.54 21.04
N PHE D 268 -18.47 -18.81 20.73
CA PHE D 268 -19.22 -19.43 19.67
C PHE D 268 -19.35 -20.95 19.90
N SER D 269 -20.29 -21.53 19.17
CA SER D 269 -20.35 -22.98 18.99
C SER D 269 -21.07 -23.32 17.70
N PHE D 270 -20.83 -24.50 17.15
CA PHE D 270 -21.55 -24.95 15.96
C PHE D 270 -22.42 -26.16 16.32
N LYS D 271 -23.70 -26.07 15.94
CA LYS D 271 -24.70 -27.16 16.08
C LYS D 271 -24.72 -28.10 14.91
N TYR D 272 -24.75 -29.40 15.21
CA TYR D 272 -24.82 -30.43 14.21
C TYR D 272 -25.79 -31.46 14.80
N GLY D 273 -27.04 -31.38 14.39
CA GLY D 273 -28.13 -32.10 15.08
C GLY D 273 -28.11 -31.85 16.57
N ASN D 274 -28.00 -32.94 17.35
CA ASN D 274 -27.97 -32.91 18.82
C ASN D 274 -26.54 -32.71 19.33
N GLY D 275 -25.55 -32.75 18.44
CA GLY D 275 -24.14 -32.54 18.90
C GLY D 275 -23.67 -31.09 18.74
N VAL D 276 -22.52 -30.80 19.34
CA VAL D 276 -21.99 -29.45 19.26
C VAL D 276 -20.45 -29.47 19.24
N TRP D 277 -19.86 -28.64 18.37
CA TRP D 277 -18.46 -28.22 18.53
C TRP D 277 -18.44 -26.95 19.36
N ILE D 278 -17.79 -27.04 20.53
CA ILE D 278 -17.64 -25.96 21.46
C ILE D 278 -16.20 -25.43 21.43
N GLY D 279 -16.04 -24.13 21.21
CA GLY D 279 -14.74 -23.49 21.52
C GLY D 279 -14.85 -22.78 22.83
N ARG D 280 -13.82 -22.85 23.67
CA ARG D 280 -13.84 -22.23 24.95
C ARG D 280 -12.42 -22.09 25.44
N THR D 281 -12.27 -21.29 26.46
CA THR D 281 -10.98 -21.06 27.17
C THR D 281 -10.61 -22.37 27.86
N LYS D 282 -9.32 -22.58 28.13
CA LYS D 282 -8.94 -23.76 28.93
C LYS D 282 -9.07 -23.47 30.42
N SER D 283 -8.82 -22.23 30.83
CA SER D 283 -9.06 -21.85 32.20
C SER D 283 -10.54 -21.62 32.50
N ILE D 284 -10.98 -22.06 33.68
CA ILE D 284 -12.34 -21.82 34.11
C ILE D 284 -12.60 -20.41 34.68
N SER D 285 -11.54 -19.70 35.03
CA SER D 285 -11.56 -18.45 35.72
C SER D 285 -10.98 -17.22 35.03
N SER D 286 -10.10 -17.39 34.04
CA SER D 286 -9.59 -16.25 33.26
C SER D 286 -9.41 -16.60 31.78
N ARG D 287 -9.08 -15.59 30.99
CA ARG D 287 -9.06 -15.80 29.55
C ARG D 287 -7.71 -16.35 29.13
N ASN D 288 -7.52 -17.63 29.42
CA ASN D 288 -6.30 -18.37 29.17
C ASN D 288 -6.61 -19.71 28.45
N GLY D 289 -5.82 -19.98 27.45
CA GLY D 289 -5.94 -21.16 26.61
C GLY D 289 -7.15 -21.07 25.69
N PHE D 290 -7.19 -22.05 24.83
CA PHE D 290 -8.31 -22.29 24.00
C PHE D 290 -8.29 -23.74 23.52
N GLU D 291 -9.47 -24.31 23.39
CA GLU D 291 -9.60 -25.68 22.88
C GLU D 291 -10.93 -25.77 22.16
N MET D 292 -11.03 -26.67 21.18
CA MET D 292 -12.25 -27.10 20.57
C MET D 292 -12.66 -28.51 21.02
N ILE D 293 -13.96 -28.70 21.26
CA ILE D 293 -14.50 -29.97 21.84
C ILE D 293 -15.73 -30.34 21.10
N TRP D 294 -15.74 -31.56 20.57
CA TRP D 294 -16.87 -32.12 19.87
C TRP D 294 -17.60 -32.97 20.90
N ASP D 295 -18.84 -32.57 21.20
CA ASP D 295 -19.66 -33.34 22.13
C ASP D 295 -20.89 -33.77 21.32
N PRO D 296 -20.95 -35.07 20.94
CA PRO D 296 -21.94 -35.51 19.98
C PRO D 296 -23.41 -35.44 20.48
N ASN D 297 -23.64 -35.24 21.79
CA ASN D 297 -25.01 -34.95 22.29
C ASN D 297 -25.10 -33.64 23.11
N GLY D 298 -24.09 -32.77 22.96
CA GLY D 298 -24.01 -31.61 23.84
C GLY D 298 -24.97 -30.46 23.61
N TRP D 299 -25.64 -30.43 22.46
CA TRP D 299 -26.59 -29.37 22.21
C TRP D 299 -27.76 -29.58 23.15
N THR D 300 -28.26 -30.82 23.19
CA THR D 300 -29.46 -31.17 24.00
C THR D 300 -29.24 -32.04 25.28
N GLY D 301 -28.08 -32.67 25.40
CA GLY D 301 -27.74 -33.50 26.54
C GLY D 301 -26.89 -32.76 27.57
N THR D 302 -27.15 -33.07 28.84
CA THR D 302 -26.57 -32.38 29.98
C THR D 302 -25.34 -33.08 30.60
N ASP D 303 -24.94 -34.23 30.10
CA ASP D 303 -23.76 -34.89 30.64
C ASP D 303 -22.51 -34.10 30.21
N ASN D 304 -21.41 -34.32 30.94
CA ASN D 304 -20.11 -33.73 30.61
C ASN D 304 -19.16 -34.73 29.89
N ASN D 305 -19.73 -35.71 29.20
CA ASN D 305 -18.95 -36.56 28.34
C ASN D 305 -18.84 -35.94 26.95
N PHE D 306 -17.66 -36.08 26.35
CA PHE D 306 -17.34 -35.59 25.01
C PHE D 306 -16.36 -36.57 24.35
N SER D 307 -16.16 -36.40 23.05
CA SER D 307 -15.50 -37.39 22.26
C SER D 307 -14.20 -36.91 21.58
N ILE D 308 -14.10 -35.62 21.18
CA ILE D 308 -12.83 -35.05 20.65
C ILE D 308 -12.50 -33.73 21.34
N LYS D 309 -11.22 -33.55 21.72
CA LYS D 309 -10.67 -32.27 22.18
C LYS D 309 -9.44 -31.96 21.31
N GLN D 310 -9.37 -30.74 20.76
CA GLN D 310 -8.23 -30.36 19.94
C GLN D 310 -7.69 -29.11 20.58
N ASP D 311 -6.41 -29.14 21.03
CA ASP D 311 -5.80 -27.95 21.62
C ASP D 311 -5.50 -26.84 20.56
N ILE D 312 -5.72 -25.59 20.96
CA ILE D 312 -5.53 -24.39 20.11
C ILE D 312 -4.58 -23.37 20.75
N VAL D 313 -4.76 -23.08 22.04
CA VAL D 313 -3.85 -22.23 22.77
C VAL D 313 -3.69 -22.90 24.12
N GLY D 314 -2.43 -22.95 24.59
CA GLY D 314 -2.07 -23.58 25.87
C GLY D 314 -2.60 -22.82 27.09
N ILE D 315 -2.90 -23.59 28.14
CA ILE D 315 -3.52 -23.05 29.34
C ILE D 315 -2.78 -21.89 30.00
N ASN D 316 -1.45 -21.83 29.91
CA ASN D 316 -0.72 -20.68 30.45
C ASN D 316 -0.57 -19.48 29.49
N GLU D 317 -1.25 -19.50 28.33
CA GLU D 317 -1.13 -18.43 27.35
C GLU D 317 -2.42 -17.62 27.30
N TRP D 318 -2.31 -16.34 26.99
CA TRP D 318 -3.50 -15.45 27.02
C TRP D 318 -4.40 -15.71 25.81
N SER D 319 -5.72 -15.81 26.02
CA SER D 319 -6.64 -15.92 24.95
C SER D 319 -7.58 -14.73 25.07
N GLY D 320 -8.86 -14.90 24.78
CA GLY D 320 -9.79 -13.74 24.77
C GLY D 320 -11.07 -14.15 24.04
N TYR D 321 -11.64 -13.20 23.30
CA TYR D 321 -12.83 -13.45 22.46
C TYR D 321 -12.57 -14.50 21.40
N SER D 322 -13.67 -15.14 20.99
CA SER D 322 -13.60 -16.00 19.86
C SER D 322 -14.90 -15.89 19.14
N GLY D 323 -14.87 -16.15 17.88
CA GLY D 323 -16.16 -16.10 17.13
C GLY D 323 -16.18 -16.99 15.91
N SER D 324 -17.35 -17.36 15.49
CA SER D 324 -17.53 -18.05 14.20
C SER D 324 -17.32 -17.15 12.98
N PHE D 325 -16.85 -17.77 11.91
CA PHE D 325 -17.07 -17.23 10.56
C PHE D 325 -17.21 -18.37 9.58
N VAL D 326 -17.92 -18.13 8.47
CA VAL D 326 -18.15 -19.17 7.47
C VAL D 326 -17.53 -18.84 6.14
N GLN D 327 -17.26 -19.90 5.39
CA GLN D 327 -16.98 -19.80 3.97
C GLN D 327 -18.11 -20.47 3.18
N HIS D 328 -18.84 -19.68 2.41
CA HIS D 328 -19.94 -20.19 1.61
C HIS D 328 -19.43 -20.95 0.37
N PRO D 329 -20.28 -21.85 -0.19
CA PRO D 329 -19.95 -22.52 -1.46
C PRO D 329 -19.52 -21.59 -2.59
N GLU D 330 -20.11 -20.40 -2.66
CA GLU D 330 -19.74 -19.41 -3.70
C GLU D 330 -18.23 -19.00 -3.64
N LEU D 331 -17.64 -19.08 -2.46
CA LEU D 331 -16.21 -18.80 -2.25
C LEU D 331 -15.31 -20.07 -2.44
N THR D 332 -15.77 -21.21 -1.93
CA THR D 332 -14.98 -22.42 -1.81
C THR D 332 -15.18 -23.46 -2.96
N GLY D 333 -16.32 -23.39 -3.66
CA GLY D 333 -16.70 -24.49 -4.57
C GLY D 333 -17.21 -25.76 -3.90
N LEU D 334 -17.32 -25.79 -2.57
CA LEU D 334 -17.87 -26.93 -1.85
C LEU D 334 -19.42 -26.98 -1.99
N ASP D 335 -20.04 -28.03 -1.47
CA ASP D 335 -21.52 -28.15 -1.56
C ASP D 335 -22.15 -27.86 -0.19
N CYS D 336 -21.40 -27.24 0.69
CA CYS D 336 -21.86 -26.98 2.04
C CYS D 336 -21.18 -25.71 2.53
N ILE D 337 -21.72 -25.16 3.61
CA ILE D 337 -21.16 -23.97 4.24
C ILE D 337 -20.06 -24.43 5.17
N ARG D 338 -18.84 -23.97 4.94
CA ARG D 338 -17.72 -24.37 5.80
C ARG D 338 -17.59 -23.53 7.09
N PRO D 339 -17.49 -24.17 8.27
CA PRO D 339 -17.33 -23.45 9.53
C PRO D 339 -15.87 -23.13 9.76
N CYS D 340 -15.61 -21.92 10.22
CA CYS D 340 -14.30 -21.51 10.62
C CYS D 340 -14.46 -20.78 11.92
N PHE D 341 -13.36 -20.45 12.56
CA PHE D 341 -13.42 -19.63 13.78
C PHE D 341 -12.14 -18.83 13.96
N TRP D 342 -12.23 -17.79 14.74
CA TRP D 342 -11.06 -16.97 15.07
C TRP D 342 -10.96 -16.90 16.61
N VAL D 343 -9.79 -16.55 17.09
CA VAL D 343 -9.60 -16.34 18.47
C VAL D 343 -8.79 -15.09 18.63
N GLU D 344 -9.28 -14.25 19.51
CA GLU D 344 -8.59 -12.99 19.90
C GLU D 344 -7.62 -13.28 21.05
N LEU D 345 -6.35 -12.91 20.89
CA LEU D 345 -5.39 -13.11 21.92
C LEU D 345 -5.08 -11.74 22.60
N ILE D 346 -5.66 -11.52 23.77
CA ILE D 346 -5.62 -10.23 24.41
C ILE D 346 -4.34 -10.06 25.18
N ARG D 347 -3.68 -8.94 25.02
CA ARG D 347 -2.50 -8.60 25.79
C ARG D 347 -2.66 -7.26 26.44
N GLY D 348 -2.02 -7.09 27.62
CA GLY D 348 -2.04 -5.86 28.37
C GLY D 348 -2.99 -5.88 29.54
N ARG D 349 -3.69 -4.77 29.78
CA ARG D 349 -4.62 -4.70 30.92
C ARG D 349 -5.82 -5.60 30.69
N PRO D 350 -6.42 -6.18 31.74
CA PRO D 350 -6.07 -5.90 33.14
C PRO D 350 -5.01 -6.87 33.69
N LYS D 351 -4.66 -7.92 32.94
CA LYS D 351 -3.83 -9.00 33.49
C LYS D 351 -2.34 -8.74 33.48
N GLU D 352 -1.88 -7.78 32.68
CA GLU D 352 -0.46 -7.47 32.56
C GLU D 352 -0.20 -6.03 32.88
N ASN D 353 1.05 -5.73 33.24
CA ASN D 353 1.43 -4.43 33.76
C ASN D 353 1.84 -3.45 32.67
N THR D 354 0.83 -3.03 31.93
CA THR D 354 0.97 -2.11 30.80
C THR D 354 0.02 -0.94 30.94
N ILE D 355 0.19 0.11 30.11
CA ILE D 355 -0.76 1.22 30.09
C ILE D 355 -1.89 0.92 29.11
N TRP D 356 -1.77 -0.18 28.35
CA TRP D 356 -2.61 -0.42 27.15
C TRP D 356 -3.18 -1.84 27.13
N THR D 357 -4.20 -2.07 26.26
CA THR D 357 -4.77 -3.37 26.00
C THR D 357 -4.90 -3.47 24.46
N SER D 358 -4.50 -4.61 23.90
CA SER D 358 -4.55 -4.81 22.48
C SER D 358 -4.46 -6.28 22.19
N GLY D 359 -4.90 -6.70 21.04
CA GLY D 359 -5.13 -8.10 20.74
C GLY D 359 -4.42 -8.52 19.44
N SER D 360 -3.93 -9.78 19.33
CA SER D 360 -3.68 -10.32 18.00
C SER D 360 -4.72 -11.40 17.69
N SER D 361 -4.56 -12.07 16.57
CA SER D 361 -5.54 -13.11 16.24
C SER D 361 -4.94 -14.30 15.59
N ILE D 362 -5.68 -15.39 15.71
CA ILE D 362 -5.44 -16.68 14.98
C ILE D 362 -6.80 -17.14 14.43
N SER D 363 -6.81 -17.94 13.36
CA SER D 363 -8.03 -18.48 12.82
C SER D 363 -7.78 -19.87 12.20
N PHE D 364 -8.85 -20.64 12.19
CA PHE D 364 -8.85 -22.05 11.90
C PHE D 364 -10.09 -22.34 11.01
N CYS D 365 -9.94 -23.22 10.05
CA CYS D 365 -11.12 -23.73 9.31
C CYS D 365 -11.37 -25.23 9.54
N GLY D 366 -12.64 -25.60 9.61
CA GLY D 366 -13.02 -27.01 9.76
C GLY D 366 -12.67 -27.80 8.53
N VAL D 367 -12.11 -29.00 8.76
CA VAL D 367 -11.80 -29.95 7.72
C VAL D 367 -12.12 -31.37 8.23
N ASN D 368 -12.13 -32.32 7.30
CA ASN D 368 -12.18 -33.73 7.62
C ASN D 368 -10.90 -34.48 7.30
N SER D 369 -9.82 -33.75 7.12
CA SER D 369 -8.55 -34.39 6.85
C SER D 369 -7.81 -34.28 8.17
N ASP D 370 -6.57 -34.75 8.19
CA ASP D 370 -5.85 -34.80 9.46
C ASP D 370 -5.47 -33.43 9.97
N THR D 371 -5.46 -33.31 11.29
CA THR D 371 -5.17 -32.05 12.00
C THR D 371 -4.40 -32.39 13.26
N VAL D 372 -3.91 -31.38 13.94
CA VAL D 372 -3.18 -31.60 15.17
C VAL D 372 -3.45 -30.50 16.16
N GLY D 373 -3.40 -30.85 17.43
CA GLY D 373 -3.46 -29.85 18.49
C GLY D 373 -2.11 -29.24 18.71
N TRP D 374 -2.09 -27.95 19.08
CA TRP D 374 -0.81 -27.33 19.47
C TRP D 374 -1.15 -26.06 20.22
N SER D 375 -0.20 -25.15 20.35
CA SER D 375 -0.50 -23.84 20.94
C SER D 375 0.06 -22.76 19.97
N TRP D 376 -0.82 -21.85 19.51
CA TRP D 376 -0.39 -20.72 18.70
C TRP D 376 -0.71 -19.41 19.43
N PRO D 377 0.12 -19.03 20.43
CA PRO D 377 -0.20 -17.91 21.32
C PRO D 377 0.24 -16.58 20.74
N ASP D 378 0.03 -15.50 21.46
CA ASP D 378 0.26 -14.18 20.86
C ASP D 378 1.78 -13.98 20.62
N GLY D 379 2.57 -14.29 21.63
CA GLY D 379 4.00 -14.30 21.49
C GLY D 379 4.76 -13.05 21.88
N ALA D 380 4.05 -11.95 22.13
CA ALA D 380 4.72 -10.70 22.42
C ALA D 380 5.35 -10.77 23.82
N GLU D 381 6.39 -9.97 24.03
CA GLU D 381 7.13 -9.86 25.33
C GLU D 381 6.74 -8.55 25.91
N LEU D 382 5.90 -8.60 26.96
CA LEU D 382 5.47 -7.40 27.70
C LEU D 382 6.27 -7.26 29.00
N PRO D 383 6.45 -6.05 29.53
CA PRO D 383 5.94 -4.80 28.96
C PRO D 383 6.68 -4.30 27.72
N PHE D 384 6.13 -3.26 27.09
CA PHE D 384 6.77 -2.61 25.96
C PHE D 384 7.48 -1.34 26.45
N THR D 385 8.30 -0.76 25.58
CA THR D 385 9.01 0.52 25.82
C THR D 385 8.11 1.63 26.39
N ILE D 386 6.87 1.71 25.89
CA ILE D 386 5.96 2.75 26.31
C ILE D 386 5.50 2.59 27.77
N ASP D 387 5.63 1.39 28.34
CA ASP D 387 5.11 1.09 29.66
C ASP D 387 6.09 1.54 30.76
C1 NAG E . 11.57 26.30 14.74
C2 NAG E . 12.81 26.00 15.56
C3 NAG E . 13.39 27.29 16.13
C4 NAG E . 13.62 28.26 15.00
C5 NAG E . 12.29 28.53 14.29
C6 NAG E . 12.39 29.52 13.14
C7 NAG E . 12.87 23.77 16.59
C8 NAG E . 12.45 22.91 17.75
N2 NAG E . 12.50 25.05 16.63
O3 NAG E . 14.61 26.96 16.81
O4 NAG E . 14.19 29.51 15.50
O5 NAG E . 11.79 27.29 13.74
O6 NAG E . 13.60 29.22 12.40
O7 NAG E . 13.49 23.29 15.63
C1 NAG E . 15.45 29.85 14.90
C2 NAG E . 15.68 31.35 14.99
C3 NAG E . 17.06 31.73 14.42
C4 NAG E . 18.15 30.83 14.98
C5 NAG E . 17.77 29.38 14.77
C6 NAG E . 18.89 28.45 15.21
C7 NAG E . 13.70 32.83 14.87
C8 NAG E . 12.70 33.53 13.98
N2 NAG E . 14.64 32.10 14.25
O3 NAG E . 17.30 33.09 14.70
O4 NAG E . 19.42 31.10 14.34
O5 NAG E . 16.53 29.12 15.48
O6 NAG E . 18.45 27.50 16.14
O7 NAG E . 13.70 32.92 16.09
C1 BMA E . 19.97 32.38 14.79
C2 BMA E . 21.45 32.21 15.06
C3 BMA E . 22.04 33.50 15.64
C4 BMA E . 21.76 34.68 14.72
C5 BMA E . 20.24 34.77 14.42
C6 BMA E . 19.96 35.89 13.40
O2 BMA E . 22.12 31.91 13.82
O3 BMA E . 23.47 33.32 15.78
O4 BMA E . 22.30 35.90 15.30
O5 BMA E . 19.71 33.51 13.91
O6 BMA E . 18.63 36.38 13.63
C1 FUC E . 13.75 29.58 11.00
C2 FUC E . 15.25 29.56 10.58
C3 FUC E . 15.89 28.20 10.53
C4 FUC E . 14.97 27.23 9.77
C5 FUC E . 13.52 27.33 10.27
C6 FUC E . 12.63 26.27 9.61
O2 FUC E . 16.05 30.29 11.51
O3 FUC E . 17.19 28.25 9.88
O4 FUC E . 15.11 27.46 8.34
O5 FUC E . 12.97 28.69 10.18
C1 NAG F . -1.19 7.73 31.11
C2 NAG F . 0.08 8.59 31.11
C3 NAG F . 0.34 9.21 32.48
C4 NAG F . -0.93 9.92 32.95
C5 NAG F . -2.13 8.96 32.91
C6 NAG F . -3.45 9.58 33.38
C7 NAG F . 1.63 8.05 29.33
C8 NAG F . 2.74 7.20 28.83
N2 NAG F . 1.20 7.82 30.58
O3 NAG F . 1.41 10.12 32.25
O4 NAG F . -0.83 10.42 34.31
O5 NAG F . -2.27 8.50 31.57
O6 NAG F . -3.84 10.66 32.54
O7 NAG F . 1.16 8.91 28.61
C1 NAG F . -1.12 11.83 34.40
C2 NAG F . -1.19 12.20 35.89
C3 NAG F . -1.27 13.71 36.14
C4 NAG F . -0.36 14.50 35.18
C5 NAG F . -0.37 13.96 33.76
C6 NAG F . 0.71 14.62 32.91
C7 NAG F . -2.03 10.20 37.05
C8 NAG F . -3.20 9.48 37.66
N2 NAG F . -2.26 11.43 36.54
O3 NAG F . -0.79 13.90 37.50
O4 NAG F . -0.65 15.90 35.07
O5 NAG F . -0.08 12.58 33.78
O6 NAG F . 1.81 15.05 33.69
O7 NAG F . -0.91 9.66 37.03
CA CA G . 25.54 -32.88 2.77
CA CA H . 33.01 -32.38 -16.28
C1 G39 I . 19.48 -24.68 7.74
O1A G39 I . 19.73 -23.43 7.65
O1B G39 I . 20.35 -25.55 7.50
C2 G39 I . 18.14 -25.18 8.10
C3 G39 I . 17.00 -24.18 8.18
C4 G39 I . 15.62 -24.80 7.93
C5 G39 I . 15.46 -26.06 8.79
N5 G39 I . 14.18 -26.66 8.52
C10 G39 I . 13.26 -26.78 9.45
O10 G39 I . 13.36 -26.39 10.57
C11 G39 I . 11.94 -27.40 8.96
C6 G39 I . 16.51 -27.07 8.43
C7 G39 I . 17.92 -26.48 8.32
O7 G39 I . 16.52 -28.15 9.38
C8 G39 I . 16.48 -29.44 8.71
C9 G39 I . 17.86 -29.93 8.16
C81 G39 I . 15.91 -30.47 9.65
C82 G39 I . 14.52 -30.16 10.12
C91 G39 I . 18.96 -29.96 9.22
N4 G39 I . 14.61 -23.79 8.25
C1 NAG J . 17.46 -12.39 24.05
C2 NAG J . 17.70 -11.41 25.16
C3 NAG J . 18.52 -12.05 26.27
C4 NAG J . 17.83 -13.35 26.72
C5 NAG J . 17.79 -14.27 25.50
C6 NAG J . 17.26 -15.65 25.83
C7 NAG J . 17.84 -9.13 24.27
C8 NAG J . 18.74 -8.05 23.76
N2 NAG J . 18.43 -10.26 24.64
O3 NAG J . 18.62 -11.08 27.32
O4 NAG J . 18.49 -13.97 27.85
O5 NAG J . 16.94 -13.66 24.49
O6 NAG J . 15.95 -15.52 26.39
O7 NAG J . 16.64 -8.96 24.29
C1 NAG K . -4.07 -32.34 -19.73
C2 NAG K . -3.91 -33.58 -20.63
C3 NAG K . -5.23 -33.88 -21.31
C4 NAG K . -6.18 -34.33 -20.22
C5 NAG K . -6.30 -33.21 -19.18
C6 NAG K . -7.00 -33.69 -17.91
C7 NAG K . -1.79 -34.22 -21.60
C8 NAG K . -0.81 -33.95 -22.71
N2 NAG K . -2.87 -33.44 -21.63
O3 NAG K . -5.10 -34.87 -22.33
O4 NAG K . -7.44 -34.69 -20.86
O5 NAG K . -5.02 -32.69 -18.71
O6 NAG K . -7.34 -32.54 -17.14
O7 NAG K . -1.60 -35.08 -20.74
C1 EDO L . 30.56 -5.67 -4.27
O1 EDO L . 30.64 -5.79 -5.78
C2 EDO L . 31.23 -4.44 -3.57
O2 EDO L . 30.42 -3.80 -2.48
CA CA M . 30.54 20.06 -20.04
CA CA N . 19.16 33.97 -29.65
C1 G39 O . 27.11 13.40 -11.76
O1A G39 O . 27.82 14.22 -12.44
O1B G39 O . 26.37 13.79 -10.82
C2 G39 O . 27.14 11.96 -12.10
C3 G39 O . 26.17 10.99 -11.45
C4 G39 O . 25.96 9.73 -12.31
C5 G39 O . 27.28 9.20 -12.82
N5 G39 O . 26.99 8.02 -13.60
C10 G39 O . 27.47 6.81 -13.29
O10 G39 O . 28.07 6.60 -12.30
C11 G39 O . 27.19 5.71 -14.29
C6 G39 O . 28.01 10.23 -13.71
C7 G39 O . 28.00 11.58 -13.02
O7 G39 O . 29.38 9.82 -13.93
C8 G39 O . 29.81 9.91 -15.34
C9 G39 O . 30.16 11.31 -15.81
C81 G39 O . 30.98 9.00 -15.58
C82 G39 O . 30.63 7.59 -15.22
C91 G39 O . 31.44 11.90 -15.28
N4 G39 O . 25.29 8.71 -11.55
C1 NAG P . -0.47 9.82 -37.11
C2 NAG P . -1.08 10.47 -38.35
C3 NAG P . -2.27 9.66 -38.89
C4 NAG P . -2.26 8.14 -38.54
C5 NAG P . -1.65 7.80 -37.17
C6 NAG P . -1.40 6.32 -36.98
C7 NAG P . -0.63 12.90 -38.02
C8 NAG P . -1.06 14.07 -37.17
N2 NAG P . -1.33 11.78 -37.77
O3 NAG P . -2.26 9.76 -40.32
O4 NAG P . -3.61 7.67 -38.53
O5 NAG P . -0.39 8.41 -37.11
O6 NAG P . -2.60 5.75 -36.49
O7 NAG P . 0.25 13.02 -38.86
C1 NAG Q . 31.18 5.77 6.07
C2 NAG Q . 31.87 4.48 6.60
C3 NAG Q . 33.40 4.45 6.39
C4 NAG Q . 33.57 4.64 4.89
C5 NAG Q . 33.05 6.06 4.64
C6 NAG Q . 33.41 6.59 3.29
C7 NAG Q . 30.66 3.15 8.25
C8 NAG Q . 30.30 3.05 9.68
N2 NAG Q . 31.44 4.22 7.97
O3 NAG Q . 34.01 3.22 6.76
O4 NAG Q . 34.90 4.35 4.38
O5 NAG Q . 31.61 5.99 4.73
O6 NAG Q . 32.87 7.91 3.21
O7 NAG Q . 30.20 2.34 7.41
C1 NAG R . 4.17 1.06 -37.74
C2 NAG R . 4.19 1.40 -39.22
C3 NAG R . 3.28 0.44 -39.97
C4 NAG R . 3.69 -0.99 -39.68
C5 NAG R . 3.71 -1.26 -38.17
C6 NAG R . 4.17 -2.67 -37.82
C7 NAG R . 4.48 3.73 -39.91
C8 NAG R . 3.80 5.05 -40.07
N2 NAG R . 3.71 2.75 -39.44
O3 NAG R . 3.34 0.70 -41.39
O4 NAG R . 2.77 -1.84 -40.40
O5 NAG R . 4.57 -0.30 -37.50
O6 NAG R . 5.61 -2.73 -37.91
O7 NAG R . 5.66 3.58 -40.17
CA CA S . -16.37 37.21 9.45
CA CA T . -35.61 31.20 12.87
C1 G39 U . -7.33 30.44 8.49
O1A G39 U . -8.12 31.37 8.82
O1B G39 U . -7.11 29.39 9.22
C2 G39 U . -6.71 30.60 7.16
C3 G39 U . -5.98 29.43 6.60
C4 G39 U . -5.91 29.43 5.07
C5 G39 U . -5.53 30.80 4.51
N5 G39 U . -5.55 30.74 3.05
C10 G39 U . -4.46 30.99 2.34
O10 G39 U . -3.37 31.22 2.78
C11 G39 U . -4.64 30.90 0.82
C6 G39 U . -6.50 31.85 4.96
C7 G39 U . -6.82 31.73 6.44
O7 G39 U . -6.00 33.19 4.66
C8 G39 U . -6.99 34.00 3.98
C9 G39 U . -8.10 34.59 4.90
C81 G39 U . -6.27 35.08 3.15
C82 G39 U . -5.30 34.55 2.12
C91 G39 U . -7.57 35.39 6.07
N4 G39 U . -4.95 28.40 4.67
C1 NAG V . -32.86 14.40 -14.53
C2 NAG V . -34.28 14.31 -15.10
C3 NAG V . -34.54 12.89 -15.67
C4 NAG V . -33.35 12.42 -16.52
C5 NAG V . -32.04 12.53 -15.74
C6 NAG V . -30.81 12.07 -16.53
C7 NAG V . -35.53 14.28 -12.87
C8 NAG V . -35.96 15.29 -11.84
N2 NAG V . -34.96 14.87 -13.95
O3 NAG V . -35.64 12.91 -16.55
O4 NAG V . -33.56 11.06 -16.90
O5 NAG V . -31.87 13.91 -15.42
O6 NAG V . -30.73 12.84 -17.74
O7 NAG V . -35.74 13.07 -12.71
C1 NAG W . -26.35 18.18 -20.69
C2 NAG W . -27.59 18.87 -21.28
C3 NAG W . -27.90 18.34 -22.68
C4 NAG W . -26.68 18.41 -23.59
C5 NAG W . -25.45 17.80 -22.87
C6 NAG W . -24.16 17.90 -23.67
C7 NAG W . -29.52 19.58 -19.98
C8 NAG W . -30.75 19.12 -19.25
N2 NAG W . -28.80 18.61 -20.51
O3 NAG W . -29.00 19.05 -23.28
O4 NAG W . -27.01 17.66 -24.77
O5 NAG W . -25.25 18.44 -21.58
O6 NAG W . -23.82 19.29 -23.74
O7 NAG W . -29.20 20.77 -20.07
C1 EDO X . -3.90 31.61 11.63
O1 EDO X . -4.96 31.68 10.71
C2 EDO X . -2.61 31.32 10.92
O2 EDO X . -2.50 31.88 9.59
CA CA Y . -21.59 -15.80 31.99
CA CA Z . -22.04 -35.20 25.98
C1 G39 AA . -15.19 -7.78 27.68
O1A G39 AA . -13.99 -7.94 27.26
O1B G39 AA . -15.75 -8.60 28.50
C2 G39 AA . -15.95 -6.64 27.10
C3 G39 AA . -15.39 -5.85 25.91
C4 G39 AA . -16.47 -5.20 25.02
C5 G39 AA . -17.52 -4.52 25.87
N5 G39 AA . -18.47 -3.95 24.96
C10 G39 AA . -18.75 -2.64 24.90
O10 G39 AA . -18.21 -1.83 25.55
C11 G39 AA . -19.89 -2.18 24.01
C6 G39 AA . -18.19 -5.54 26.80
C7 G39 AA . -17.17 -6.40 27.54
O7 G39 AA . -19.00 -4.88 27.78
C8 G39 AA . -20.36 -5.40 27.91
C9 G39 AA . -20.40 -6.67 28.78
C81 G39 AA . -21.27 -4.37 28.53
C82 G39 AA . -21.35 -3.13 27.71
C91 G39 AA . -19.88 -6.49 30.21
N4 G39 AA . -15.87 -4.25 24.07
C1 NAG BA . -34.74 -15.44 -2.64
C2 NAG BA . -35.96 -16.34 -2.70
C3 NAG BA . -36.63 -16.18 -4.04
C4 NAG BA . -36.85 -14.71 -4.38
C5 NAG BA . -35.60 -13.83 -4.11
C6 NAG BA . -35.89 -12.35 -4.20
C7 NAG BA . -35.90 -18.51 -1.53
C8 NAG BA . -35.27 -19.87 -1.52
N2 NAG BA . -35.50 -17.72 -2.52
O3 NAG BA . -37.89 -16.86 -4.04
O4 NAG BA . -37.22 -14.63 -5.76
O5 NAG BA . -35.13 -14.06 -2.77
O6 NAG BA . -36.64 -12.02 -3.01
O7 NAG BA . -36.69 -18.17 -0.69
#